data_8QMY
#
_entry.id   8QMY
#
_cell.length_a   68.047
_cell.length_b   98.016
_cell.length_c   238.665
_cell.angle_alpha   90.00
_cell.angle_beta   90.00
_cell.angle_gamma   90.00
#
_symmetry.space_group_name_H-M   'P 21 21 21'
#
loop_
_entity.id
_entity.type
_entity.pdbx_description
1 polymer 'ancestral L-galactono-1,4-lactone dehydrogenase'
2 non-polymer 'FLAVIN-ADENINE DINUCLEOTIDE'
3 non-polymer GLYCEROL
4 non-polymer DI(HYDROXYETHYL)ETHER
5 water water
#
_entity_poly.entity_id   1
_entity_poly.type   'polypeptide(L)'
_entity_poly.pdbx_seq_one_letter_code
;MYAPAAEDEHTITNWSGTHAVRPKRFFQPESVEELEKIVKEAHEKGQKIRPVGSGLSPNGLAFSEDGMVSLALMDKVLHV
DKEKKQVTVQAGARVQQVVDALRPHGLTLQNFASISEQQIGGFIQVGAHGTGARIPPVDEQVVSMKLVTPAKGTIELSEE
KDPELFRLARCGLGALGVVTEVTLQCVPRHKLLEHTFVATMKEVKKNHEKLLRENKHVRYMWIPYTDTVVVVTCNPLPEG
KKAPKVKPQYSEDEKLQPLRNLLREAAPPARAPEVAAPSSSETSPEVSGLSFTELRDALLAVDPLDTEWVKRVNQAEAEF
WKRSEGYRVGWSDEILGFDCGGQQWVSEVAFPAGTLEKPSAADLEYMEELMRLINKEGIPAPAPIEQRWTAGSSSPMSPA
YSPSPDSVFSWVGIIMYLPTEDEEQRKAITEAFRQYRKLCETRLWDKYGAAEHWAKIEVPEDPEELEALRERLRKRYPGV
DKFNKARRELDPKNILSNDMIDSLFPAAESA
;
_entity_poly.pdbx_strand_id   A,B,C
#
loop_
_chem_comp.id
_chem_comp.type
_chem_comp.name
_chem_comp.formula
FAD non-polymer 'FLAVIN-ADENINE DINUCLEOTIDE' 'C27 H33 N9 O15 P2'
GOL non-polymer GLYCEROL 'C3 H8 O3'
PEG non-polymer DI(HYDROXYETHYL)ETHER 'C4 H10 O3'
#
# COMPACT_ATOMS: atom_id res chain seq x y z
N GLU A 9 7.98 14.54 20.07
CA GLU A 9 7.05 14.05 19.00
C GLU A 9 7.87 13.37 17.89
N HIS A 10 8.91 14.04 17.38
CA HIS A 10 9.88 13.46 16.40
C HIS A 10 11.15 12.97 17.13
N THR A 11 10.99 12.41 18.33
CA THR A 11 11.99 11.52 18.97
C THR A 11 11.96 10.16 18.24
N ILE A 12 13.13 9.62 17.89
CA ILE A 12 13.29 8.25 17.33
C ILE A 12 13.86 7.39 18.45
N THR A 13 13.20 6.27 18.73
CA THR A 13 13.53 5.35 19.83
C THR A 13 13.71 3.95 19.26
N ASN A 14 14.58 3.16 19.87
CA ASN A 14 14.77 1.75 19.44
C ASN A 14 13.68 0.91 20.12
N TRP A 15 13.65 -0.35 19.73
CA TRP A 15 12.67 -1.40 20.13
C TRP A 15 12.55 -1.47 21.65
N SER A 16 13.66 -1.41 22.40
CA SER A 16 13.69 -1.69 23.86
C SER A 16 13.64 -0.38 24.68
N GLY A 17 13.61 0.79 24.02
CA GLY A 17 13.59 2.10 24.70
C GLY A 17 14.89 2.37 25.45
N THR A 18 15.99 1.78 25.04
CA THR A 18 17.31 1.93 25.69
C THR A 18 18.07 3.10 25.04
N HIS A 19 17.70 3.49 23.82
CA HIS A 19 18.34 4.64 23.13
C HIS A 19 17.25 5.43 22.43
N ALA A 20 17.41 6.74 22.40
CA ALA A 20 16.45 7.67 21.79
C ALA A 20 17.24 8.87 21.27
N VAL A 21 16.75 9.47 20.21
CA VAL A 21 17.42 10.67 19.64
C VAL A 21 16.34 11.57 19.06
N ARG A 22 16.56 12.86 19.11
CA ARG A 22 15.76 13.87 18.37
C ARG A 22 16.70 14.56 17.39
N PRO A 23 16.79 14.14 16.11
CA PRO A 23 17.75 14.76 15.21
C PRO A 23 17.37 16.21 14.89
N LYS A 24 18.32 17.14 14.86
CA LYS A 24 18.06 18.55 14.44
C LYS A 24 17.47 18.54 13.03
N ARG A 25 17.95 17.69 12.12
CA ARG A 25 17.42 17.60 10.73
C ARG A 25 17.10 16.14 10.41
N PHE A 26 15.94 15.90 9.81
CA PHE A 26 15.45 14.56 9.44
C PHE A 26 15.01 14.60 7.99
N PHE A 27 15.71 13.87 7.14
CA PHE A 27 15.45 13.88 5.68
C PHE A 27 14.78 12.57 5.30
N GLN A 28 13.75 12.65 4.48
CA GLN A 28 13.02 11.48 4.00
C GLN A 28 12.77 11.64 2.51
N PRO A 29 13.80 11.49 1.67
CA PRO A 29 13.62 11.64 0.22
C PRO A 29 12.71 10.57 -0.41
N GLU A 30 12.04 10.99 -1.49
CA GLU A 30 11.06 10.16 -2.23
C GLU A 30 11.71 9.61 -3.51
N SER A 31 12.89 10.09 -3.88
CA SER A 31 13.62 9.61 -5.09
C SER A 31 15.13 9.64 -4.84
N VAL A 32 15.86 8.93 -5.69
CA VAL A 32 17.34 8.95 -5.73
C VAL A 32 17.80 10.38 -6.00
N GLU A 33 17.16 11.08 -6.94
CA GLU A 33 17.57 12.45 -7.36
C GLU A 33 17.51 13.35 -6.13
N GLU A 34 16.44 13.24 -5.35
CA GLU A 34 16.29 14.05 -4.11
C GLU A 34 17.39 13.66 -3.11
N LEU A 35 17.67 12.36 -2.96
CA LEU A 35 18.76 11.90 -2.04
C LEU A 35 20.10 12.47 -2.49
N GLU A 36 20.42 12.37 -3.78
CA GLU A 36 21.71 12.86 -4.36
C GLU A 36 21.89 14.33 -3.99
N LYS A 37 20.81 15.11 -4.10
CA LYS A 37 20.83 16.56 -3.80
C LYS A 37 21.06 16.76 -2.30
N ILE A 38 20.41 15.96 -1.45
CA ILE A 38 20.59 16.06 0.03
C ILE A 38 22.07 15.79 0.36
N VAL A 39 22.66 14.75 -0.24
CA VAL A 39 24.04 14.32 0.13
C VAL A 39 25.06 15.37 -0.33
N LYS A 40 24.93 15.84 -1.59
CA LYS A 40 25.79 16.92 -2.15
C LYS A 40 25.75 18.14 -1.23
N GLU A 41 24.56 18.59 -0.85
CA GLU A 41 24.41 19.84 -0.06
C GLU A 41 24.90 19.60 1.35
N ALA A 42 24.62 18.44 1.95
CA ALA A 42 25.14 18.14 3.30
C ALA A 42 26.67 18.15 3.25
N HIS A 43 27.27 17.55 2.21
CA HIS A 43 28.74 17.49 2.05
C HIS A 43 29.32 18.92 1.93
N GLU A 44 28.74 19.73 1.05
CA GLU A 44 29.16 21.14 0.81
C GLU A 44 29.11 21.91 2.13
N LYS A 45 28.07 21.72 2.95
CA LYS A 45 27.89 22.48 4.21
C LYS A 45 28.58 21.77 5.39
N GLY A 46 29.10 20.55 5.20
CA GLY A 46 29.63 19.76 6.32
C GLY A 46 28.57 19.45 7.37
N GLN A 47 27.33 19.19 6.96
CA GLN A 47 26.23 18.82 7.89
C GLN A 47 26.07 17.30 7.95
N LYS A 48 25.95 16.78 9.17
CA LYS A 48 25.75 15.33 9.47
C LYS A 48 24.45 14.84 8.83
N ILE A 49 24.50 13.69 8.15
CA ILE A 49 23.30 12.96 7.62
C ILE A 49 23.52 11.46 7.87
N ARG A 50 23.32 11.01 9.09
CA ARG A 50 23.51 9.58 9.42
C ARG A 50 22.38 8.80 8.75
N PRO A 51 22.66 7.77 7.91
CA PRO A 51 21.60 6.94 7.36
C PRO A 51 20.90 6.17 8.49
N VAL A 52 19.58 6.09 8.41
CA VAL A 52 18.73 5.33 9.36
C VAL A 52 17.75 4.47 8.54
N GLY A 53 17.56 3.23 8.96
CA GLY A 53 16.47 2.39 8.46
C GLY A 53 15.26 2.50 9.35
N SER A 54 14.81 1.38 9.92
CA SER A 54 13.69 1.36 10.89
C SER A 54 14.13 1.89 12.24
N GLY A 55 15.42 2.11 12.45
CA GLY A 55 15.96 2.64 13.72
C GLY A 55 15.81 1.66 14.87
N LEU A 56 15.84 0.36 14.58
CA LEU A 56 15.53 -0.69 15.59
C LEU A 56 16.80 -1.27 16.21
N SER A 57 18.02 -0.95 15.73
CA SER A 57 19.26 -1.52 16.33
C SER A 57 19.23 -1.34 17.85
N PRO A 58 19.48 -2.41 18.63
CA PRO A 58 19.57 -2.29 20.09
C PRO A 58 20.54 -1.19 20.58
N ASN A 59 21.60 -0.89 19.82
CA ASN A 59 22.65 0.05 20.30
C ASN A 59 22.43 1.46 19.74
N GLY A 60 21.36 1.72 19.00
CA GLY A 60 21.11 3.02 18.32
C GLY A 60 22.22 3.45 17.38
N LEU A 61 22.78 2.50 16.63
CA LEU A 61 23.90 2.70 15.67
C LEU A 61 23.57 3.81 14.65
N ALA A 62 22.32 3.92 14.20
CA ALA A 62 21.88 4.89 13.17
C ALA A 62 21.61 6.27 13.76
N PHE A 63 21.69 6.46 15.08
CA PHE A 63 21.14 7.68 15.72
C PHE A 63 22.14 8.83 15.63
N SER A 64 21.66 10.03 15.32
CA SER A 64 22.45 11.28 15.36
C SER A 64 21.58 12.44 15.82
N GLU A 65 22.06 13.22 16.78
CA GLU A 65 21.39 14.46 17.23
C GLU A 65 21.47 15.50 16.11
N ASP A 66 22.40 15.36 15.15
CA ASP A 66 22.66 16.42 14.14
C ASP A 66 21.73 16.21 12.95
N GLY A 67 21.83 15.07 12.29
CA GLY A 67 21.07 14.84 11.04
C GLY A 67 20.96 13.36 10.74
N MET A 68 19.80 12.95 10.26
CA MET A 68 19.52 11.54 9.91
C MET A 68 18.77 11.54 8.59
N VAL A 69 19.10 10.59 7.70
CA VAL A 69 18.37 10.44 6.42
C VAL A 69 17.73 9.05 6.37
N SER A 70 16.41 9.02 6.14
CA SER A 70 15.57 7.80 6.03
C SER A 70 15.20 7.58 4.56
N LEU A 71 15.32 6.34 4.06
CA LEU A 71 14.85 5.97 2.71
C LEU A 71 13.51 5.20 2.79
N ALA A 72 12.76 5.34 3.88
CA ALA A 72 11.49 4.57 4.08
C ALA A 72 10.53 4.77 2.90
N LEU A 73 10.55 5.94 2.25
CA LEU A 73 9.63 6.25 1.12
C LEU A 73 10.15 5.63 -0.18
N MET A 74 11.37 5.10 -0.18
CA MET A 74 11.99 4.45 -1.35
C MET A 74 12.08 2.95 -1.05
N ASP A 75 11.01 2.22 -1.38
CA ASP A 75 10.73 0.87 -0.85
C ASP A 75 10.19 -0.01 -1.96
N LYS A 76 10.40 0.34 -3.22
CA LYS A 76 9.86 -0.44 -4.38
C LYS A 76 10.80 -1.59 -4.74
N VAL A 77 10.22 -2.71 -5.14
CA VAL A 77 10.94 -3.77 -5.87
C VAL A 77 11.15 -3.24 -7.30
N LEU A 78 12.39 -3.12 -7.75
CA LEU A 78 12.70 -2.52 -9.08
C LEU A 78 12.72 -3.62 -10.13
N HIS A 79 13.15 -4.83 -9.78
CA HIS A 79 13.39 -5.91 -10.77
C HIS A 79 13.44 -7.27 -10.08
N VAL A 80 12.83 -8.26 -10.72
CA VAL A 80 12.99 -9.69 -10.36
C VAL A 80 13.65 -10.36 -11.58
N ASP A 81 14.78 -11.01 -11.35
CA ASP A 81 15.48 -11.81 -12.38
C ASP A 81 15.11 -13.26 -12.12
N LYS A 82 14.09 -13.77 -12.83
CA LYS A 82 13.53 -15.13 -12.62
C LYS A 82 14.64 -16.15 -12.74
N GLU A 83 15.47 -16.05 -13.79
CA GLU A 83 16.48 -17.07 -14.14
C GLU A 83 17.57 -17.11 -13.06
N LYS A 84 18.06 -15.96 -12.61
CA LYS A 84 19.12 -15.87 -11.57
C LYS A 84 18.52 -15.90 -10.17
N LYS A 85 17.18 -15.89 -10.05
CA LYS A 85 16.48 -15.88 -8.73
C LYS A 85 16.98 -14.68 -7.91
N GLN A 86 17.01 -13.51 -8.53
CA GLN A 86 17.55 -12.30 -7.87
C GLN A 86 16.44 -11.26 -7.81
N VAL A 87 16.49 -10.44 -6.76
CA VAL A 87 15.57 -9.28 -6.65
C VAL A 87 16.43 -8.03 -6.49
N THR A 88 16.06 -6.97 -7.18
CA THR A 88 16.63 -5.62 -7.00
C THR A 88 15.57 -4.78 -6.31
N VAL A 89 15.87 -4.28 -5.13
CA VAL A 89 14.89 -3.57 -4.27
C VAL A 89 15.53 -2.26 -3.80
N GLN A 90 14.72 -1.22 -3.63
CA GLN A 90 15.17 0.02 -2.97
C GLN A 90 15.44 -0.31 -1.49
N ALA A 91 16.48 0.29 -0.90
CA ALA A 91 17.02 -0.12 0.42
C ALA A 91 16.06 0.26 1.54
N GLY A 92 15.10 1.14 1.28
CA GLY A 92 14.07 1.56 2.27
C GLY A 92 12.99 0.53 2.49
N ALA A 93 12.93 -0.54 1.68
CA ALA A 93 11.94 -1.62 1.83
C ALA A 93 12.23 -2.35 3.14
N ARG A 94 11.17 -2.66 3.90
CA ARG A 94 11.25 -3.57 5.08
C ARG A 94 11.39 -4.99 4.57
N VAL A 95 12.03 -5.86 5.34
CA VAL A 95 12.15 -7.30 4.99
C VAL A 95 10.74 -7.83 4.65
N GLN A 96 9.71 -7.46 5.43
CA GLN A 96 8.32 -7.95 5.23
C GLN A 96 7.81 -7.56 3.84
N GLN A 97 8.10 -6.33 3.41
CA GLN A 97 7.64 -5.81 2.10
C GLN A 97 8.30 -6.65 1.00
N VAL A 98 9.56 -7.02 1.20
CA VAL A 98 10.33 -7.78 0.17
C VAL A 98 9.71 -9.18 0.10
N VAL A 99 9.48 -9.81 1.26
CA VAL A 99 8.83 -11.14 1.39
C VAL A 99 7.49 -11.14 0.64
N ASP A 100 6.66 -10.14 0.90
CA ASP A 100 5.30 -10.00 0.29
C ASP A 100 5.46 -9.83 -1.23
N ALA A 101 6.38 -8.98 -1.68
CA ALA A 101 6.66 -8.76 -3.12
C ALA A 101 7.20 -10.03 -3.80
N LEU A 102 8.00 -10.86 -3.11
CA LEU A 102 8.61 -12.07 -3.73
C LEU A 102 7.61 -13.23 -3.79
N ARG A 103 6.58 -13.25 -2.94
CA ARG A 103 5.62 -14.36 -2.81
C ARG A 103 5.10 -14.76 -4.20
N PRO A 104 4.52 -13.84 -5.01
CA PRO A 104 4.00 -14.22 -6.33
C PRO A 104 5.07 -14.66 -7.33
N HIS A 105 6.36 -14.34 -7.10
CA HIS A 105 7.50 -14.78 -7.93
C HIS A 105 8.04 -16.12 -7.44
N GLY A 106 7.50 -16.72 -6.38
CA GLY A 106 7.97 -18.04 -5.90
C GLY A 106 9.35 -17.95 -5.27
N LEU A 107 9.73 -16.78 -4.77
CA LEU A 107 11.08 -16.54 -4.17
C LEU A 107 10.97 -16.14 -2.70
N THR A 108 12.06 -16.33 -1.96
CA THR A 108 12.21 -15.86 -0.56
C THR A 108 13.69 -15.53 -0.30
N LEU A 109 13.99 -15.01 0.89
CA LEU A 109 15.37 -14.67 1.28
C LEU A 109 16.03 -15.96 1.75
N GLN A 110 17.34 -16.05 1.57
CA GLN A 110 18.12 -17.23 2.00
C GLN A 110 17.99 -17.38 3.51
N ASN A 111 17.86 -16.26 4.22
CA ASN A 111 17.69 -16.31 5.69
C ASN A 111 17.08 -15.00 6.18
N PHE A 112 16.66 -15.01 7.43
CA PHE A 112 15.97 -13.90 8.13
C PHE A 112 16.69 -13.65 9.46
N ALA A 113 16.53 -12.45 9.98
CA ALA A 113 17.14 -12.04 11.26
C ALA A 113 16.02 -11.65 12.20
N SER A 114 15.17 -12.63 12.54
CA SER A 114 14.03 -12.50 13.48
C SER A 114 12.93 -11.55 13.06
N ILE A 115 13.19 -10.25 13.02
CA ILE A 115 12.11 -9.25 12.85
C ILE A 115 12.05 -8.77 11.39
N SER A 116 10.86 -8.78 10.82
CA SER A 116 10.60 -8.46 9.40
C SER A 116 10.42 -6.95 9.22
N GLU A 117 10.43 -6.16 10.31
CA GLU A 117 10.15 -4.70 10.25
C GLU A 117 11.43 -3.90 10.03
N GLN A 118 12.60 -4.56 10.03
CA GLN A 118 13.86 -3.85 9.70
C GLN A 118 13.92 -3.58 8.19
N GLN A 119 14.63 -2.55 7.78
CA GLN A 119 14.83 -2.23 6.35
C GLN A 119 16.00 -3.02 5.78
N ILE A 120 16.00 -3.23 4.47
CA ILE A 120 17.08 -3.95 3.75
C ILE A 120 18.42 -3.23 4.02
N GLY A 121 18.47 -1.90 3.98
CA GLY A 121 19.71 -1.15 4.26
C GLY A 121 20.26 -1.48 5.65
N GLY A 122 19.41 -1.43 6.66
CA GLY A 122 19.78 -1.69 8.06
C GLY A 122 20.19 -3.14 8.25
N PHE A 123 19.53 -4.04 7.53
CA PHE A 123 19.71 -5.51 7.55
C PHE A 123 21.14 -5.85 7.09
N ILE A 124 21.56 -5.30 5.94
CA ILE A 124 22.88 -5.65 5.36
C ILE A 124 23.98 -4.84 6.06
N GLN A 125 23.72 -3.61 6.48
CA GLN A 125 24.82 -2.67 6.86
C GLN A 125 25.47 -3.12 8.16
N VAL A 126 24.78 -3.95 8.94
CA VAL A 126 25.27 -4.45 10.26
C VAL A 126 25.73 -5.90 10.10
N GLY A 127 25.48 -6.52 8.94
CA GLY A 127 25.85 -7.94 8.78
C GLY A 127 24.95 -8.86 9.60
N ALA A 128 23.62 -8.62 9.57
CA ALA A 128 22.63 -9.40 10.35
C ALA A 128 22.63 -10.85 9.85
N HIS A 129 22.14 -11.74 10.67
CA HIS A 129 22.18 -13.20 10.39
C HIS A 129 20.97 -13.89 10.99
N GLY A 130 20.68 -15.07 10.44
CA GLY A 130 19.84 -16.09 11.08
C GLY A 130 20.66 -17.26 11.55
N THR A 131 20.15 -18.46 11.35
CA THR A 131 20.84 -19.70 11.78
C THR A 131 20.86 -20.64 10.58
N GLY A 132 21.77 -21.62 10.63
CA GLY A 132 22.07 -22.52 9.50
C GLY A 132 23.55 -22.53 9.21
N ALA A 133 24.21 -23.66 9.47
CA ALA A 133 25.68 -23.80 9.40
C ALA A 133 26.17 -23.57 7.96
N ARG A 134 25.32 -23.80 6.96
CA ARG A 134 25.71 -23.67 5.54
C ARG A 134 25.17 -22.36 4.97
N ILE A 135 24.63 -21.49 5.82
CA ILE A 135 24.03 -20.23 5.32
C ILE A 135 24.80 -19.05 5.91
N PRO A 136 25.33 -18.13 5.09
CA PRO A 136 26.09 -17.00 5.60
C PRO A 136 25.20 -15.91 6.18
N PRO A 137 25.79 -14.91 6.85
CA PRO A 137 25.04 -13.72 7.24
C PRO A 137 24.51 -13.04 5.98
N VAL A 138 23.57 -12.10 6.16
CA VAL A 138 22.73 -11.61 5.05
C VAL A 138 23.53 -10.67 4.15
N ASP A 139 24.64 -10.09 4.63
CA ASP A 139 25.52 -9.26 3.77
C ASP A 139 26.02 -10.10 2.58
N GLU A 140 26.19 -11.42 2.76
CA GLU A 140 26.59 -12.33 1.64
C GLU A 140 25.44 -12.57 0.65
N GLN A 141 24.19 -12.22 0.97
CA GLN A 141 23.08 -12.33 -0.01
C GLN A 141 23.24 -11.25 -1.08
N VAL A 142 24.01 -10.21 -0.82
CA VAL A 142 24.12 -9.02 -1.69
C VAL A 142 25.02 -9.37 -2.89
N VAL A 143 24.45 -9.23 -4.09
CA VAL A 143 25.14 -9.45 -5.40
C VAL A 143 25.64 -8.11 -5.92
N SER A 144 24.85 -7.06 -5.76
CA SER A 144 25.24 -5.69 -6.17
C SER A 144 24.42 -4.68 -5.39
N MET A 145 24.87 -3.43 -5.46
CA MET A 145 24.22 -2.33 -4.73
C MET A 145 24.58 -1.03 -5.41
N LYS A 146 23.82 0.01 -5.10
CA LYS A 146 24.14 1.39 -5.43
C LYS A 146 24.21 2.14 -4.10
N LEU A 147 25.13 3.09 -4.08
CA LEU A 147 25.60 3.82 -2.89
C LEU A 147 25.69 5.28 -3.32
N VAL A 148 24.98 6.19 -2.66
CA VAL A 148 25.23 7.65 -2.80
C VAL A 148 26.35 8.05 -1.82
N THR A 149 27.49 8.44 -2.36
CA THR A 149 28.71 8.80 -1.59
C THR A 149 28.88 10.31 -1.60
N PRO A 150 29.28 10.92 -0.47
CA PRO A 150 29.67 12.33 -0.46
C PRO A 150 30.74 12.68 -1.51
N ALA A 151 31.76 11.83 -1.70
CA ALA A 151 32.95 12.15 -2.54
C ALA A 151 32.69 11.89 -4.02
N LYS A 152 31.90 10.88 -4.39
CA LYS A 152 31.84 10.41 -5.80
C LYS A 152 30.41 10.37 -6.33
N GLY A 153 29.43 10.88 -5.59
CA GLY A 153 28.00 10.69 -5.95
C GLY A 153 27.65 9.21 -5.99
N THR A 154 26.68 8.85 -6.82
CA THR A 154 26.08 7.50 -6.88
C THR A 154 27.00 6.52 -7.59
N ILE A 155 27.41 5.45 -6.91
CA ILE A 155 28.29 4.44 -7.53
C ILE A 155 27.64 3.06 -7.42
N GLU A 156 27.96 2.19 -8.37
CA GLU A 156 27.50 0.78 -8.38
C GLU A 156 28.67 -0.10 -7.96
N LEU A 157 28.41 -1.08 -7.10
CA LEU A 157 29.43 -2.02 -6.57
C LEU A 157 28.87 -3.43 -6.70
N SER A 158 29.74 -4.40 -6.96
CA SER A 158 29.40 -5.83 -7.17
C SER A 158 30.70 -6.62 -7.21
N GLU A 159 30.64 -7.94 -7.38
CA GLU A 159 31.86 -8.80 -7.54
C GLU A 159 32.59 -8.37 -8.83
N GLU A 160 31.90 -7.75 -9.78
CA GLU A 160 32.47 -7.35 -11.09
C GLU A 160 32.79 -5.86 -11.12
N LYS A 161 32.30 -5.05 -10.18
CA LYS A 161 32.55 -3.58 -10.14
C LYS A 161 33.11 -3.19 -8.78
N ASP A 162 34.44 -3.08 -8.70
CA ASP A 162 35.22 -2.76 -7.47
C ASP A 162 34.82 -3.72 -6.35
N PRO A 163 35.06 -5.04 -6.53
CA PRO A 163 34.77 -6.05 -5.53
C PRO A 163 35.27 -5.72 -4.12
N GLU A 164 36.45 -5.14 -4.00
CA GLU A 164 37.05 -4.90 -2.67
C GLU A 164 36.19 -3.86 -1.94
N LEU A 165 35.81 -2.78 -2.62
CA LEU A 165 34.96 -1.71 -2.01
C LEU A 165 33.56 -2.28 -1.78
N PHE A 166 33.05 -3.09 -2.70
CA PHE A 166 31.72 -3.78 -2.61
C PHE A 166 31.63 -4.53 -1.28
N ARG A 167 32.60 -5.40 -0.99
CA ARG A 167 32.56 -6.29 0.18
C ARG A 167 32.68 -5.46 1.47
N LEU A 168 33.31 -4.30 1.41
CA LEU A 168 33.36 -3.36 2.57
C LEU A 168 32.02 -2.64 2.73
N ALA A 169 31.57 -1.98 1.66
CA ALA A 169 30.41 -1.07 1.64
C ALA A 169 29.09 -1.79 1.92
N ARG A 170 28.93 -3.05 1.50
CA ARG A 170 27.64 -3.75 1.68
C ARG A 170 27.39 -4.00 3.18
N CYS A 171 28.45 -4.06 3.99
CA CYS A 171 28.43 -4.25 5.47
C CYS A 171 29.21 -3.09 6.05
N GLY A 172 28.75 -1.87 5.78
CA GLY A 172 29.55 -0.65 5.99
C GLY A 172 29.07 0.24 7.13
N LEU A 173 28.11 -0.20 7.96
CA LEU A 173 27.70 0.52 9.19
C LEU A 173 27.20 1.92 8.87
N GLY A 174 26.64 2.10 7.67
CA GLY A 174 26.14 3.39 7.20
C GLY A 174 27.24 4.43 7.01
N ALA A 175 28.52 4.04 7.03
CA ALA A 175 29.64 4.99 7.13
C ALA A 175 30.27 5.28 5.76
N LEU A 176 29.88 4.56 4.70
CA LEU A 176 30.57 4.61 3.38
C LEU A 176 29.66 5.18 2.31
N GLY A 177 28.40 5.46 2.64
CA GLY A 177 27.41 5.96 1.67
C GLY A 177 26.01 5.55 2.04
N VAL A 178 25.05 6.23 1.42
CA VAL A 178 23.61 5.93 1.58
C VAL A 178 23.25 4.91 0.51
N VAL A 179 22.98 3.68 0.94
CA VAL A 179 22.57 2.59 0.01
C VAL A 179 21.18 2.93 -0.53
N THR A 180 21.00 2.93 -1.85
CA THR A 180 19.71 3.26 -2.50
C THR A 180 19.03 1.99 -2.98
N GLU A 181 19.82 0.98 -3.29
CA GLU A 181 19.39 -0.17 -4.10
C GLU A 181 20.31 -1.34 -3.77
N VAL A 182 19.73 -2.52 -3.66
CA VAL A 182 20.43 -3.77 -3.33
C VAL A 182 19.83 -4.83 -4.26
N THR A 183 20.68 -5.65 -4.85
CA THR A 183 20.27 -6.90 -5.53
C THR A 183 20.64 -8.05 -4.61
N LEU A 184 19.64 -8.83 -4.23
CA LEU A 184 19.80 -10.00 -3.32
C LEU A 184 19.65 -11.29 -4.11
N GLN A 185 20.49 -12.25 -3.79
CA GLN A 185 20.40 -13.66 -4.23
C GLN A 185 19.33 -14.34 -3.38
N CYS A 186 18.16 -14.56 -3.99
CA CYS A 186 17.02 -15.26 -3.37
C CYS A 186 17.17 -16.77 -3.59
N VAL A 187 16.32 -17.52 -2.90
CA VAL A 187 16.13 -18.98 -3.08
C VAL A 187 14.65 -19.19 -3.34
N PRO A 188 14.26 -20.37 -3.85
CA PRO A 188 12.83 -20.67 -4.06
C PRO A 188 12.05 -20.55 -2.74
N ARG A 189 10.86 -19.94 -2.79
CA ARG A 189 9.86 -19.95 -1.68
C ARG A 189 9.62 -21.41 -1.29
N HIS A 190 9.58 -21.72 0.00
CA HIS A 190 9.49 -23.13 0.47
C HIS A 190 8.97 -23.17 1.90
N LYS A 191 8.35 -24.29 2.24
CA LYS A 191 7.84 -24.56 3.61
C LYS A 191 8.96 -25.20 4.39
N LEU A 192 8.98 -24.95 5.70
CA LEU A 192 9.91 -25.62 6.63
C LEU A 192 9.09 -26.41 7.61
N LEU A 193 9.61 -27.58 7.97
CA LEU A 193 9.18 -28.37 9.14
C LEU A 193 10.06 -27.93 10.30
N GLU A 194 9.45 -27.35 11.34
CA GLU A 194 10.19 -26.94 12.55
C GLU A 194 9.93 -27.98 13.63
N HIS A 195 11.00 -28.54 14.20
CA HIS A 195 10.93 -29.50 15.33
C HIS A 195 11.47 -28.80 16.55
N THR A 196 10.68 -28.72 17.62
CA THR A 196 11.12 -28.22 18.93
C THR A 196 11.22 -29.41 19.86
N PHE A 197 12.33 -29.56 20.56
CA PHE A 197 12.47 -30.60 21.60
C PHE A 197 13.49 -30.15 22.62
N VAL A 198 13.44 -30.75 23.80
CA VAL A 198 14.39 -30.46 24.90
C VAL A 198 15.40 -31.58 24.96
N ALA A 199 16.60 -31.23 25.41
CA ALA A 199 17.73 -32.15 25.60
C ALA A 199 18.52 -31.63 26.78
N THR A 200 19.33 -32.49 27.40
CA THR A 200 20.35 -32.14 28.42
C THR A 200 21.63 -31.70 27.71
N MET A 201 22.58 -31.12 28.45
CA MET A 201 23.93 -30.81 27.91
C MET A 201 24.49 -32.09 27.26
N LYS A 202 24.40 -33.21 27.99
CA LYS A 202 25.03 -34.49 27.56
C LYS A 202 24.43 -34.92 26.22
N GLU A 203 23.10 -34.91 26.08
CA GLU A 203 22.44 -35.32 24.80
C GLU A 203 22.84 -34.35 23.69
N VAL A 204 22.91 -33.05 23.98
CA VAL A 204 23.29 -32.03 22.96
C VAL A 204 24.69 -32.37 22.42
N LYS A 205 25.67 -32.57 23.30
CA LYS A 205 27.08 -32.90 22.93
C LYS A 205 27.12 -34.14 22.03
N LYS A 206 26.37 -35.18 22.36
CA LYS A 206 26.40 -36.49 21.65
C LYS A 206 26.05 -36.26 20.17
N ASN A 207 24.99 -35.48 19.90
CA ASN A 207 24.37 -35.40 18.55
C ASN A 207 24.86 -34.16 17.78
N HIS A 208 25.62 -33.27 18.42
CA HIS A 208 25.82 -31.86 17.97
C HIS A 208 26.41 -31.77 16.54
N GLU A 209 27.57 -32.40 16.30
CA GLU A 209 28.33 -32.37 15.03
C GLU A 209 27.41 -32.75 13.85
N LYS A 210 26.68 -33.85 14.01
CA LYS A 210 25.78 -34.39 12.97
C LYS A 210 24.55 -33.48 12.84
N LEU A 211 23.97 -33.04 13.96
CA LEU A 211 22.75 -32.20 13.95
C LEU A 211 23.02 -30.96 13.10
N LEU A 212 24.17 -30.28 13.30
CA LEU A 212 24.51 -29.02 12.59
C LEU A 212 24.57 -29.26 11.09
N ARG A 213 25.10 -30.41 10.66
CA ARG A 213 25.40 -30.68 9.23
C ARG A 213 24.19 -31.34 8.57
N GLU A 214 23.29 -31.98 9.30
CA GLU A 214 22.15 -32.73 8.70
C GLU A 214 20.83 -31.94 8.76
N ASN A 215 20.81 -30.77 9.41
CA ASN A 215 19.62 -29.89 9.52
C ASN A 215 19.93 -28.53 8.88
N LYS A 216 19.04 -28.04 8.02
CA LYS A 216 19.25 -26.74 7.36
C LYS A 216 19.42 -25.66 8.44
N HIS A 217 18.53 -25.61 9.42
CA HIS A 217 18.54 -24.59 10.49
C HIS A 217 18.53 -25.27 11.83
N VAL A 218 19.45 -24.88 12.71
CA VAL A 218 19.52 -25.37 14.10
C VAL A 218 19.77 -24.17 15.00
N ARG A 219 19.00 -24.08 16.08
CA ARG A 219 19.14 -23.03 17.09
C ARG A 219 18.99 -23.74 18.43
N TYR A 220 19.83 -23.40 19.39
CA TYR A 220 19.69 -23.83 20.80
C TYR A 220 19.25 -22.64 21.64
N MET A 221 18.31 -22.89 22.54
CA MET A 221 17.95 -21.94 23.62
C MET A 221 18.38 -22.56 24.93
N TRP A 222 19.53 -22.12 25.45
CA TRP A 222 20.10 -22.58 26.74
C TRP A 222 19.36 -21.88 27.87
N ILE A 223 18.94 -22.66 28.87
CA ILE A 223 18.21 -22.12 30.04
C ILE A 223 19.15 -22.17 31.23
N PRO A 224 19.68 -21.01 31.65
CA PRO A 224 20.66 -20.96 32.74
C PRO A 224 20.03 -21.53 34.03
N TYR A 225 20.87 -22.15 34.87
CA TYR A 225 20.52 -22.76 36.16
C TYR A 225 19.59 -23.96 35.96
N THR A 226 19.59 -24.57 34.77
CA THR A 226 18.87 -25.83 34.49
C THR A 226 19.75 -26.68 33.56
N ASP A 227 19.38 -27.95 33.36
CA ASP A 227 20.05 -28.81 32.36
C ASP A 227 19.08 -29.02 31.21
N THR A 228 18.28 -28.00 30.90
CA THR A 228 17.40 -27.96 29.71
C THR A 228 18.04 -27.08 28.64
N VAL A 229 18.28 -27.68 27.47
CA VAL A 229 18.54 -26.95 26.21
C VAL A 229 17.34 -27.18 25.31
N VAL A 230 16.73 -26.12 24.81
CA VAL A 230 15.63 -26.24 23.82
C VAL A 230 16.28 -26.23 22.44
N VAL A 231 16.09 -27.30 21.69
CA VAL A 231 16.64 -27.46 20.32
C VAL A 231 15.51 -27.20 19.35
N VAL A 232 15.77 -26.35 18.36
CA VAL A 232 14.81 -26.05 17.28
C VAL A 232 15.52 -26.30 15.94
N THR A 233 15.02 -27.26 15.16
CA THR A 233 15.56 -27.56 13.82
C THR A 233 14.50 -27.23 12.79
N CYS A 234 14.90 -26.74 11.63
CA CYS A 234 13.98 -26.45 10.50
C CYS A 234 14.61 -27.07 9.25
N ASN A 235 13.79 -27.75 8.44
CA ASN A 235 14.22 -28.46 7.21
C ASN A 235 13.14 -28.27 6.17
N PRO A 236 13.56 -28.18 4.86
CA PRO A 236 12.49 -28.08 3.87
C PRO A 236 11.53 -29.22 3.92
N LEU A 237 10.27 -28.93 3.68
CA LEU A 237 9.27 -29.96 3.82
C LEU A 237 8.86 -30.50 2.50
N PRO A 238 9.01 -31.82 2.31
CA PRO A 238 8.53 -32.45 1.09
C PRO A 238 7.15 -31.96 0.66
N PRO A 248 1.45 -36.94 23.88
CA PRO A 248 0.70 -36.09 24.83
C PRO A 248 0.70 -34.58 24.50
N GLN A 249 -0.34 -34.10 23.81
CA GLN A 249 -0.50 -32.68 23.37
C GLN A 249 -0.96 -31.84 24.58
N TYR A 250 -0.28 -30.73 24.86
CA TYR A 250 -0.58 -29.80 25.97
C TYR A 250 -1.35 -28.60 25.43
N SER A 251 -2.44 -28.21 26.08
CA SER A 251 -3.15 -26.91 25.87
C SER A 251 -2.18 -25.76 26.17
N GLU A 252 -2.47 -24.57 25.66
CA GLU A 252 -1.74 -23.33 26.02
C GLU A 252 -1.80 -23.19 27.56
N ASP A 253 -2.98 -23.36 28.15
CA ASP A 253 -3.19 -23.25 29.63
C ASP A 253 -2.22 -24.21 30.33
N GLU A 254 -2.08 -25.43 29.85
CA GLU A 254 -1.18 -26.41 30.52
C GLU A 254 0.30 -26.02 30.27
N LYS A 255 0.68 -25.58 29.08
CA LYS A 255 2.07 -25.09 28.82
C LYS A 255 2.40 -23.92 29.75
N LEU A 256 1.46 -23.01 29.98
CA LEU A 256 1.71 -21.77 30.79
C LEU A 256 1.58 -22.06 32.29
N GLN A 257 0.95 -23.17 32.67
CA GLN A 257 0.70 -23.54 34.10
C GLN A 257 1.93 -23.33 34.98
N PRO A 258 3.14 -23.84 34.64
CA PRO A 258 4.29 -23.71 35.54
C PRO A 258 4.65 -22.24 35.81
N LEU A 259 4.52 -21.38 34.79
CA LEU A 259 4.81 -19.93 34.94
C LEU A 259 3.69 -19.25 35.74
N ARG A 260 2.42 -19.54 35.41
CA ARG A 260 1.25 -18.98 36.13
C ARG A 260 1.29 -19.41 37.60
N ASN A 261 1.58 -20.68 37.90
CA ASN A 261 1.65 -21.17 39.31
C ASN A 261 2.75 -20.40 40.05
N LEU A 262 3.93 -20.22 39.43
CA LEU A 262 5.09 -19.54 40.10
C LEU A 262 4.73 -18.07 40.34
N LEU A 263 3.98 -17.42 39.45
CA LEU A 263 3.63 -16.00 39.61
C LEU A 263 2.62 -15.82 40.76
N ARG A 264 1.70 -16.77 40.94
CA ARG A 264 0.70 -16.77 42.04
C ARG A 264 1.44 -16.85 43.38
N GLU A 265 2.48 -17.68 43.49
CA GLU A 265 3.35 -17.84 44.69
C GLU A 265 3.99 -16.52 45.13
N ALA A 266 4.30 -15.59 44.21
CA ALA A 266 4.93 -14.30 44.57
C ALA A 266 3.87 -13.25 44.87
N ALA A 267 4.16 -12.34 45.80
CA ALA A 267 3.28 -11.21 46.17
C ALA A 267 2.80 -10.52 44.90
N PRO A 268 1.48 -10.53 44.59
CA PRO A 268 0.93 -9.72 43.49
C PRO A 268 0.54 -8.31 43.95
N GLU A 286 -5.17 -9.34 34.97
CA GLU A 286 -5.56 -10.78 34.96
C GLU A 286 -4.36 -11.61 34.46
N VAL A 287 -3.75 -12.40 35.34
CA VAL A 287 -2.62 -13.34 35.04
C VAL A 287 -2.96 -14.11 33.75
N SER A 288 -4.21 -14.60 33.63
CA SER A 288 -4.65 -15.51 32.54
C SER A 288 -4.62 -14.81 31.18
N GLY A 289 -4.56 -13.48 31.12
CA GLY A 289 -4.51 -12.73 29.86
C GLY A 289 -3.10 -12.66 29.28
N LEU A 290 -2.07 -12.95 30.08
CA LEU A 290 -0.66 -12.69 29.70
C LEU A 290 -0.15 -13.80 28.76
N SER A 291 0.53 -13.40 27.70
CA SER A 291 1.31 -14.31 26.80
C SER A 291 2.46 -14.93 27.60
N PHE A 292 3.10 -15.94 27.05
CA PHE A 292 4.35 -16.53 27.58
C PHE A 292 5.36 -15.42 27.93
N THR A 293 5.61 -14.47 27.02
CA THR A 293 6.67 -13.44 27.17
C THR A 293 6.26 -12.44 28.26
N GLU A 294 4.97 -12.14 28.38
CA GLU A 294 4.44 -11.24 29.43
C GLU A 294 4.53 -11.93 30.80
N LEU A 295 4.35 -13.25 30.84
CA LEU A 295 4.47 -14.04 32.09
C LEU A 295 5.94 -14.00 32.56
N ARG A 296 6.91 -14.24 31.66
CA ARG A 296 8.36 -14.22 32.00
C ARG A 296 8.69 -12.81 32.51
N ASP A 297 8.19 -11.77 31.85
CA ASP A 297 8.44 -10.37 32.30
C ASP A 297 7.86 -10.17 33.71
N ALA A 298 6.59 -10.51 33.95
CA ALA A 298 5.91 -10.29 35.25
C ALA A 298 6.63 -11.09 36.35
N LEU A 299 7.12 -12.30 36.04
CA LEU A 299 7.90 -13.10 37.00
C LEU A 299 9.22 -12.39 37.34
N LEU A 300 9.97 -11.98 36.31
CA LEU A 300 11.31 -11.37 36.52
C LEU A 300 11.16 -10.04 37.29
N ALA A 301 10.07 -9.32 37.01
CA ALA A 301 9.74 -8.01 37.62
C ALA A 301 9.66 -8.15 39.15
N VAL A 302 9.33 -9.31 39.67
CA VAL A 302 9.23 -9.54 41.14
C VAL A 302 10.59 -9.27 41.80
N ASP A 303 11.69 -9.71 41.19
CA ASP A 303 13.04 -9.65 41.83
C ASP A 303 14.10 -10.00 40.78
N PRO A 304 14.31 -9.11 39.79
CA PRO A 304 15.02 -9.48 38.56
C PRO A 304 16.51 -9.78 38.78
N LEU A 305 17.07 -9.27 39.87
CA LEU A 305 18.53 -9.41 40.14
C LEU A 305 18.75 -10.38 41.31
N ASP A 306 17.71 -11.09 41.77
CA ASP A 306 17.87 -12.14 42.80
C ASP A 306 18.11 -13.47 42.11
N THR A 307 19.32 -14.04 42.23
CA THR A 307 19.74 -15.23 41.47
C THR A 307 18.89 -16.44 41.87
N GLU A 308 18.52 -16.57 43.16
CA GLU A 308 17.71 -17.73 43.60
C GLU A 308 16.29 -17.61 42.98
N TRP A 309 15.75 -16.41 42.89
CA TRP A 309 14.44 -16.18 42.23
C TRP A 309 14.57 -16.48 40.73
N VAL A 310 15.63 -15.97 40.09
CA VAL A 310 15.80 -16.17 38.62
C VAL A 310 15.91 -17.67 38.35
N LYS A 311 16.61 -18.42 39.21
CA LYS A 311 16.69 -19.89 39.13
C LYS A 311 15.27 -20.48 38.98
N ARG A 312 14.35 -20.03 39.85
CA ARG A 312 12.96 -20.55 39.91
C ARG A 312 12.23 -20.14 38.63
N VAL A 313 12.43 -18.91 38.17
CA VAL A 313 11.80 -18.43 36.89
C VAL A 313 12.31 -19.31 35.75
N ASN A 314 13.62 -19.56 35.69
CA ASN A 314 14.23 -20.34 34.60
C ASN A 314 13.72 -21.79 34.62
N GLN A 315 13.52 -22.36 35.81
CA GLN A 315 12.99 -23.75 36.01
C GLN A 315 11.56 -23.82 35.45
N ALA A 316 10.72 -22.83 35.76
CA ALA A 316 9.34 -22.75 35.24
C ALA A 316 9.38 -22.65 33.72
N GLU A 317 10.27 -21.80 33.18
CA GLU A 317 10.42 -21.62 31.71
C GLU A 317 10.83 -22.96 31.09
N ALA A 318 11.77 -23.68 31.70
CA ALA A 318 12.20 -25.00 31.18
C ALA A 318 10.98 -25.93 31.10
N GLU A 319 10.08 -25.90 32.07
CA GLU A 319 8.87 -26.77 32.10
C GLU A 319 7.95 -26.35 30.94
N PHE A 320 7.76 -25.05 30.71
CA PHE A 320 6.99 -24.54 29.54
C PHE A 320 7.56 -25.18 28.26
N TRP A 321 8.88 -25.17 28.09
CA TRP A 321 9.53 -25.64 26.83
C TRP A 321 9.40 -27.16 26.73
N LYS A 322 9.50 -27.88 27.85
CA LYS A 322 9.26 -29.35 27.85
C LYS A 322 7.83 -29.65 27.38
N ARG A 323 6.87 -28.80 27.71
CA ARG A 323 5.45 -28.99 27.32
C ARG A 323 5.22 -28.44 25.90
N SER A 324 6.27 -27.91 25.26
CA SER A 324 6.15 -27.23 23.93
C SER A 324 6.86 -28.06 22.87
N GLU A 325 7.22 -29.30 23.16
CA GLU A 325 7.88 -30.18 22.16
C GLU A 325 6.88 -30.45 21.04
N GLY A 326 7.35 -30.53 19.80
CA GLY A 326 6.43 -30.78 18.68
C GLY A 326 6.91 -30.18 17.38
N TYR A 327 6.01 -30.11 16.41
CA TYR A 327 6.31 -29.78 15.01
C TYR A 327 5.36 -28.67 14.59
N ARG A 328 5.84 -27.70 13.80
CA ARG A 328 5.03 -26.70 13.07
C ARG A 328 5.44 -26.79 11.61
N VAL A 329 4.56 -26.36 10.72
CA VAL A 329 4.86 -26.22 9.27
C VAL A 329 4.46 -24.80 8.90
N GLY A 330 5.30 -24.11 8.14
CA GLY A 330 5.00 -22.79 7.60
C GLY A 330 5.97 -22.45 6.49
N TRP A 331 5.67 -21.42 5.70
CA TRP A 331 6.62 -20.80 4.76
C TRP A 331 7.85 -20.36 5.60
N SER A 332 9.04 -20.46 5.03
CA SER A 332 10.33 -20.16 5.70
C SER A 332 10.28 -18.79 6.40
N ASP A 333 9.65 -17.77 5.80
CA ASP A 333 9.62 -16.42 6.40
C ASP A 333 8.83 -16.45 7.72
N GLU A 334 7.83 -17.31 7.83
CA GLU A 334 6.92 -17.37 9.00
C GLU A 334 7.65 -18.15 10.09
N ILE A 335 8.32 -19.23 9.69
CA ILE A 335 8.98 -20.17 10.64
C ILE A 335 10.28 -19.54 11.17
N LEU A 336 11.05 -18.85 10.34
CA LEU A 336 12.37 -18.28 10.76
C LEU A 336 12.17 -16.90 11.38
N GLY A 337 11.01 -16.27 11.21
CA GLY A 337 10.70 -14.89 11.67
C GLY A 337 10.00 -14.92 13.02
N PHE A 338 10.28 -13.92 13.86
CA PHE A 338 9.69 -13.82 15.21
C PHE A 338 9.25 -12.37 15.42
N ASP A 339 8.20 -12.18 16.19
CA ASP A 339 7.68 -10.81 16.45
C ASP A 339 8.41 -10.27 17.67
N CYS A 340 9.00 -11.16 18.46
CA CYS A 340 9.69 -10.77 19.72
C CYS A 340 8.73 -9.99 20.60
N GLY A 341 9.01 -8.71 20.83
CA GLY A 341 8.03 -7.93 21.59
C GLY A 341 8.57 -7.44 22.91
N GLY A 342 9.42 -8.21 23.60
CA GLY A 342 9.85 -7.69 24.92
C GLY A 342 10.75 -6.45 24.82
N GLN A 343 11.03 -5.78 25.94
CA GLN A 343 12.16 -4.82 26.06
C GLN A 343 13.30 -5.53 26.78
N GLN A 344 14.52 -5.35 26.31
CA GLN A 344 15.67 -6.16 26.77
C GLN A 344 17.00 -5.50 26.42
N TRP A 345 18.02 -5.90 27.17
CA TRP A 345 19.46 -5.76 26.84
C TRP A 345 19.91 -7.07 26.19
N VAL A 346 20.57 -6.97 25.04
CA VAL A 346 21.19 -8.15 24.38
C VAL A 346 22.65 -7.84 24.05
N SER A 347 23.46 -8.90 24.07
CA SER A 347 24.85 -8.91 23.57
C SER A 347 24.99 -10.20 22.79
N GLU A 348 25.45 -10.13 21.54
CA GLU A 348 25.63 -11.34 20.72
C GLU A 348 27.04 -11.27 20.12
N VAL A 349 27.76 -12.39 20.17
CA VAL A 349 29.12 -12.50 19.59
C VAL A 349 29.13 -13.65 18.60
N ALA A 350 29.86 -13.45 17.50
CA ALA A 350 30.28 -14.47 16.52
C ALA A 350 31.70 -14.94 16.86
N PHE A 351 31.93 -16.25 16.85
CA PHE A 351 33.29 -16.81 17.03
C PHE A 351 33.42 -18.08 16.18
N PRO A 352 34.65 -18.35 15.66
CA PRO A 352 34.85 -19.44 14.72
C PRO A 352 34.70 -20.79 15.44
N ALA A 353 34.05 -21.72 14.74
CA ALA A 353 33.85 -23.11 15.16
C ALA A 353 34.16 -24.01 13.96
N GLY A 354 35.39 -23.89 13.45
CA GLY A 354 35.92 -24.76 12.37
C GLY A 354 35.23 -24.53 11.05
N THR A 355 35.01 -25.63 10.31
CA THR A 355 34.52 -25.67 8.93
C THR A 355 33.54 -26.84 8.81
N LEU A 356 32.77 -26.89 7.72
CA LEU A 356 31.83 -28.01 7.45
C LEU A 356 32.65 -29.31 7.51
N GLU A 357 33.83 -29.35 6.87
CA GLU A 357 34.66 -30.59 6.76
C GLU A 357 35.47 -30.80 8.04
N LYS A 358 35.94 -29.75 8.73
CA LYS A 358 36.74 -29.93 9.97
C LYS A 358 35.99 -29.32 11.16
N PRO A 359 35.06 -30.07 11.77
CA PRO A 359 34.32 -29.62 12.95
C PRO A 359 35.23 -29.16 14.10
N SER A 360 34.78 -28.16 14.87
CA SER A 360 35.43 -27.70 16.13
C SER A 360 34.42 -27.85 17.28
N ALA A 361 34.92 -28.12 18.47
CA ALA A 361 34.13 -28.21 19.71
C ALA A 361 34.01 -26.83 20.37
N ALA A 362 34.61 -25.78 19.79
CA ALA A 362 34.67 -24.44 20.44
C ALA A 362 33.26 -23.93 20.79
N ASP A 363 32.25 -24.24 19.99
CA ASP A 363 30.85 -23.74 20.20
C ASP A 363 30.25 -24.34 21.48
N LEU A 364 30.39 -25.64 21.70
CA LEU A 364 29.90 -26.29 22.96
C LEU A 364 30.82 -25.90 24.12
N GLU A 365 32.13 -25.83 23.91
CA GLU A 365 33.08 -25.46 24.99
C GLU A 365 32.75 -24.04 25.46
N TYR A 366 32.41 -23.13 24.55
CA TYR A 366 32.06 -21.74 24.92
C TYR A 366 30.88 -21.79 25.89
N MET A 367 29.85 -22.58 25.57
CA MET A 367 28.58 -22.61 26.36
C MET A 367 28.89 -23.21 27.75
N GLU A 368 29.68 -24.28 27.78
CA GLU A 368 30.16 -24.91 29.03
C GLU A 368 30.80 -23.82 29.90
N GLU A 369 31.76 -23.08 29.36
CA GLU A 369 32.47 -22.05 30.17
C GLU A 369 31.52 -20.93 30.56
N LEU A 370 30.61 -20.55 29.66
CA LEU A 370 29.64 -19.46 29.96
C LEU A 370 28.72 -19.88 31.11
N MET A 371 28.15 -21.09 31.06
CA MET A 371 27.29 -21.62 32.16
C MET A 371 28.11 -21.66 33.45
N ARG A 372 29.37 -22.13 33.42
CA ARG A 372 30.26 -22.14 34.63
C ARG A 372 30.44 -20.70 35.15
N LEU A 373 30.73 -19.74 34.27
CA LEU A 373 30.92 -18.30 34.64
C LEU A 373 29.66 -17.75 35.32
N ILE A 374 28.47 -18.05 34.79
CA ILE A 374 27.19 -17.53 35.34
C ILE A 374 26.99 -18.08 36.76
N ASN A 375 27.17 -19.38 36.93
CA ASN A 375 27.04 -20.06 38.26
C ASN A 375 28.11 -19.52 39.21
N LYS A 376 29.39 -19.57 38.81
CA LYS A 376 30.54 -19.12 39.66
C LYS A 376 30.28 -17.71 40.16
N GLU A 377 29.79 -16.81 39.32
CA GLU A 377 29.69 -15.36 39.64
C GLU A 377 28.31 -15.02 40.19
N GLY A 378 27.38 -15.99 40.27
CA GLY A 378 26.00 -15.74 40.73
C GLY A 378 25.26 -14.72 39.86
N ILE A 379 25.42 -14.77 38.54
CA ILE A 379 24.73 -13.81 37.63
C ILE A 379 23.26 -14.20 37.56
N PRO A 380 22.33 -13.25 37.83
CA PRO A 380 20.90 -13.51 37.65
C PRO A 380 20.47 -13.54 36.18
N ALA A 381 21.02 -14.51 35.45
CA ALA A 381 20.89 -14.64 33.98
C ALA A 381 19.57 -15.34 33.65
N PRO A 382 18.61 -14.63 33.03
CA PRO A 382 17.36 -15.28 32.60
C PRO A 382 17.57 -15.99 31.25
N ALA A 383 16.52 -16.63 30.74
CA ALA A 383 16.57 -17.43 29.50
C ALA A 383 15.96 -16.64 28.34
N PRO A 384 16.29 -16.98 27.09
CA PRO A 384 17.36 -17.92 26.77
C PRO A 384 18.71 -17.27 26.46
N ILE A 385 19.76 -18.03 26.64
CA ILE A 385 21.05 -17.74 25.98
C ILE A 385 20.90 -18.43 24.63
N GLU A 386 20.79 -17.64 23.57
CA GLU A 386 20.43 -18.13 22.23
C GLU A 386 21.74 -18.44 21.48
N GLN A 387 21.83 -19.63 20.92
CA GLN A 387 23.01 -20.07 20.16
C GLN A 387 22.55 -20.41 18.74
N ARG A 388 23.22 -19.79 17.77
CA ARG A 388 22.95 -19.98 16.33
C ARG A 388 24.27 -20.22 15.61
N TRP A 389 24.19 -20.55 14.32
CA TRP A 389 25.37 -20.80 13.46
C TRP A 389 25.16 -20.15 12.11
N THR A 390 26.24 -19.65 11.54
CA THR A 390 26.28 -19.16 10.14
C THR A 390 27.52 -19.76 9.47
N ALA A 391 27.49 -19.80 8.14
CA ALA A 391 28.72 -19.86 7.32
C ALA A 391 29.50 -18.55 7.55
N GLY A 392 30.75 -18.55 7.16
CA GLY A 392 31.59 -17.34 7.09
C GLY A 392 31.04 -16.34 6.09
N SER A 393 31.45 -15.11 6.24
CA SER A 393 31.21 -14.03 5.27
C SER A 393 32.55 -13.58 4.70
N SER A 394 32.56 -13.18 3.44
CA SER A 394 33.71 -12.51 2.80
C SER A 394 33.68 -10.99 3.07
N SER A 395 32.66 -10.43 3.73
CA SER A 395 32.64 -8.99 4.07
C SER A 395 33.62 -8.76 5.22
N PRO A 396 34.70 -7.94 5.04
CA PRO A 396 35.71 -7.78 6.10
C PRO A 396 35.17 -7.23 7.42
N MET A 397 34.05 -6.49 7.43
CA MET A 397 33.48 -5.98 8.68
C MET A 397 32.49 -6.98 9.30
N SER A 398 32.19 -8.14 8.66
CA SER A 398 31.30 -9.15 9.27
C SER A 398 31.95 -9.65 10.54
N PRO A 399 31.21 -9.77 11.67
CA PRO A 399 31.72 -10.51 12.83
C PRO A 399 32.12 -11.93 12.47
N ALA A 400 31.51 -12.48 11.41
CA ALA A 400 31.81 -13.86 10.93
C ALA A 400 32.68 -13.81 9.66
N TYR A 401 33.50 -12.75 9.50
CA TYR A 401 34.47 -12.65 8.37
C TYR A 401 35.36 -13.88 8.39
N SER A 402 35.55 -14.52 7.25
CA SER A 402 36.53 -15.64 7.09
C SER A 402 37.02 -15.62 5.65
N PRO A 403 38.32 -15.88 5.40
CA PRO A 403 38.77 -16.13 4.04
C PRO A 403 38.15 -17.42 3.47
N SER A 404 37.63 -18.31 4.32
CA SER A 404 37.06 -19.61 3.88
C SER A 404 35.53 -19.54 3.76
N PRO A 405 34.94 -19.76 2.58
CA PRO A 405 33.48 -19.76 2.46
C PRO A 405 32.77 -20.84 3.31
N ASP A 406 33.43 -21.97 3.60
CA ASP A 406 32.81 -23.09 4.36
C ASP A 406 33.29 -23.13 5.81
N SER A 407 33.86 -22.03 6.32
CA SER A 407 33.93 -21.76 7.78
C SER A 407 32.52 -21.80 8.41
N VAL A 408 32.47 -22.16 9.69
CA VAL A 408 31.27 -22.16 10.53
C VAL A 408 31.57 -21.24 11.71
N PHE A 409 30.66 -20.33 11.96
CA PHE A 409 30.70 -19.43 13.15
C PHE A 409 29.51 -19.77 14.03
N SER A 410 29.79 -19.79 15.33
CA SER A 410 28.73 -19.84 16.35
C SER A 410 28.45 -18.41 16.81
N TRP A 411 27.17 -18.10 16.97
CA TRP A 411 26.69 -16.82 17.53
C TRP A 411 25.98 -17.11 18.85
N VAL A 412 26.43 -16.45 19.91
CA VAL A 412 25.85 -16.65 21.25
C VAL A 412 25.33 -15.30 21.76
N GLY A 413 24.03 -15.25 22.03
CA GLY A 413 23.34 -14.08 22.58
C GLY A 413 22.97 -14.29 24.05
N ILE A 414 23.40 -13.35 24.90
CA ILE A 414 22.97 -13.23 26.32
C ILE A 414 21.97 -12.10 26.41
N ILE A 415 21.13 -12.14 27.44
CA ILE A 415 19.94 -11.28 27.56
C ILE A 415 19.68 -11.00 29.03
N MET A 416 19.21 -9.80 29.31
CA MET A 416 18.43 -9.51 30.51
C MET A 416 17.23 -8.71 30.04
N TYR A 417 16.06 -8.98 30.61
CA TYR A 417 14.81 -8.31 30.24
C TYR A 417 14.71 -7.04 31.07
N LEU A 418 14.01 -6.07 30.52
CA LEU A 418 13.58 -4.81 31.19
C LEU A 418 12.06 -4.93 31.32
N PRO A 419 11.54 -5.65 32.34
CA PRO A 419 10.14 -6.06 32.35
C PRO A 419 9.13 -4.92 32.58
N THR A 420 9.59 -3.78 33.11
CA THR A 420 8.70 -2.63 33.46
C THR A 420 9.35 -1.32 33.01
N GLU A 421 8.56 -0.24 33.10
CA GLU A 421 9.01 1.14 32.84
C GLU A 421 9.55 1.75 34.15
N ASP A 422 9.58 1.00 35.26
CA ASP A 422 10.16 1.49 36.53
C ASP A 422 11.62 1.88 36.31
N GLU A 423 11.93 3.17 36.46
CA GLU A 423 13.24 3.77 36.06
C GLU A 423 14.35 3.17 36.93
N GLU A 424 14.09 2.99 38.22
CA GLU A 424 15.11 2.49 39.17
C GLU A 424 15.42 1.02 38.85
N GLN A 425 14.41 0.23 38.52
CA GLN A 425 14.62 -1.21 38.20
C GLN A 425 15.40 -1.31 36.87
N ARG A 426 15.02 -0.52 35.86
CA ARG A 426 15.72 -0.48 34.54
C ARG A 426 17.19 -0.13 34.78
N LYS A 427 17.45 0.89 35.61
CA LYS A 427 18.83 1.31 35.95
C LYS A 427 19.58 0.13 36.56
N ALA A 428 18.99 -0.56 37.56
CA ALA A 428 19.64 -1.69 38.25
C ALA A 428 19.96 -2.81 37.24
N ILE A 429 19.02 -3.13 36.36
CA ILE A 429 19.20 -4.25 35.37
C ILE A 429 20.25 -3.83 34.33
N THR A 430 20.21 -2.57 33.86
CA THR A 430 21.23 -2.01 32.92
C THR A 430 22.64 -2.25 33.49
N GLU A 431 22.85 -1.95 34.78
CA GLU A 431 24.18 -2.09 35.41
C GLU A 431 24.51 -3.57 35.52
N ALA A 432 23.54 -4.41 35.88
CA ALA A 432 23.75 -5.87 36.03
C ALA A 432 24.15 -6.45 34.66
N PHE A 433 23.49 -5.99 33.60
CA PHE A 433 23.76 -6.48 32.22
C PHE A 433 25.19 -6.07 31.84
N ARG A 434 25.57 -4.83 32.13
CA ARG A 434 26.95 -4.33 31.82
C ARG A 434 27.97 -5.26 32.47
N GLN A 435 27.75 -5.65 33.73
CA GLN A 435 28.71 -6.52 34.48
C GLN A 435 28.70 -7.94 33.89
N TYR A 436 27.51 -8.45 33.54
CA TYR A 436 27.32 -9.78 32.89
C TYR A 436 28.12 -9.77 31.58
N ARG A 437 27.91 -8.78 30.73
CA ARG A 437 28.61 -8.68 29.42
C ARG A 437 30.11 -8.54 29.65
N LYS A 438 30.53 -7.69 30.60
CA LYS A 438 31.96 -7.38 30.87
C LYS A 438 32.70 -8.67 31.27
N LEU A 439 32.08 -9.51 32.10
CA LEU A 439 32.68 -10.83 32.51
C LEU A 439 32.86 -11.72 31.28
N CYS A 440 31.88 -11.77 30.36
CA CYS A 440 32.04 -12.55 29.10
C CYS A 440 33.20 -11.96 28.30
N GLU A 441 33.27 -10.64 28.20
CA GLU A 441 34.29 -9.94 27.39
C GLU A 441 35.69 -10.29 27.94
N THR A 442 35.90 -10.18 29.25
CA THR A 442 37.24 -10.35 29.88
C THR A 442 37.61 -11.83 29.97
N ARG A 443 36.65 -12.72 30.21
CA ARG A 443 36.92 -14.17 30.44
C ARG A 443 36.88 -14.97 29.13
N LEU A 444 36.00 -14.64 28.18
CA LEU A 444 35.77 -15.58 27.04
C LEU A 444 36.14 -14.98 25.67
N TRP A 445 35.83 -13.72 25.40
CA TRP A 445 35.77 -13.25 23.99
C TRP A 445 37.15 -13.37 23.33
N ASP A 446 38.22 -12.89 23.96
CA ASP A 446 39.58 -12.94 23.36
C ASP A 446 39.97 -14.41 23.14
N LYS A 447 39.76 -15.26 24.14
CA LYS A 447 40.09 -16.71 24.09
C LYS A 447 39.45 -17.35 22.85
N TYR A 448 38.19 -17.02 22.53
CA TYR A 448 37.42 -17.68 21.45
C TYR A 448 37.50 -16.87 20.16
N GLY A 449 38.08 -15.68 20.18
CA GLY A 449 38.14 -14.81 19.00
C GLY A 449 36.77 -14.28 18.64
N ALA A 450 35.97 -13.94 19.66
CA ALA A 450 34.56 -13.53 19.55
C ALA A 450 34.47 -12.06 19.17
N ALA A 451 33.59 -11.74 18.23
CA ALA A 451 33.36 -10.36 17.75
C ALA A 451 31.89 -9.99 17.99
N GLU A 452 31.64 -8.80 18.51
CA GLU A 452 30.27 -8.35 18.85
C GLU A 452 29.50 -7.93 17.60
N HIS A 453 28.23 -8.32 17.55
CA HIS A 453 27.21 -7.81 16.58
C HIS A 453 27.24 -6.28 16.57
N TRP A 454 27.39 -5.70 15.40
CA TRP A 454 27.45 -4.23 15.17
C TRP A 454 26.18 -3.51 15.61
N ALA A 455 25.03 -4.18 15.68
CA ALA A 455 23.77 -3.55 16.14
C ALA A 455 23.63 -3.68 17.66
N LYS A 456 24.55 -4.37 18.36
CA LYS A 456 24.39 -4.64 19.81
C LYS A 456 25.56 -4.09 20.62
N ILE A 457 26.68 -3.81 19.98
CA ILE A 457 27.91 -3.27 20.65
C ILE A 457 27.62 -1.91 21.27
N GLU A 458 28.04 -1.72 22.53
CA GLU A 458 27.87 -0.43 23.25
C GLU A 458 29.25 0.22 23.41
N VAL A 459 29.32 1.52 23.23
CA VAL A 459 30.58 2.30 23.34
C VAL A 459 30.85 2.54 24.82
N PRO A 460 32.00 2.12 25.37
CA PRO A 460 32.37 2.49 26.73
C PRO A 460 32.59 4.00 26.88
N GLU A 461 32.25 4.56 28.03
CA GLU A 461 32.49 5.99 28.37
C GLU A 461 33.91 6.15 28.94
N ASP A 462 34.41 5.18 29.70
CA ASP A 462 35.79 5.20 30.27
C ASP A 462 36.83 5.27 29.15
N PRO A 463 37.69 6.33 29.10
CA PRO A 463 38.57 6.54 27.95
C PRO A 463 39.56 5.39 27.70
N GLU A 464 39.99 4.68 28.75
CA GLU A 464 40.94 3.55 28.65
C GLU A 464 40.19 2.35 28.03
N GLU A 465 38.98 2.07 28.51
CA GLU A 465 38.11 1.01 27.93
C GLU A 465 37.83 1.34 26.45
N LEU A 466 37.57 2.59 26.08
CA LEU A 466 37.33 2.99 24.67
C LEU A 466 38.59 2.70 23.84
N GLU A 467 39.77 3.08 24.35
CA GLU A 467 41.07 2.87 23.64
C GLU A 467 41.26 1.38 23.43
N ALA A 468 41.03 0.60 24.49
CA ALA A 468 41.17 -0.87 24.49
C ALA A 468 40.21 -1.47 23.47
N LEU A 469 38.95 -1.00 23.40
CA LEU A 469 37.95 -1.52 22.44
C LEU A 469 38.43 -1.18 21.02
N ARG A 470 38.90 0.04 20.75
CA ARG A 470 39.34 0.42 19.38
C ARG A 470 40.41 -0.57 18.87
N GLU A 471 41.34 -0.95 19.76
CA GLU A 471 42.46 -1.85 19.40
C GLU A 471 41.94 -3.28 19.25
N ARG A 472 41.04 -3.70 20.15
CA ARG A 472 40.35 -5.01 20.07
C ARG A 472 39.65 -5.12 18.70
N LEU A 473 38.97 -4.06 18.23
CA LEU A 473 38.26 -4.11 16.93
C LEU A 473 39.29 -4.32 15.81
N ARG A 474 40.45 -3.69 15.87
CA ARG A 474 41.51 -3.86 14.85
C ARG A 474 41.97 -5.33 14.87
N LYS A 475 42.04 -5.98 16.02
CA LYS A 475 42.40 -7.44 16.08
C LYS A 475 41.24 -8.32 15.59
N ARG A 476 40.00 -7.99 15.91
CA ARG A 476 38.80 -8.82 15.57
C ARG A 476 38.44 -8.64 14.09
N TYR A 477 38.84 -7.52 13.50
CA TYR A 477 38.43 -7.16 12.12
C TYR A 477 39.66 -6.75 11.32
N PRO A 478 40.16 -7.70 10.50
CA PRO A 478 41.36 -7.48 9.70
C PRO A 478 41.26 -6.23 8.82
N GLY A 479 40.04 -5.85 8.43
CA GLY A 479 39.80 -4.81 7.42
C GLY A 479 39.54 -3.45 8.03
N VAL A 480 39.76 -3.23 9.33
CA VAL A 480 39.40 -1.95 10.00
C VAL A 480 40.14 -0.79 9.33
N ASP A 481 41.45 -0.90 9.09
CA ASP A 481 42.23 0.18 8.45
C ASP A 481 41.72 0.44 7.02
N LYS A 482 41.38 -0.60 6.26
CA LYS A 482 40.80 -0.43 4.90
C LYS A 482 39.40 0.22 5.00
N PHE A 483 38.64 -0.07 6.05
CA PHE A 483 37.31 0.55 6.30
C PHE A 483 37.53 2.05 6.46
N ASN A 484 38.46 2.44 7.32
CA ASN A 484 38.76 3.88 7.55
C ASN A 484 39.30 4.52 6.26
N LYS A 485 40.14 3.81 5.50
CA LYS A 485 40.65 4.30 4.21
C LYS A 485 39.46 4.61 3.28
N ALA A 486 38.51 3.68 3.18
CA ALA A 486 37.31 3.86 2.33
C ALA A 486 36.49 5.03 2.88
N ARG A 487 36.41 5.19 4.20
CA ARG A 487 35.68 6.35 4.77
C ARG A 487 36.36 7.65 4.32
N ARG A 488 37.70 7.72 4.38
CA ARG A 488 38.45 8.94 3.94
C ARG A 488 38.18 9.19 2.46
N GLU A 489 38.12 8.14 1.64
CA GLU A 489 37.90 8.23 0.18
C GLU A 489 36.45 8.63 -0.14
N LEU A 490 35.43 8.04 0.52
CA LEU A 490 34.01 8.23 0.13
C LEU A 490 33.34 9.34 0.94
N ASP A 491 33.80 9.58 2.15
CA ASP A 491 33.17 10.53 3.11
C ASP A 491 34.27 11.35 3.79
N PRO A 492 35.07 12.12 3.02
CA PRO A 492 36.20 12.86 3.58
C PRO A 492 35.82 13.86 4.67
N LYS A 493 34.62 14.47 4.61
CA LYS A 493 34.17 15.42 5.67
C LYS A 493 33.45 14.68 6.78
N ASN A 494 33.34 13.35 6.69
CA ASN A 494 32.83 12.49 7.79
C ASN A 494 31.37 12.83 8.10
N ILE A 495 30.54 13.09 7.10
CA ILE A 495 29.13 13.50 7.32
C ILE A 495 28.24 12.27 7.60
N LEU A 496 28.69 11.05 7.29
CA LEU A 496 27.82 9.85 7.42
C LEU A 496 28.02 9.19 8.79
N SER A 497 29.00 9.65 9.57
CA SER A 497 29.39 9.03 10.85
C SER A 497 28.82 9.84 12.01
N ASN A 498 28.41 9.15 13.07
CA ASN A 498 27.92 9.72 14.36
C ASN A 498 29.02 9.47 15.40
N ASP A 499 28.76 9.84 16.66
CA ASP A 499 29.73 9.68 17.79
C ASP A 499 30.15 8.22 17.92
N MET A 500 29.21 7.29 17.76
CA MET A 500 29.51 5.84 17.91
C MET A 500 30.58 5.44 16.90
N ILE A 501 30.38 5.78 15.61
CA ILE A 501 31.35 5.41 14.55
C ILE A 501 32.70 6.08 14.86
N ASP A 502 32.70 7.37 15.21
CA ASP A 502 33.94 8.12 15.54
C ASP A 502 34.65 7.47 16.75
N SER A 503 33.90 7.02 17.75
CA SER A 503 34.46 6.40 18.97
C SER A 503 35.10 5.06 18.62
N LEU A 504 34.44 4.24 17.83
CA LEU A 504 34.94 2.89 17.49
C LEU A 504 36.09 2.98 16.48
N PHE A 505 36.03 3.91 15.53
CA PHE A 505 36.96 4.00 14.37
C PHE A 505 37.49 5.43 14.25
N PRO A 506 38.37 5.87 15.18
CA PRO A 506 38.88 7.24 15.15
C PRO A 506 39.77 7.52 13.93
N HIS B 10 15.09 -26.57 -26.64
CA HIS B 10 15.68 -25.40 -27.34
C HIS B 10 15.10 -24.10 -26.73
N THR B 11 15.93 -23.07 -26.60
CA THR B 11 15.55 -21.72 -26.14
C THR B 11 14.78 -21.01 -27.26
N ILE B 12 13.63 -20.40 -26.93
CA ILE B 12 12.87 -19.48 -27.84
C ILE B 12 13.13 -18.05 -27.37
N THR B 13 13.53 -17.19 -28.29
CA THR B 13 13.89 -15.77 -28.00
C THR B 13 13.04 -14.86 -28.90
N ASN B 14 12.71 -13.68 -28.40
CA ASN B 14 11.98 -12.68 -29.22
C ASN B 14 12.96 -11.92 -30.13
N TRP B 15 12.42 -11.06 -30.98
CA TRP B 15 13.12 -10.31 -32.05
C TRP B 15 14.31 -9.55 -31.46
N SER B 16 14.14 -8.94 -30.30
CA SER B 16 15.12 -7.98 -29.71
C SER B 16 16.00 -8.67 -28.67
N GLY B 17 15.80 -9.95 -28.38
CA GLY B 17 16.59 -10.68 -27.35
C GLY B 17 16.33 -10.17 -25.94
N THR B 18 15.20 -9.54 -25.69
CA THR B 18 14.82 -8.99 -24.36
C THR B 18 14.10 -10.05 -23.53
N HIS B 19 13.53 -11.08 -24.15
CA HIS B 19 12.89 -12.21 -23.42
C HIS B 19 13.30 -13.51 -24.11
N ALA B 20 13.49 -14.54 -23.32
CA ALA B 20 13.84 -15.89 -23.78
C ALA B 20 13.16 -16.91 -22.86
N VAL B 21 12.84 -18.07 -23.39
CA VAL B 21 12.22 -19.14 -22.57
C VAL B 21 12.67 -20.49 -23.13
N ARG B 22 12.79 -21.48 -22.25
CA ARG B 22 13.08 -22.88 -22.67
C ARG B 22 11.94 -23.74 -22.13
N PRO B 23 10.87 -24.01 -22.91
CA PRO B 23 9.70 -24.69 -22.36
C PRO B 23 10.03 -26.15 -22.02
N LYS B 24 9.59 -26.65 -20.87
CA LYS B 24 9.73 -28.09 -20.49
C LYS B 24 9.12 -28.96 -21.59
N ARG B 25 7.98 -28.56 -22.17
CA ARG B 25 7.36 -29.30 -23.30
C ARG B 25 7.06 -28.32 -24.44
N PHE B 26 7.39 -28.73 -25.66
CA PHE B 26 7.21 -27.94 -26.89
C PHE B 26 6.49 -28.82 -27.91
N PHE B 27 5.29 -28.45 -28.28
CA PHE B 27 4.46 -29.23 -29.20
C PHE B 27 4.39 -28.52 -30.53
N GLN B 28 4.50 -29.28 -31.61
CA GLN B 28 4.44 -28.73 -32.98
C GLN B 28 3.62 -29.66 -33.85
N PRO B 29 2.28 -29.67 -33.69
CA PRO B 29 1.43 -30.53 -34.50
C PRO B 29 1.39 -30.18 -35.99
N GLU B 30 1.18 -31.21 -36.82
CA GLU B 30 1.11 -31.11 -38.30
C GLU B 30 -0.34 -31.16 -38.77
N SER B 31 -1.30 -31.45 -37.88
CA SER B 31 -2.75 -31.45 -38.23
C SER B 31 -3.59 -30.97 -37.06
N VAL B 32 -4.83 -30.62 -37.36
CA VAL B 32 -5.86 -30.25 -36.34
C VAL B 32 -6.07 -31.45 -35.42
N GLU B 33 -6.17 -32.66 -35.98
CA GLU B 33 -6.43 -33.89 -35.19
C GLU B 33 -5.32 -34.03 -34.15
N GLU B 34 -4.08 -33.81 -34.55
CA GLU B 34 -2.92 -33.92 -33.61
C GLU B 34 -3.02 -32.80 -32.56
N LEU B 35 -3.40 -31.58 -32.95
CA LEU B 35 -3.58 -30.46 -31.99
C LEU B 35 -4.69 -30.81 -30.98
N GLU B 36 -5.83 -31.30 -31.47
CA GLU B 36 -7.00 -31.67 -30.62
C GLU B 36 -6.55 -32.66 -29.56
N LYS B 37 -5.71 -33.63 -29.95
CA LYS B 37 -5.20 -34.68 -29.05
C LYS B 37 -4.27 -34.03 -28.02
N ILE B 38 -3.41 -33.12 -28.45
CA ILE B 38 -2.48 -32.41 -27.51
C ILE B 38 -3.31 -31.63 -26.47
N VAL B 39 -4.35 -30.93 -26.90
CA VAL B 39 -5.15 -30.05 -25.99
C VAL B 39 -5.94 -30.93 -24.98
N LYS B 40 -6.59 -31.99 -25.47
CA LYS B 40 -7.31 -32.98 -24.63
C LYS B 40 -6.38 -33.55 -23.57
N GLU B 41 -5.18 -34.01 -23.96
CA GLU B 41 -4.25 -34.68 -23.00
C GLU B 41 -3.70 -33.63 -22.03
N ALA B 42 -3.36 -32.44 -22.53
CA ALA B 42 -2.87 -31.37 -21.63
C ALA B 42 -3.98 -31.01 -20.62
N HIS B 43 -5.21 -30.92 -21.08
CA HIS B 43 -6.38 -30.59 -20.21
C HIS B 43 -6.57 -31.69 -19.15
N GLU B 44 -6.59 -32.96 -19.57
CA GLU B 44 -6.69 -34.13 -18.64
C GLU B 44 -5.61 -34.03 -17.56
N LYS B 45 -4.37 -33.70 -17.92
CA LYS B 45 -3.21 -33.71 -17.00
C LYS B 45 -3.04 -32.34 -16.33
N GLY B 46 -3.81 -31.32 -16.73
CA GLY B 46 -3.59 -29.96 -16.22
C GLY B 46 -2.18 -29.44 -16.56
N GLN B 47 -1.67 -29.77 -17.75
CA GLN B 47 -0.34 -29.30 -18.21
C GLN B 47 -0.50 -28.06 -19.08
N LYS B 48 0.35 -27.05 -18.84
CA LYS B 48 0.41 -25.78 -19.61
C LYS B 48 0.73 -26.09 -21.06
N ILE B 49 -0.01 -25.48 -21.98
CA ILE B 49 0.27 -25.44 -23.44
C ILE B 49 -0.04 -24.01 -23.92
N ARG B 50 0.83 -23.06 -23.60
CA ARG B 50 0.65 -21.67 -24.05
C ARG B 50 0.82 -21.64 -25.58
N PRO B 51 -0.17 -21.14 -26.35
CA PRO B 51 0.00 -21.03 -27.79
C PRO B 51 1.09 -20.00 -28.10
N VAL B 52 1.89 -20.32 -29.12
CA VAL B 52 2.99 -19.43 -29.60
C VAL B 52 2.88 -19.39 -31.12
N GLY B 53 3.03 -18.20 -31.70
CA GLY B 53 3.23 -18.06 -33.15
C GLY B 53 4.73 -18.06 -33.45
N SER B 54 5.21 -16.99 -34.09
CA SER B 54 6.66 -16.80 -34.40
C SER B 54 7.42 -16.46 -33.13
N GLY B 55 6.73 -16.17 -32.02
CA GLY B 55 7.38 -15.85 -30.75
C GLY B 55 8.06 -14.51 -30.79
N LEU B 56 7.57 -13.56 -31.58
CA LEU B 56 8.32 -12.30 -31.81
C LEU B 56 7.83 -11.16 -30.90
N SER B 57 6.76 -11.33 -30.14
CA SER B 57 6.21 -10.22 -29.31
C SER B 57 7.33 -9.62 -28.46
N PRO B 58 7.51 -8.28 -28.50
CA PRO B 58 8.48 -7.62 -27.64
C PRO B 58 8.39 -8.01 -26.15
N ASN B 59 7.21 -8.33 -25.64
CA ASN B 59 7.02 -8.60 -24.19
C ASN B 59 7.05 -10.09 -23.86
N GLY B 60 7.30 -10.98 -24.83
CA GLY B 60 7.27 -12.44 -24.57
C GLY B 60 5.90 -12.98 -24.11
N LEU B 61 4.81 -12.39 -24.59
CA LEU B 61 3.39 -12.74 -24.28
C LEU B 61 3.12 -14.25 -24.41
N ALA B 62 3.68 -14.91 -25.42
CA ALA B 62 3.43 -16.34 -25.74
C ALA B 62 4.29 -17.28 -24.87
N PHE B 63 5.19 -16.76 -24.04
CA PHE B 63 6.27 -17.59 -23.46
C PHE B 63 5.75 -18.31 -22.20
N SER B 64 6.13 -19.57 -22.06
CA SER B 64 5.89 -20.39 -20.84
C SER B 64 7.06 -21.35 -20.63
N GLU B 65 7.58 -21.39 -19.41
CA GLU B 65 8.63 -22.37 -19.02
C GLU B 65 8.02 -23.78 -18.96
N ASP B 66 6.69 -23.88 -18.86
CA ASP B 66 6.02 -25.19 -18.63
C ASP B 66 5.75 -25.87 -19.96
N GLY B 67 5.02 -25.22 -20.86
CA GLY B 67 4.60 -25.82 -22.12
C GLY B 67 4.13 -24.79 -23.10
N MET B 68 4.50 -25.00 -24.35
CA MET B 68 4.13 -24.12 -25.47
C MET B 68 3.73 -24.98 -26.65
N VAL B 69 2.70 -24.55 -27.39
CA VAL B 69 2.27 -25.24 -28.64
C VAL B 69 2.43 -24.27 -29.80
N SER B 70 3.17 -24.70 -30.81
CA SER B 70 3.40 -23.97 -32.09
C SER B 70 2.56 -24.60 -33.19
N LEU B 71 1.89 -23.78 -33.99
CA LEU B 71 1.17 -24.25 -35.21
C LEU B 71 1.98 -23.90 -36.47
N ALA B 72 3.29 -23.70 -36.36
CA ALA B 72 4.14 -23.31 -37.52
C ALA B 72 3.99 -24.34 -38.65
N LEU B 73 3.79 -25.62 -38.34
CA LEU B 73 3.69 -26.68 -39.39
C LEU B 73 2.26 -26.72 -39.96
N MET B 74 1.32 -25.96 -39.39
CA MET B 74 -0.06 -25.87 -39.94
C MET B 74 -0.23 -24.47 -40.54
N ASP B 75 0.15 -24.33 -41.80
CA ASP B 75 0.45 -23.03 -42.43
C ASP B 75 -0.10 -22.99 -43.84
N LYS B 76 -1.06 -23.86 -44.19
CA LYS B 76 -1.60 -23.90 -45.57
C LYS B 76 -2.70 -22.85 -45.74
N VAL B 77 -2.70 -22.21 -46.89
CA VAL B 77 -3.87 -21.44 -47.40
C VAL B 77 -4.86 -22.51 -47.83
N LEU B 78 -6.04 -22.59 -47.21
CA LEU B 78 -6.99 -23.69 -47.46
C LEU B 78 -7.91 -23.32 -48.62
N HIS B 79 -8.27 -22.04 -48.74
CA HIS B 79 -9.19 -21.60 -49.81
C HIS B 79 -9.09 -20.10 -50.01
N VAL B 80 -9.16 -19.68 -51.27
CA VAL B 80 -9.34 -18.27 -51.67
C VAL B 80 -10.70 -18.14 -52.33
N ASP B 81 -11.54 -17.27 -51.80
CA ASP B 81 -12.89 -16.99 -52.32
C ASP B 81 -12.81 -15.69 -53.11
N LYS B 82 -12.66 -15.82 -54.43
CA LYS B 82 -12.53 -14.69 -55.39
C LYS B 82 -13.70 -13.72 -55.20
N GLU B 83 -14.93 -14.25 -55.15
CA GLU B 83 -16.18 -13.43 -55.17
C GLU B 83 -16.26 -12.59 -53.89
N LYS B 84 -16.01 -13.20 -52.72
CA LYS B 84 -16.10 -12.48 -51.42
C LYS B 84 -14.76 -11.82 -51.07
N LYS B 85 -13.72 -12.04 -51.90
CA LYS B 85 -12.34 -11.52 -51.64
C LYS B 85 -11.90 -11.97 -50.24
N GLN B 86 -12.06 -13.26 -49.94
CA GLN B 86 -11.73 -13.81 -48.61
C GLN B 86 -10.67 -14.90 -48.78
N VAL B 87 -9.87 -15.09 -47.75
CA VAL B 87 -8.91 -16.22 -47.69
C VAL B 87 -9.16 -16.96 -46.39
N THR B 88 -9.14 -18.27 -46.46
CA THR B 88 -9.17 -19.15 -45.28
C THR B 88 -7.78 -19.79 -45.18
N VAL B 89 -7.13 -19.58 -44.04
CA VAL B 89 -5.71 -19.96 -43.86
C VAL B 89 -5.62 -20.67 -42.51
N GLN B 90 -4.73 -21.64 -42.40
CA GLN B 90 -4.33 -22.19 -41.08
C GLN B 90 -3.56 -21.08 -40.34
N ALA B 91 -3.73 -20.98 -39.03
CA ALA B 91 -3.27 -19.82 -38.24
C ALA B 91 -1.74 -19.85 -38.10
N GLY B 92 -1.08 -20.97 -38.39
CA GLY B 92 0.38 -21.05 -38.30
C GLY B 92 1.10 -20.40 -39.47
N ALA B 93 0.34 -19.98 -40.47
CA ALA B 93 0.91 -19.31 -41.64
C ALA B 93 1.46 -17.95 -41.25
N ARG B 94 2.61 -17.58 -41.79
CA ARG B 94 3.14 -16.21 -41.57
C ARG B 94 2.46 -15.24 -42.52
N VAL B 95 2.37 -13.97 -42.15
CA VAL B 95 1.76 -12.94 -43.04
C VAL B 95 2.38 -13.03 -44.44
N GLN B 96 3.70 -13.20 -44.51
CA GLN B 96 4.42 -13.26 -45.82
C GLN B 96 3.86 -14.42 -46.68
N GLN B 97 3.61 -15.57 -46.06
CA GLN B 97 3.12 -16.78 -46.77
C GLN B 97 1.73 -16.44 -47.34
N VAL B 98 0.93 -15.72 -46.57
CA VAL B 98 -0.46 -15.38 -46.99
C VAL B 98 -0.37 -14.40 -48.16
N VAL B 99 0.48 -13.38 -48.03
CA VAL B 99 0.73 -12.35 -49.07
C VAL B 99 1.14 -13.05 -50.38
N ASP B 100 2.11 -13.96 -50.30
CA ASP B 100 2.65 -14.70 -51.49
C ASP B 100 1.53 -15.54 -52.12
N ALA B 101 0.76 -16.28 -51.31
CA ALA B 101 -0.41 -17.07 -51.78
C ALA B 101 -1.48 -16.18 -52.43
N LEU B 102 -1.72 -14.95 -51.93
CA LEU B 102 -2.82 -14.09 -52.45
C LEU B 102 -2.42 -13.39 -53.77
N ARG B 103 -1.13 -13.19 -54.00
CA ARG B 103 -0.60 -12.40 -55.14
C ARG B 103 -1.25 -12.87 -56.43
N PRO B 104 -1.20 -14.17 -56.83
CA PRO B 104 -1.77 -14.59 -58.11
C PRO B 104 -3.31 -14.49 -58.16
N HIS B 105 -3.98 -14.36 -57.01
CA HIS B 105 -5.45 -14.15 -56.95
C HIS B 105 -5.79 -12.66 -56.97
N GLY B 106 -4.81 -11.77 -57.06
CA GLY B 106 -5.09 -10.32 -57.14
C GLY B 106 -5.61 -9.76 -55.82
N LEU B 107 -5.27 -10.40 -54.70
CA LEU B 107 -5.75 -9.98 -53.36
C LEU B 107 -4.56 -9.63 -52.45
N THR B 108 -4.84 -8.87 -51.38
CA THR B 108 -3.86 -8.51 -50.33
C THR B 108 -4.61 -8.30 -49.01
N LEU B 109 -3.87 -8.09 -47.92
CA LEU B 109 -4.48 -7.80 -46.61
C LEU B 109 -4.88 -6.34 -46.58
N GLN B 110 -5.91 -6.02 -45.82
CA GLN B 110 -6.38 -4.63 -45.65
C GLN B 110 -5.26 -3.79 -45.04
N ASN B 111 -4.43 -4.38 -44.21
CA ASN B 111 -3.29 -3.66 -43.59
C ASN B 111 -2.26 -4.66 -43.08
N PHE B 112 -1.10 -4.13 -42.75
CA PHE B 112 0.10 -4.87 -42.30
C PHE B 112 0.62 -4.23 -41.02
N ALA B 113 1.32 -5.04 -40.24
CA ALA B 113 1.89 -4.58 -38.97
C ALA B 113 3.42 -4.65 -39.07
N SER B 114 4.01 -3.90 -40.00
CA SER B 114 5.48 -3.86 -40.22
C SER B 114 6.07 -5.22 -40.62
N ILE B 115 6.22 -6.16 -39.70
CA ILE B 115 6.93 -7.44 -40.02
C ILE B 115 6.02 -8.53 -40.60
N SER B 116 6.46 -9.19 -41.67
CA SER B 116 5.67 -10.22 -42.38
C SER B 116 5.98 -11.60 -41.80
N GLU B 117 6.92 -11.71 -40.86
CA GLU B 117 7.38 -13.03 -40.32
C GLU B 117 6.52 -13.45 -39.13
N GLN B 118 5.62 -12.60 -38.66
CA GLN B 118 4.62 -12.98 -37.64
C GLN B 118 3.61 -13.98 -38.21
N GLN B 119 3.05 -14.83 -37.37
CA GLN B 119 1.99 -15.77 -37.81
C GLN B 119 0.62 -15.10 -37.71
N ILE B 120 -0.34 -15.59 -38.49
CA ILE B 120 -1.73 -15.06 -38.48
C ILE B 120 -2.33 -15.14 -37.06
N GLY B 121 -2.12 -16.24 -36.33
CA GLY B 121 -2.60 -16.37 -34.95
C GLY B 121 -2.05 -15.25 -34.06
N GLY B 122 -0.73 -15.04 -34.10
CA GLY B 122 -0.03 -14.04 -33.28
C GLY B 122 -0.49 -12.63 -33.65
N PHE B 123 -0.76 -12.43 -34.93
CA PHE B 123 -1.16 -11.15 -35.57
C PHE B 123 -2.53 -10.71 -35.00
N ILE B 124 -3.51 -11.63 -35.02
CA ILE B 124 -4.91 -11.28 -34.61
C ILE B 124 -5.00 -11.32 -33.08
N GLN B 125 -4.27 -12.19 -32.39
CA GLN B 125 -4.56 -12.48 -30.95
C GLN B 125 -4.16 -11.27 -30.09
N VAL B 126 -3.31 -10.39 -30.62
CA VAL B 126 -2.84 -9.18 -29.89
C VAL B 126 -3.55 -7.94 -30.42
N GLY B 127 -4.34 -8.08 -31.50
CA GLY B 127 -4.98 -6.91 -32.09
C GLY B 127 -4.00 -5.96 -32.77
N ALA B 128 -3.07 -6.51 -33.56
CA ALA B 128 -2.00 -5.75 -34.24
C ALA B 128 -2.62 -4.81 -35.25
N HIS B 129 -1.86 -3.81 -35.66
CA HIS B 129 -2.36 -2.73 -36.52
C HIS B 129 -1.26 -2.18 -37.40
N GLY B 130 -1.69 -1.53 -38.49
CA GLY B 130 -0.87 -0.62 -39.27
C GLY B 130 -1.33 0.81 -39.10
N THR B 131 -1.31 1.57 -40.19
CA THR B 131 -1.81 2.97 -40.16
C THR B 131 -2.94 3.13 -41.17
N GLY B 132 -3.72 4.19 -41.02
CA GLY B 132 -4.91 4.38 -41.85
C GLY B 132 -6.09 4.72 -40.97
N ALA B 133 -6.52 5.99 -40.99
CA ALA B 133 -7.60 6.46 -40.10
C ALA B 133 -8.91 5.72 -40.37
N ARG B 134 -9.09 5.22 -41.59
CA ARG B 134 -10.33 4.54 -42.00
C ARG B 134 -10.12 3.03 -41.97
N ILE B 135 -8.98 2.57 -41.44
CA ILE B 135 -8.69 1.10 -41.47
C ILE B 135 -8.56 0.62 -40.02
N PRO B 136 -9.30 -0.42 -39.61
CA PRO B 136 -9.22 -0.90 -38.23
C PRO B 136 -7.97 -1.74 -37.98
N PRO B 137 -7.67 -2.08 -36.71
CA PRO B 137 -6.67 -3.09 -36.41
C PRO B 137 -7.07 -4.42 -37.07
N VAL B 138 -6.13 -5.34 -37.15
CA VAL B 138 -6.22 -6.53 -38.04
C VAL B 138 -7.20 -7.56 -37.45
N ASP B 139 -7.52 -7.48 -36.14
CA ASP B 139 -8.55 -8.36 -35.53
C ASP B 139 -9.87 -8.14 -36.27
N GLU B 140 -10.13 -6.93 -36.77
CA GLU B 140 -11.37 -6.64 -37.53
C GLU B 140 -11.33 -7.22 -38.96
N GLN B 141 -10.19 -7.67 -39.46
CA GLN B 141 -10.13 -8.37 -40.77
C GLN B 141 -10.76 -9.77 -40.66
N VAL B 142 -10.91 -10.28 -39.44
CA VAL B 142 -11.33 -11.69 -39.21
C VAL B 142 -12.85 -11.78 -39.42
N VAL B 143 -13.27 -12.64 -40.36
CA VAL B 143 -14.70 -12.95 -40.66
C VAL B 143 -15.13 -14.16 -39.84
N SER B 144 -14.27 -15.17 -39.73
CA SER B 144 -14.55 -16.38 -38.94
C SER B 144 -13.26 -17.06 -38.56
N MET B 145 -13.36 -18.00 -37.64
CA MET B 145 -12.19 -18.72 -37.11
C MET B 145 -12.65 -20.05 -36.52
N LYS B 146 -11.70 -20.95 -36.32
CA LYS B 146 -11.89 -22.18 -35.51
C LYS B 146 -10.87 -22.12 -34.38
N LEU B 147 -11.32 -22.57 -33.22
CA LEU B 147 -10.67 -22.43 -31.91
C LEU B 147 -10.74 -23.82 -31.26
N VAL B 148 -9.61 -24.45 -30.97
CA VAL B 148 -9.56 -25.65 -30.11
C VAL B 148 -9.51 -25.20 -28.64
N THR B 149 -10.58 -25.47 -27.89
CA THR B 149 -10.72 -25.10 -26.46
C THR B 149 -10.55 -26.34 -25.60
N PRO B 150 -9.87 -26.21 -24.44
CA PRO B 150 -9.83 -27.29 -23.47
C PRO B 150 -11.22 -27.81 -23.03
N ALA B 151 -12.19 -26.91 -22.79
CA ALA B 151 -13.47 -27.28 -22.14
C ALA B 151 -14.50 -27.73 -23.19
N LYS B 152 -14.47 -27.19 -24.41
CA LYS B 152 -15.61 -27.35 -25.36
C LYS B 152 -15.13 -27.89 -26.69
N GLY B 153 -13.88 -28.37 -26.77
CA GLY B 153 -13.30 -28.89 -28.02
C GLY B 153 -13.24 -27.80 -29.07
N THR B 154 -13.27 -28.22 -30.32
CA THR B 154 -13.07 -27.36 -31.52
C THR B 154 -14.38 -26.65 -31.82
N ILE B 155 -14.39 -25.32 -31.80
CA ILE B 155 -15.62 -24.54 -32.05
C ILE B 155 -15.37 -23.54 -33.17
N GLU B 156 -16.42 -23.23 -33.92
CA GLU B 156 -16.38 -22.25 -35.03
C GLU B 156 -17.07 -20.98 -34.54
N LEU B 157 -16.49 -19.82 -34.85
CA LEU B 157 -16.96 -18.50 -34.36
C LEU B 157 -16.95 -17.54 -35.54
N SER B 158 -17.92 -16.62 -35.58
CA SER B 158 -18.13 -15.64 -36.68
C SER B 158 -19.22 -14.66 -36.23
N GLU B 159 -19.57 -13.67 -37.04
CA GLU B 159 -20.70 -12.73 -36.75
C GLU B 159 -22.01 -13.54 -36.65
N GLU B 160 -22.09 -14.71 -37.29
CA GLU B 160 -23.31 -15.55 -37.33
C GLU B 160 -23.23 -16.73 -36.36
N LYS B 161 -22.04 -17.03 -35.80
CA LYS B 161 -21.88 -18.16 -34.84
C LYS B 161 -21.25 -17.65 -33.56
N ASP B 162 -22.08 -17.33 -32.57
CA ASP B 162 -21.70 -16.80 -31.23
C ASP B 162 -20.84 -15.53 -31.43
N PRO B 163 -21.41 -14.48 -32.05
CA PRO B 163 -20.70 -13.23 -32.28
C PRO B 163 -19.97 -12.68 -31.05
N GLU B 164 -20.59 -12.77 -29.88
CA GLU B 164 -20.01 -12.17 -28.65
C GLU B 164 -18.68 -12.89 -28.33
N LEU B 165 -18.68 -14.23 -28.37
CA LEU B 165 -17.45 -15.00 -28.12
C LEU B 165 -16.46 -14.78 -29.27
N PHE B 166 -16.94 -14.72 -30.50
CA PHE B 166 -16.12 -14.45 -31.72
C PHE B 166 -15.27 -13.17 -31.51
N ARG B 167 -15.91 -12.08 -31.14
CA ARG B 167 -15.24 -10.75 -31.04
C ARG B 167 -14.25 -10.76 -29.87
N LEU B 168 -14.50 -11.56 -28.84
CA LEU B 168 -13.56 -11.74 -27.71
C LEU B 168 -12.37 -12.59 -28.15
N ALA B 169 -12.66 -13.80 -28.64
CA ALA B 169 -11.68 -14.86 -28.95
C ALA B 169 -10.76 -14.46 -30.11
N ARG B 170 -11.21 -13.67 -31.09
CA ARG B 170 -10.32 -13.35 -32.23
C ARG B 170 -9.16 -12.45 -31.75
N CYS B 171 -9.33 -11.71 -30.65
CA CYS B 171 -8.29 -10.85 -30.00
C CYS B 171 -8.16 -11.33 -28.56
N GLY B 172 -7.83 -12.62 -28.39
CA GLY B 172 -7.96 -13.36 -27.12
C GLY B 172 -6.65 -13.63 -26.39
N LEU B 173 -5.51 -13.10 -26.87
CA LEU B 173 -4.21 -13.17 -26.14
C LEU B 173 -3.82 -14.63 -25.91
N GLY B 174 -4.27 -15.52 -26.78
CA GLY B 174 -4.01 -16.97 -26.70
C GLY B 174 -4.68 -17.62 -25.51
N ALA B 175 -5.57 -16.93 -24.79
CA ALA B 175 -6.06 -17.36 -23.46
C ALA B 175 -7.38 -18.15 -23.55
N LEU B 176 -8.01 -18.17 -24.72
CA LEU B 176 -9.41 -18.67 -24.92
C LEU B 176 -9.43 -19.93 -25.79
N GLY B 177 -8.29 -20.28 -26.38
CA GLY B 177 -8.21 -21.44 -27.27
C GLY B 177 -7.08 -21.30 -28.26
N VAL B 178 -6.71 -22.43 -28.85
CA VAL B 178 -5.71 -22.49 -29.93
C VAL B 178 -6.45 -22.27 -31.25
N VAL B 179 -6.18 -21.14 -31.88
CA VAL B 179 -6.75 -20.81 -33.20
C VAL B 179 -6.11 -21.73 -34.23
N THR B 180 -6.91 -22.43 -35.04
CA THR B 180 -6.39 -23.38 -36.05
C THR B 180 -6.57 -22.77 -37.43
N GLU B 181 -7.59 -21.95 -37.59
CA GLU B 181 -8.08 -21.52 -38.92
C GLU B 181 -8.69 -20.15 -38.77
N VAL B 182 -8.45 -19.28 -39.73
CA VAL B 182 -8.96 -17.89 -39.77
C VAL B 182 -9.41 -17.65 -41.20
N THR B 183 -10.56 -17.03 -41.39
CA THR B 183 -10.97 -16.46 -42.69
C THR B 183 -10.81 -14.94 -42.57
N LEU B 184 -10.03 -14.36 -43.46
CA LEU B 184 -9.77 -12.89 -43.49
C LEU B 184 -10.51 -12.25 -44.68
N GLN B 185 -11.08 -11.07 -44.43
CA GLN B 185 -11.59 -10.15 -45.48
C GLN B 185 -10.40 -9.43 -46.11
N CYS B 186 -10.06 -9.82 -47.32
CA CYS B 186 -8.98 -9.21 -48.13
C CYS B 186 -9.56 -8.03 -48.91
N VAL B 187 -8.66 -7.28 -49.54
CA VAL B 187 -8.97 -6.20 -50.51
C VAL B 187 -8.17 -6.53 -51.78
N PRO B 188 -8.50 -5.88 -52.91
CA PRO B 188 -7.74 -6.09 -54.14
C PRO B 188 -6.26 -5.70 -53.95
N ARG B 189 -5.36 -6.51 -54.48
CA ARG B 189 -3.92 -6.19 -54.62
C ARG B 189 -3.81 -4.85 -55.34
N HIS B 190 -2.93 -3.97 -54.89
CA HIS B 190 -2.83 -2.59 -55.44
C HIS B 190 -1.47 -2.00 -55.11
N LYS B 191 -1.05 -1.06 -55.94
CA LYS B 191 0.19 -0.30 -55.74
C LYS B 191 -0.15 0.89 -54.87
N LEU B 192 0.79 1.33 -54.05
CA LEU B 192 0.67 2.59 -53.29
C LEU B 192 1.76 3.51 -53.79
N LEU B 193 1.42 4.79 -53.86
CA LEU B 193 2.35 5.90 -53.99
C LEU B 193 2.66 6.36 -52.58
N GLU B 194 3.93 6.25 -52.18
CA GLU B 194 4.38 6.67 -50.85
C GLU B 194 5.09 8.01 -51.00
N HIS B 195 4.63 9.03 -50.30
CA HIS B 195 5.26 10.36 -50.27
C HIS B 195 5.89 10.54 -48.90
N THR B 196 7.21 10.78 -48.87
CA THR B 196 7.94 11.11 -47.63
C THR B 196 8.29 12.59 -47.72
N PHE B 197 8.01 13.36 -46.68
CA PHE B 197 8.38 14.78 -46.62
C PHE B 197 8.52 15.19 -45.17
N VAL B 198 9.26 16.28 -44.92
CA VAL B 198 9.60 16.75 -43.57
C VAL B 198 8.75 17.98 -43.32
N ALA B 199 8.35 18.18 -42.06
CA ALA B 199 7.55 19.35 -41.63
C ALA B 199 7.98 19.68 -40.21
N THR B 200 7.68 20.89 -39.75
CA THR B 200 7.81 21.34 -38.34
C THR B 200 6.52 20.97 -37.60
N MET B 201 6.52 21.07 -36.27
CA MET B 201 5.29 20.90 -35.46
C MET B 201 4.19 21.81 -36.03
N LYS B 202 4.53 23.07 -36.27
CA LYS B 202 3.56 24.11 -36.70
C LYS B 202 2.92 23.66 -38.02
N GLU B 203 3.71 23.29 -39.02
CA GLU B 203 3.17 22.86 -40.34
C GLU B 203 2.31 21.61 -40.17
N VAL B 204 2.75 20.66 -39.33
CA VAL B 204 1.96 19.41 -39.07
C VAL B 204 0.56 19.79 -38.58
N LYS B 205 0.47 20.63 -37.55
CA LYS B 205 -0.81 21.08 -36.93
C LYS B 205 -1.73 21.69 -37.98
N LYS B 206 -1.19 22.54 -38.85
CA LYS B 206 -1.98 23.30 -39.85
C LYS B 206 -2.77 22.31 -40.72
N ASN B 207 -2.12 21.26 -41.21
CA ASN B 207 -2.66 20.39 -42.29
C ASN B 207 -3.27 19.10 -41.74
N HIS B 208 -3.15 18.85 -40.43
CA HIS B 208 -3.29 17.48 -39.84
C HIS B 208 -4.69 16.88 -40.10
N GLU B 209 -5.76 17.58 -39.72
CA GLU B 209 -7.15 17.07 -39.81
C GLU B 209 -7.46 16.61 -41.25
N LYS B 210 -7.08 17.42 -42.23
CA LYS B 210 -7.35 17.14 -43.67
C LYS B 210 -6.43 15.99 -44.13
N LEU B 211 -5.16 16.03 -43.74
CA LEU B 211 -4.16 15.02 -44.17
C LEU B 211 -4.67 13.64 -43.75
N LEU B 212 -5.14 13.47 -42.51
CA LEU B 212 -5.61 12.14 -42.01
C LEU B 212 -6.79 11.63 -42.84
N ARG B 213 -7.68 12.52 -43.28
CA ARG B 213 -8.96 12.11 -43.92
C ARG B 213 -8.79 12.03 -45.45
N GLU B 214 -7.77 12.68 -46.02
CA GLU B 214 -7.58 12.73 -47.50
C GLU B 214 -6.52 11.71 -47.97
N ASN B 215 -5.81 11.04 -47.04
CA ASN B 215 -4.76 10.05 -47.36
C ASN B 215 -5.14 8.69 -46.77
N LYS B 216 -5.03 7.63 -47.55
CA LYS B 216 -5.38 6.26 -47.09
C LYS B 216 -4.51 5.94 -45.86
N HIS B 217 -3.21 6.16 -45.96
CA HIS B 217 -2.24 5.84 -44.88
C HIS B 217 -1.46 7.10 -44.57
N VAL B 218 -1.37 7.45 -43.29
CA VAL B 218 -0.51 8.55 -42.80
C VAL B 218 0.21 8.06 -41.55
N ARG B 219 1.49 8.34 -41.48
CA ARG B 219 2.36 7.95 -40.35
C ARG B 219 3.28 9.15 -40.13
N TYR B 220 3.49 9.57 -38.88
CA TYR B 220 4.51 10.57 -38.50
C TYR B 220 5.65 9.87 -37.77
N MET B 221 6.87 10.27 -38.13
CA MET B 221 8.08 9.89 -37.36
C MET B 221 8.61 11.16 -36.71
N TRP B 222 8.33 11.34 -35.41
CA TRP B 222 8.78 12.50 -34.60
C TRP B 222 10.23 12.26 -34.18
N ILE B 223 11.07 13.27 -34.37
CA ILE B 223 12.51 13.18 -34.02
C ILE B 223 12.74 14.03 -32.79
N PRO B 224 12.91 13.41 -31.61
CA PRO B 224 13.08 14.14 -30.36
C PRO B 224 14.30 15.09 -30.46
N TYR B 225 14.19 16.24 -29.79
CA TYR B 225 15.25 17.28 -29.68
C TYR B 225 15.49 17.95 -31.04
N THR B 226 14.51 17.87 -31.94
CA THR B 226 14.51 18.60 -33.22
C THR B 226 13.08 19.09 -33.46
N ASP B 227 12.88 19.93 -34.46
CA ASP B 227 11.53 20.33 -34.90
C ASP B 227 11.33 19.74 -36.29
N THR B 228 11.86 18.53 -36.50
CA THR B 228 11.61 17.71 -37.71
C THR B 228 10.60 16.62 -37.36
N VAL B 229 9.49 16.63 -38.08
CA VAL B 229 8.54 15.48 -38.15
C VAL B 229 8.62 14.94 -39.57
N VAL B 230 8.86 13.65 -39.69
CA VAL B 230 8.86 12.99 -41.02
C VAL B 230 7.44 12.51 -41.27
N VAL B 231 6.82 13.00 -42.33
CA VAL B 231 5.44 12.61 -42.72
C VAL B 231 5.54 11.62 -43.86
N VAL B 232 4.87 10.47 -43.73
CA VAL B 232 4.79 9.45 -44.80
C VAL B 232 3.31 9.19 -45.11
N THR B 233 2.88 9.49 -46.33
CA THR B 233 1.50 9.20 -46.80
C THR B 233 1.57 8.13 -47.87
N CYS B 234 0.56 7.25 -47.94
CA CYS B 234 0.47 6.22 -48.98
C CYS B 234 -0.96 6.25 -49.51
N ASN B 235 -1.10 6.25 -50.83
CA ASN B 235 -2.42 6.33 -51.51
C ASN B 235 -2.38 5.39 -52.70
N PRO B 236 -3.51 4.72 -53.05
CA PRO B 236 -3.54 3.84 -54.19
C PRO B 236 -3.10 4.56 -55.47
N LEU B 237 -2.23 3.91 -56.23
CA LEU B 237 -1.82 4.47 -57.53
C LEU B 237 -2.67 3.72 -58.56
N PRO B 238 -3.70 4.35 -59.15
CA PRO B 238 -4.58 3.63 -60.05
C PRO B 238 -3.85 3.39 -61.39
N PRO B 248 16.04 18.54 -55.77
CA PRO B 248 17.45 18.16 -55.61
C PRO B 248 17.44 16.71 -55.12
N GLN B 249 17.81 15.78 -56.00
CA GLN B 249 17.80 14.33 -55.63
C GLN B 249 19.10 14.04 -54.89
N TYR B 250 19.02 13.27 -53.80
CA TYR B 250 20.21 12.99 -52.98
C TYR B 250 20.66 11.53 -53.13
N SER B 251 21.95 11.31 -53.41
CA SER B 251 22.58 9.97 -53.43
C SER B 251 22.44 9.35 -52.03
N GLU B 252 22.61 8.03 -51.94
CA GLU B 252 22.66 7.34 -50.64
C GLU B 252 23.83 7.96 -49.86
N ASP B 253 24.99 8.16 -50.52
CA ASP B 253 26.21 8.72 -49.88
C ASP B 253 25.84 10.07 -49.25
N GLU B 254 25.06 10.92 -49.93
CA GLU B 254 24.73 12.26 -49.38
C GLU B 254 23.71 12.14 -48.26
N LYS B 255 22.72 11.26 -48.42
CA LYS B 255 21.72 11.04 -47.34
C LYS B 255 22.42 10.59 -46.06
N LEU B 256 23.42 9.71 -46.19
CA LEU B 256 24.10 9.09 -45.02
C LEU B 256 25.21 9.98 -44.48
N GLN B 257 25.67 10.96 -45.28
CA GLN B 257 26.81 11.87 -44.90
C GLN B 257 26.70 12.37 -43.46
N PRO B 258 25.55 12.93 -42.99
CA PRO B 258 25.51 13.52 -41.65
C PRO B 258 25.79 12.46 -40.57
N LEU B 259 25.29 11.24 -40.75
CA LEU B 259 25.48 10.13 -39.78
C LEU B 259 26.92 9.62 -39.86
N ARG B 260 27.43 9.41 -41.09
CA ARG B 260 28.82 8.95 -41.30
C ARG B 260 29.81 9.98 -40.72
N ASN B 261 29.59 11.27 -40.96
CA ASN B 261 30.49 12.35 -40.47
C ASN B 261 30.48 12.33 -38.94
N LEU B 262 29.29 12.22 -38.34
CA LEU B 262 29.15 12.25 -36.85
C LEU B 262 29.88 11.05 -36.25
N LEU B 263 29.83 9.88 -36.90
CA LEU B 263 30.45 8.65 -36.35
C LEU B 263 31.98 8.77 -36.42
N ARG B 264 32.53 9.39 -37.49
CA ARG B 264 33.98 9.60 -37.68
C ARG B 264 34.51 10.48 -36.54
N GLU B 265 33.77 11.53 -36.15
CA GLU B 265 34.10 12.45 -35.02
C GLU B 265 34.25 11.68 -33.70
N ALA B 266 33.44 10.65 -33.45
CA ALA B 266 33.32 10.03 -32.11
C ALA B 266 34.28 8.84 -31.97
N ALA B 267 34.59 8.14 -33.06
CA ALA B 267 35.19 6.79 -33.02
C ALA B 267 36.43 6.75 -33.92
N PRO B 268 37.57 6.17 -33.46
CA PRO B 268 38.79 6.06 -34.28
C PRO B 268 38.80 4.94 -35.34
N PRO B 285 35.42 3.30 -44.79
CA PRO B 285 36.02 2.00 -45.14
C PRO B 285 35.17 0.87 -44.55
N GLU B 286 35.13 0.76 -43.21
CA GLU B 286 34.13 -0.05 -42.46
C GLU B 286 32.83 0.75 -42.38
N VAL B 287 32.90 2.00 -41.92
CA VAL B 287 31.74 2.92 -41.70
C VAL B 287 30.87 2.89 -42.97
N SER B 288 31.46 2.97 -44.15
CA SER B 288 30.74 3.12 -45.45
C SER B 288 29.90 1.87 -45.79
N GLY B 289 30.16 0.73 -45.15
CA GLY B 289 29.40 -0.51 -45.37
C GLY B 289 28.10 -0.55 -44.59
N LEU B 290 27.92 0.32 -43.60
CA LEU B 290 26.75 0.28 -42.68
C LEU B 290 25.51 0.89 -43.36
N SER B 291 24.37 0.23 -43.23
CA SER B 291 23.03 0.76 -43.59
C SER B 291 22.70 1.95 -42.66
N PHE B 292 21.67 2.72 -43.00
CA PHE B 292 21.11 3.79 -42.15
C PHE B 292 20.91 3.27 -40.71
N THR B 293 20.25 2.11 -40.53
CA THR B 293 19.85 1.61 -39.19
C THR B 293 21.11 1.15 -38.43
N GLU B 294 22.10 0.58 -39.13
CA GLU B 294 23.38 0.17 -38.51
C GLU B 294 24.18 1.42 -38.08
N LEU B 295 24.09 2.51 -38.84
CA LEU B 295 24.77 3.79 -38.51
C LEU B 295 24.14 4.36 -37.24
N ARG B 296 22.79 4.40 -37.13
CA ARG B 296 22.09 4.91 -35.92
C ARG B 296 22.53 4.04 -34.72
N ASP B 297 22.60 2.72 -34.88
CA ASP B 297 23.01 1.82 -33.77
C ASP B 297 24.46 2.13 -33.37
N ALA B 298 25.39 2.20 -34.33
CA ALA B 298 26.84 2.41 -34.09
C ALA B 298 27.02 3.77 -33.41
N LEU B 299 26.22 4.77 -33.80
CA LEU B 299 26.28 6.13 -33.19
C LEU B 299 25.81 6.02 -31.74
N LEU B 300 24.64 5.43 -31.51
CA LEU B 300 24.04 5.38 -30.15
C LEU B 300 24.96 4.58 -29.22
N ALA B 301 25.63 3.55 -29.74
CA ALA B 301 26.52 2.64 -28.98
C ALA B 301 27.67 3.42 -28.34
N VAL B 302 28.04 4.57 -28.92
CA VAL B 302 29.12 5.44 -28.35
C VAL B 302 28.74 5.86 -26.92
N ASP B 303 27.50 6.25 -26.68
CA ASP B 303 27.08 6.86 -25.39
C ASP B 303 25.54 6.93 -25.34
N PRO B 304 24.86 5.77 -25.26
CA PRO B 304 23.43 5.68 -25.59
C PRO B 304 22.52 6.42 -24.60
N LEU B 305 23.02 6.64 -23.38
CA LEU B 305 22.19 7.29 -22.32
C LEU B 305 22.67 8.73 -22.08
N ASP B 306 23.57 9.25 -22.91
CA ASP B 306 23.98 10.68 -22.82
C ASP B 306 23.05 11.51 -23.67
N THR B 307 22.23 12.35 -23.05
CA THR B 307 21.17 13.14 -23.73
C THR B 307 21.79 14.08 -24.76
N GLU B 308 22.94 14.69 -24.46
CA GLU B 308 23.59 15.62 -25.43
C GLU B 308 24.07 14.85 -26.65
N TRP B 309 24.58 13.64 -26.46
CA TRP B 309 25.03 12.79 -27.59
C TRP B 309 23.79 12.36 -28.39
N VAL B 310 22.73 11.93 -27.72
CA VAL B 310 21.51 11.45 -28.43
C VAL B 310 20.96 12.61 -29.25
N LYS B 311 20.99 13.84 -28.71
CA LYS B 311 20.56 15.07 -29.44
C LYS B 311 21.31 15.14 -30.78
N ARG B 312 22.63 14.92 -30.76
CA ARG B 312 23.51 15.04 -31.96
C ARG B 312 23.13 13.90 -32.92
N VAL B 313 22.89 12.69 -32.41
CA VAL B 313 22.46 11.55 -33.27
C VAL B 313 21.12 11.89 -33.91
N ASN B 314 20.17 12.43 -33.15
CA ASN B 314 18.81 12.75 -33.64
C ASN B 314 18.88 13.86 -34.70
N GLN B 315 19.76 14.84 -34.51
CA GLN B 315 19.95 15.97 -35.46
C GLN B 315 20.49 15.41 -36.78
N ALA B 316 21.47 14.52 -36.73
CA ALA B 316 22.04 13.87 -37.94
C ALA B 316 20.92 13.08 -38.63
N GLU B 317 20.13 12.32 -37.85
CA GLU B 317 19.02 11.51 -38.41
C GLU B 317 18.01 12.47 -39.07
N ALA B 318 17.69 13.60 -38.46
CA ALA B 318 16.74 14.58 -39.04
C ALA B 318 17.27 15.03 -40.41
N GLU B 319 18.59 15.26 -40.52
CA GLU B 319 19.21 15.68 -41.82
C GLU B 319 19.08 14.53 -42.84
N PHE B 320 19.30 13.28 -42.44
CA PHE B 320 19.04 12.11 -43.30
C PHE B 320 17.62 12.18 -43.87
N TRP B 321 16.61 12.44 -43.04
CA TRP B 321 15.18 12.38 -43.46
C TRP B 321 14.89 13.59 -44.36
N LYS B 322 15.49 14.74 -44.08
CA LYS B 322 15.35 15.92 -44.98
C LYS B 322 15.89 15.60 -46.36
N ARG B 323 16.94 14.81 -46.43
CA ARG B 323 17.55 14.39 -47.70
C ARG B 323 16.79 13.21 -48.30
N SER B 324 15.73 12.73 -47.66
CA SER B 324 15.00 11.50 -48.07
C SER B 324 13.59 11.85 -48.54
N GLU B 325 13.30 13.12 -48.78
CA GLU B 325 11.98 13.54 -49.29
C GLU B 325 11.80 12.98 -50.70
N GLY B 326 10.58 12.55 -51.04
CA GLY B 326 10.29 12.03 -52.38
C GLY B 326 9.22 10.94 -52.35
N TYR B 327 9.17 10.18 -53.42
CA TYR B 327 8.06 9.26 -53.77
C TYR B 327 8.65 7.91 -54.08
N ARG B 328 8.01 6.84 -53.61
CA ARG B 328 8.26 5.44 -54.03
C ARG B 328 6.94 4.87 -54.53
N VAL B 329 6.99 3.86 -55.38
CA VAL B 329 5.79 3.09 -55.80
C VAL B 329 6.12 1.63 -55.55
N GLY B 330 5.19 0.91 -54.94
CA GLY B 330 5.31 -0.54 -54.73
C GLY B 330 3.95 -1.12 -54.45
N TRP B 331 3.85 -2.44 -54.50
CA TRP B 331 2.66 -3.18 -54.03
C TRP B 331 2.50 -2.86 -52.55
N SER B 332 1.26 -2.80 -52.06
CA SER B 332 0.91 -2.35 -50.69
C SER B 332 1.73 -3.14 -49.65
N ASP B 333 1.94 -4.45 -49.84
CA ASP B 333 2.66 -5.27 -48.84
C ASP B 333 4.12 -4.82 -48.74
N GLU B 334 4.70 -4.31 -49.82
CA GLU B 334 6.11 -3.91 -49.86
C GLU B 334 6.22 -2.53 -49.22
N ILE B 335 5.26 -1.66 -49.54
CA ILE B 335 5.27 -0.24 -49.09
C ILE B 335 4.92 -0.15 -47.60
N LEU B 336 3.96 -0.97 -47.13
CA LEU B 336 3.47 -0.87 -45.72
C LEU B 336 4.33 -1.77 -44.80
N GLY B 337 5.11 -2.68 -45.37
CA GLY B 337 5.90 -3.69 -44.63
C GLY B 337 7.34 -3.23 -44.47
N PHE B 338 7.98 -3.62 -43.36
CA PHE B 338 9.36 -3.19 -43.03
C PHE B 338 10.18 -4.35 -42.49
N ASP B 339 11.49 -4.32 -42.68
CA ASP B 339 12.41 -5.39 -42.18
C ASP B 339 12.55 -5.25 -40.67
N CYS B 340 12.72 -4.03 -40.15
CA CYS B 340 12.78 -3.73 -38.69
C CYS B 340 13.90 -4.50 -37.98
N GLY B 341 15.07 -4.66 -38.60
CA GLY B 341 16.09 -5.55 -38.04
C GLY B 341 16.77 -5.23 -36.71
N GLY B 342 16.67 -4.01 -36.17
CA GLY B 342 17.45 -3.63 -34.98
C GLY B 342 16.87 -4.23 -33.70
N GLN B 343 17.66 -4.33 -32.66
CA GLN B 343 17.15 -4.78 -31.33
C GLN B 343 16.76 -3.52 -30.56
N GLN B 344 15.63 -3.56 -29.87
CA GLN B 344 15.04 -2.34 -29.27
C GLN B 344 14.04 -2.69 -28.16
N TRP B 345 13.83 -1.71 -27.29
CA TRP B 345 12.68 -1.60 -26.37
C TRP B 345 11.65 -0.72 -27.04
N VAL B 346 10.41 -1.17 -27.12
CA VAL B 346 9.27 -0.36 -27.63
C VAL B 346 8.16 -0.39 -26.59
N SER B 347 7.40 0.69 -26.57
CA SER B 347 6.10 0.80 -25.87
C SER B 347 5.18 1.51 -26.86
N GLU B 348 3.98 1.02 -27.06
CA GLU B 348 3.01 1.69 -27.97
C GLU B 348 1.68 1.72 -27.26
N VAL B 349 0.99 2.86 -27.33
CA VAL B 349 -0.36 3.05 -26.73
C VAL B 349 -1.31 3.53 -27.82
N ALA B 350 -2.55 3.06 -27.74
CA ALA B 350 -3.73 3.52 -28.49
C ALA B 350 -4.52 4.47 -27.59
N PHE B 351 -4.95 5.60 -28.14
CA PHE B 351 -5.86 6.53 -27.42
C PHE B 351 -6.83 7.14 -28.41
N PRO B 352 -8.07 7.44 -27.97
CA PRO B 352 -9.11 7.94 -28.85
C PRO B 352 -8.77 9.37 -29.31
N ALA B 353 -9.03 9.62 -30.58
CA ALA B 353 -8.84 10.93 -31.27
C ALA B 353 -10.10 11.20 -32.10
N GLY B 354 -11.26 11.17 -31.44
CA GLY B 354 -12.55 11.49 -32.06
C GLY B 354 -12.99 10.48 -33.10
N THR B 355 -13.61 10.98 -34.16
CA THR B 355 -14.27 10.21 -35.24
C THR B 355 -13.92 10.87 -36.58
N LEU B 356 -14.20 10.18 -37.68
CA LEU B 356 -14.00 10.73 -39.05
C LEU B 356 -14.74 12.07 -39.12
N GLU B 357 -15.98 12.12 -38.63
CA GLU B 357 -16.87 13.31 -38.73
C GLU B 357 -16.51 14.34 -37.66
N LYS B 358 -16.13 13.91 -36.45
CA LYS B 358 -15.81 14.87 -35.35
C LYS B 358 -14.34 14.71 -34.97
N PRO B 359 -13.44 15.41 -35.68
CA PRO B 359 -12.01 15.41 -35.35
C PRO B 359 -11.71 15.81 -33.91
N SER B 360 -10.66 15.24 -33.31
CA SER B 360 -10.12 15.66 -31.99
C SER B 360 -8.66 16.13 -32.16
N ALA B 361 -8.22 17.07 -31.32
CA ALA B 361 -6.82 17.55 -31.29
C ALA B 361 -5.97 16.66 -30.36
N ALA B 362 -6.57 15.67 -29.69
CA ALA B 362 -5.88 14.86 -28.66
C ALA B 362 -4.58 14.26 -29.19
N ASP B 363 -4.53 13.84 -30.47
CA ASP B 363 -3.35 13.17 -31.06
C ASP B 363 -2.16 14.13 -31.15
N LEU B 364 -2.36 15.35 -31.62
CA LEU B 364 -1.27 16.37 -31.67
C LEU B 364 -0.94 16.85 -30.25
N GLU B 365 -1.96 17.05 -29.40
CA GLU B 365 -1.72 17.54 -28.02
C GLU B 365 -0.86 16.52 -27.26
N TYR B 366 -1.12 15.23 -27.46
CA TYR B 366 -0.34 14.15 -26.80
C TYR B 366 1.14 14.34 -27.15
N MET B 367 1.43 14.55 -28.43
CA MET B 367 2.83 14.60 -28.94
C MET B 367 3.50 15.87 -28.40
N GLU B 368 2.80 16.99 -28.40
CA GLU B 368 3.27 18.26 -27.78
C GLU B 368 3.70 17.96 -26.34
N GLU B 369 2.83 17.35 -25.54
CA GLU B 369 3.15 17.10 -24.11
C GLU B 369 4.32 16.12 -24.03
N LEU B 370 4.33 15.08 -24.88
CA LEU B 370 5.41 14.06 -24.85
C LEU B 370 6.76 14.72 -25.16
N MET B 371 6.85 15.51 -26.23
CA MET B 371 8.11 16.22 -26.58
C MET B 371 8.52 17.15 -25.41
N ARG B 372 7.58 17.87 -24.81
CA ARG B 372 7.88 18.73 -23.61
C ARG B 372 8.42 17.85 -22.46
N LEU B 373 7.78 16.72 -22.18
CA LEU B 373 8.18 15.78 -21.10
C LEU B 373 9.62 15.27 -21.34
N ILE B 374 9.96 14.91 -22.58
CA ILE B 374 11.30 14.37 -22.90
C ILE B 374 12.37 15.45 -22.62
N ASN B 375 12.13 16.67 -23.11
CA ASN B 375 13.01 17.85 -22.88
C ASN B 375 13.12 18.13 -21.38
N LYS B 376 11.99 18.34 -20.71
CA LYS B 376 11.94 18.70 -19.25
C LYS B 376 12.77 17.68 -18.46
N GLU B 377 12.63 16.39 -18.76
CA GLU B 377 13.21 15.30 -17.92
C GLU B 377 14.58 14.88 -18.43
N GLY B 378 15.06 15.46 -19.54
CA GLY B 378 16.36 15.10 -20.15
C GLY B 378 16.42 13.63 -20.54
N ILE B 379 15.35 13.07 -21.09
CA ILE B 379 15.36 11.64 -21.49
C ILE B 379 16.22 11.51 -22.74
N PRO B 380 17.17 10.55 -22.76
CA PRO B 380 17.97 10.28 -23.95
C PRO B 380 17.17 9.50 -25.00
N ALA B 381 16.11 10.12 -25.50
CA ALA B 381 15.10 9.51 -26.41
C ALA B 381 15.60 9.58 -27.85
N PRO B 382 15.96 8.43 -28.48
CA PRO B 382 16.29 8.43 -29.91
C PRO B 382 15.02 8.44 -30.77
N ALA B 383 15.22 8.45 -32.09
CA ALA B 383 14.15 8.55 -33.10
C ALA B 383 13.88 7.18 -33.69
N PRO B 384 12.68 6.97 -34.25
CA PRO B 384 11.55 7.89 -34.14
C PRO B 384 10.57 7.58 -33.01
N ILE B 385 9.83 8.58 -32.59
CA ILE B 385 8.56 8.34 -31.88
C ILE B 385 7.55 8.23 -33.01
N GLU B 386 7.04 7.03 -33.21
CA GLU B 386 6.18 6.70 -34.37
C GLU B 386 4.72 6.95 -33.98
N GLN B 387 4.01 7.70 -34.81
CA GLN B 387 2.59 8.00 -34.61
C GLN B 387 1.81 7.47 -35.80
N ARG B 388 0.79 6.69 -35.52
CA ARG B 388 -0.10 6.06 -36.53
C ARG B 388 -1.54 6.25 -36.11
N TRP B 389 -2.47 5.89 -36.98
CA TRP B 389 -3.93 5.98 -36.75
C TRP B 389 -4.60 4.70 -37.24
N THR B 390 -5.64 4.29 -36.52
CA THR B 390 -6.56 3.21 -36.96
C THR B 390 -7.97 3.69 -36.74
N ALA B 391 -8.92 3.06 -37.43
CA ALA B 391 -10.33 3.04 -37.01
C ALA B 391 -10.41 2.27 -35.69
N GLY B 392 -11.56 2.40 -35.03
CA GLY B 392 -11.96 1.59 -33.86
C GLY B 392 -12.05 0.12 -34.24
N SER B 393 -11.97 -0.71 -33.24
CA SER B 393 -12.30 -2.14 -33.34
C SER B 393 -13.53 -2.44 -32.48
N SER B 394 -14.36 -3.37 -32.93
CA SER B 394 -15.45 -3.95 -32.12
C SER B 394 -14.94 -5.09 -31.22
N SER B 395 -13.66 -5.50 -31.30
CA SER B 395 -13.13 -6.55 -30.39
C SER B 395 -12.93 -5.93 -29.01
N PRO B 396 -13.61 -6.40 -27.94
CA PRO B 396 -13.50 -5.77 -26.61
C PRO B 396 -12.09 -5.71 -26.03
N MET B 397 -11.19 -6.63 -26.39
CA MET B 397 -9.82 -6.58 -25.83
C MET B 397 -8.91 -5.71 -26.74
N SER B 398 -9.39 -5.12 -27.85
CA SER B 398 -8.54 -4.22 -28.68
C SER B 398 -8.19 -2.99 -27.85
N PRO B 399 -6.93 -2.54 -27.84
CA PRO B 399 -6.59 -1.22 -27.28
C PRO B 399 -7.39 -0.10 -27.95
N ALA B 400 -7.89 -0.34 -29.17
CA ALA B 400 -8.69 0.63 -29.95
C ALA B 400 -10.16 0.19 -29.97
N TYR B 401 -10.62 -0.54 -28.95
CA TYR B 401 -12.04 -0.93 -28.80
C TYR B 401 -12.89 0.35 -28.79
N SER B 402 -13.96 0.38 -29.57
CA SER B 402 -14.96 1.48 -29.55
C SER B 402 -16.29 0.90 -29.97
N PRO B 403 -17.41 1.28 -29.35
CA PRO B 403 -18.72 0.93 -29.89
C PRO B 403 -18.94 1.57 -31.27
N SER B 404 -18.16 2.60 -31.63
CA SER B 404 -18.36 3.35 -32.90
C SER B 404 -17.40 2.85 -34.00
N PRO B 405 -17.91 2.35 -35.14
CA PRO B 405 -17.03 1.91 -36.23
C PRO B 405 -16.14 3.03 -36.80
N ASP B 406 -16.58 4.29 -36.77
CA ASP B 406 -15.84 5.43 -37.39
C ASP B 406 -15.12 6.27 -36.34
N SER B 407 -14.93 5.74 -35.13
CA SER B 407 -13.91 6.23 -34.18
C SER B 407 -12.52 6.18 -34.84
N VAL B 408 -11.65 7.08 -34.43
CA VAL B 408 -10.22 7.16 -34.85
C VAL B 408 -9.40 7.05 -33.57
N PHE B 409 -8.41 6.19 -33.60
CA PHE B 409 -7.42 6.03 -32.51
C PHE B 409 -6.07 6.43 -33.05
N SER B 410 -5.35 7.18 -32.23
CA SER B 410 -3.92 7.46 -32.46
C SER B 410 -3.11 6.42 -31.69
N TRP B 411 -2.06 5.92 -32.33
CA TRP B 411 -1.08 5.02 -31.71
C TRP B 411 0.28 5.68 -31.69
N VAL B 412 0.88 5.74 -30.51
CA VAL B 412 2.19 6.41 -30.32
C VAL B 412 3.16 5.40 -29.74
N GLY B 413 4.23 5.16 -30.49
CA GLY B 413 5.34 4.24 -30.11
C GLY B 413 6.59 5.01 -29.75
N ILE B 414 7.11 4.76 -28.54
CA ILE B 414 8.44 5.24 -28.08
C ILE B 414 9.41 4.07 -28.14
N ILE B 415 10.70 4.38 -28.23
CA ILE B 415 11.76 3.38 -28.54
C ILE B 415 13.04 3.82 -27.84
N MET B 416 13.80 2.83 -27.41
CA MET B 416 15.25 2.94 -27.19
C MET B 416 15.87 1.74 -27.85
N TYR B 417 16.99 1.94 -28.53
CA TYR B 417 17.70 0.86 -29.24
C TYR B 417 18.63 0.19 -28.23
N LEU B 418 18.90 -1.09 -28.51
CA LEU B 418 19.91 -1.92 -27.82
C LEU B 418 20.99 -2.17 -28.87
N PRO B 419 21.93 -1.22 -29.08
CA PRO B 419 22.81 -1.28 -30.26
C PRO B 419 23.89 -2.38 -30.19
N THR B 420 24.15 -2.96 -29.02
CA THR B 420 25.17 -4.03 -28.86
C THR B 420 24.64 -5.15 -27.98
N GLU B 421 25.37 -6.27 -27.98
CA GLU B 421 25.14 -7.44 -27.10
C GLU B 421 25.86 -7.26 -25.76
N ASP B 422 26.55 -6.14 -25.54
CA ASP B 422 27.18 -5.81 -24.23
C ASP B 422 26.11 -5.84 -23.13
N GLU B 423 26.25 -6.78 -22.19
CA GLU B 423 25.27 -7.08 -21.13
C GLU B 423 25.03 -5.84 -20.28
N GLU B 424 26.10 -5.16 -19.85
CA GLU B 424 25.99 -3.99 -18.93
C GLU B 424 25.29 -2.84 -19.66
N GLN B 425 25.58 -2.62 -20.94
CA GLN B 425 24.95 -1.52 -21.71
C GLN B 425 23.45 -1.83 -21.87
N ARG B 426 23.11 -3.06 -22.25
CA ARG B 426 21.69 -3.50 -22.39
C ARG B 426 20.95 -3.29 -21.06
N LYS B 427 21.56 -3.70 -19.95
CA LYS B 427 20.98 -3.51 -18.60
C LYS B 427 20.70 -2.01 -18.39
N ALA B 428 21.68 -1.14 -18.65
CA ALA B 428 21.54 0.31 -18.42
C ALA B 428 20.41 0.86 -19.31
N ILE B 429 20.33 0.45 -20.57
CA ILE B 429 19.31 0.98 -21.53
C ILE B 429 17.92 0.44 -21.10
N THR B 430 17.84 -0.83 -20.70
CA THR B 430 16.59 -1.45 -20.19
C THR B 430 16.03 -0.59 -19.05
N GLU B 431 16.88 -0.19 -18.09
CA GLU B 431 16.43 0.63 -16.93
C GLU B 431 16.02 2.02 -17.43
N ALA B 432 16.77 2.60 -18.36
CA ALA B 432 16.46 3.96 -18.89
C ALA B 432 15.09 3.89 -19.59
N PHE B 433 14.84 2.81 -20.34
CA PHE B 433 13.56 2.65 -21.07
C PHE B 433 12.41 2.53 -20.06
N ARG B 434 12.61 1.73 -19.00
CA ARG B 434 11.60 1.60 -17.93
C ARG B 434 11.22 2.97 -17.40
N GLN B 435 12.20 3.84 -17.13
CA GLN B 435 11.96 5.21 -16.59
C GLN B 435 11.24 6.07 -17.63
N TYR B 436 11.67 5.99 -18.91
CA TYR B 436 11.06 6.73 -20.05
C TYR B 436 9.58 6.32 -20.13
N ARG B 437 9.31 5.02 -20.18
CA ARG B 437 7.91 4.54 -20.30
C ARG B 437 7.11 4.97 -19.05
N LYS B 438 7.69 4.82 -17.87
CA LYS B 438 7.03 5.14 -16.56
C LYS B 438 6.58 6.61 -16.56
N LEU B 439 7.43 7.54 -17.03
CA LEU B 439 7.07 8.98 -17.12
C LEU B 439 5.85 9.17 -18.05
N CYS B 440 5.83 8.51 -19.22
CA CYS B 440 4.65 8.55 -20.12
C CYS B 440 3.41 8.01 -19.40
N GLU B 441 3.55 6.88 -18.72
CA GLU B 441 2.45 6.18 -18.02
C GLU B 441 1.86 7.12 -16.95
N THR B 442 2.71 7.72 -16.12
CA THR B 442 2.26 8.50 -14.93
C THR B 442 1.77 9.87 -15.38
N ARG B 443 2.37 10.48 -16.41
CA ARG B 443 2.03 11.86 -16.83
C ARG B 443 0.95 11.89 -17.90
N LEU B 444 0.90 10.92 -18.82
CA LEU B 444 0.04 11.11 -20.05
C LEU B 444 -1.07 10.08 -20.15
N TRP B 445 -0.80 8.80 -19.87
CA TRP B 445 -1.69 7.71 -20.38
C TRP B 445 -3.12 7.88 -19.84
N ASP B 446 -3.29 8.07 -18.53
CA ASP B 446 -4.63 8.17 -17.91
C ASP B 446 -5.33 9.39 -18.48
N LYS B 447 -4.65 10.54 -18.56
CA LYS B 447 -5.22 11.79 -19.12
C LYS B 447 -5.82 11.53 -20.51
N TYR B 448 -5.15 10.77 -21.36
CA TYR B 448 -5.56 10.57 -22.78
C TYR B 448 -6.38 9.29 -22.97
N GLY B 449 -6.53 8.47 -21.92
CA GLY B 449 -7.26 7.20 -21.99
C GLY B 449 -6.50 6.20 -22.88
N ALA B 450 -5.18 6.18 -22.72
CA ALA B 450 -4.23 5.41 -23.54
C ALA B 450 -4.16 3.97 -23.00
N ALA B 451 -4.18 3.02 -23.90
CA ALA B 451 -4.13 1.57 -23.59
C ALA B 451 -2.89 0.99 -24.30
N GLU B 452 -2.13 0.16 -23.60
CA GLU B 452 -0.89 -0.43 -24.14
C GLU B 452 -1.18 -1.58 -25.10
N HIS B 453 -0.44 -1.62 -26.22
CA HIS B 453 -0.34 -2.77 -27.13
C HIS B 453 -0.06 -4.04 -26.32
N TRP B 454 -0.87 -5.07 -26.53
CA TRP B 454 -0.77 -6.36 -25.79
C TRP B 454 0.57 -7.06 -26.03
N ALA B 455 1.26 -6.79 -27.14
CA ALA B 455 2.57 -7.41 -27.45
C ALA B 455 3.71 -6.59 -26.83
N LYS B 456 3.42 -5.44 -26.21
CA LYS B 456 4.50 -4.51 -25.76
C LYS B 456 4.38 -4.25 -24.25
N ILE B 457 3.22 -4.54 -23.67
CA ILE B 457 2.95 -4.31 -22.21
C ILE B 457 3.86 -5.22 -21.38
N GLU B 458 4.51 -4.66 -20.36
CA GLU B 458 5.40 -5.40 -19.42
C GLU B 458 4.64 -5.44 -18.07
N VAL B 459 4.74 -6.56 -17.36
CA VAL B 459 4.13 -6.70 -16.02
C VAL B 459 5.08 -6.06 -15.01
N PRO B 460 4.65 -5.05 -14.24
CA PRO B 460 5.52 -4.46 -13.21
C PRO B 460 5.79 -5.48 -12.08
N GLU B 461 6.98 -5.42 -11.48
CA GLU B 461 7.40 -6.36 -10.42
C GLU B 461 6.96 -5.83 -9.04
N ASP B 462 6.93 -4.51 -8.86
CA ASP B 462 6.46 -3.88 -7.60
C ASP B 462 4.97 -4.14 -7.42
N PRO B 463 4.51 -4.75 -6.30
CA PRO B 463 3.10 -5.11 -6.12
C PRO B 463 2.12 -3.93 -6.21
N GLU B 464 2.53 -2.73 -5.81
CA GLU B 464 1.66 -1.52 -5.86
C GLU B 464 1.53 -1.07 -7.33
N GLU B 465 2.64 -1.06 -8.06
CA GLU B 465 2.64 -0.74 -9.51
C GLU B 465 1.76 -1.76 -10.25
N LEU B 466 1.83 -3.05 -9.90
CA LEU B 466 1.01 -4.11 -10.54
C LEU B 466 -0.47 -3.82 -10.26
N GLU B 467 -0.81 -3.47 -9.01
CA GLU B 467 -2.21 -3.19 -8.61
C GLU B 467 -2.71 -1.99 -9.43
N ALA B 468 -1.89 -0.94 -9.55
CA ALA B 468 -2.22 0.28 -10.34
C ALA B 468 -2.44 -0.09 -11.81
N LEU B 469 -1.60 -0.96 -12.38
CA LEU B 469 -1.78 -1.41 -13.79
C LEU B 469 -3.10 -2.19 -13.91
N ARG B 470 -3.37 -3.11 -12.98
CA ARG B 470 -4.58 -3.98 -13.06
C ARG B 470 -5.83 -3.10 -13.09
N GLU B 471 -5.82 -2.01 -12.34
CA GLU B 471 -6.96 -1.07 -12.24
C GLU B 471 -7.05 -0.24 -13.51
N ARG B 472 -5.93 0.20 -14.06
CA ARG B 472 -5.90 0.87 -15.40
C ARG B 472 -6.58 -0.05 -16.43
N LEU B 473 -6.24 -1.34 -16.43
CA LEU B 473 -6.80 -2.29 -17.42
C LEU B 473 -8.32 -2.38 -17.22
N ARG B 474 -8.81 -2.39 -15.96
CA ARG B 474 -10.27 -2.47 -15.68
C ARG B 474 -10.95 -1.22 -16.25
N LYS B 475 -10.32 -0.05 -16.18
CA LYS B 475 -10.90 1.20 -16.74
C LYS B 475 -10.82 1.18 -18.27
N ARG B 476 -9.72 0.69 -18.84
CA ARG B 476 -9.49 0.76 -20.31
C ARG B 476 -10.32 -0.34 -21.01
N TYR B 477 -10.65 -1.41 -20.31
CA TYR B 477 -11.32 -2.58 -20.91
C TYR B 477 -12.53 -2.96 -20.05
N PRO B 478 -13.72 -2.38 -20.27
CA PRO B 478 -14.87 -2.76 -19.45
C PRO B 478 -15.24 -4.25 -19.64
N GLY B 479 -14.73 -4.92 -20.68
CA GLY B 479 -14.98 -6.35 -20.95
C GLY B 479 -14.02 -7.32 -20.27
N VAL B 480 -13.20 -6.84 -19.33
CA VAL B 480 -12.19 -7.65 -18.59
C VAL B 480 -12.90 -8.84 -17.93
N ASP B 481 -14.02 -8.59 -17.23
CA ASP B 481 -14.72 -9.65 -16.46
C ASP B 481 -15.28 -10.68 -17.44
N LYS B 482 -15.81 -10.27 -18.57
CA LYS B 482 -16.28 -11.22 -19.64
C LYS B 482 -15.11 -12.02 -20.20
N PHE B 483 -13.92 -11.43 -20.31
CA PHE B 483 -12.71 -12.14 -20.79
C PHE B 483 -12.39 -13.26 -19.79
N ASN B 484 -12.34 -12.91 -18.51
CA ASN B 484 -12.07 -13.93 -17.44
C ASN B 484 -13.21 -14.97 -17.39
N LYS B 485 -14.46 -14.55 -17.55
CA LYS B 485 -15.61 -15.48 -17.61
C LYS B 485 -15.37 -16.49 -18.75
N ALA B 486 -15.02 -16.00 -19.94
CA ALA B 486 -14.77 -16.90 -21.09
C ALA B 486 -13.56 -17.80 -20.79
N ARG B 487 -12.53 -17.29 -20.10
CA ARG B 487 -11.39 -18.16 -19.70
C ARG B 487 -11.90 -19.29 -18.77
N ARG B 488 -12.74 -18.97 -17.78
CA ARG B 488 -13.29 -19.99 -16.83
C ARG B 488 -14.12 -21.01 -17.63
N GLU B 489 -14.88 -20.56 -18.62
CA GLU B 489 -15.75 -21.42 -19.46
C GLU B 489 -14.90 -22.30 -20.39
N LEU B 490 -13.89 -21.76 -21.10
CA LEU B 490 -13.20 -22.49 -22.20
C LEU B 490 -11.93 -23.17 -21.67
N ASP B 491 -11.32 -22.64 -20.63
CA ASP B 491 -10.03 -23.13 -20.09
C ASP B 491 -10.10 -23.16 -18.57
N PRO B 492 -10.99 -24.00 -17.98
CA PRO B 492 -11.18 -23.99 -16.54
C PRO B 492 -9.93 -24.33 -15.73
N LYS B 493 -9.03 -25.17 -16.26
CA LYS B 493 -7.79 -25.52 -15.53
C LYS B 493 -6.68 -24.53 -15.91
N ASN B 494 -6.97 -23.52 -16.74
CA ASN B 494 -6.02 -22.42 -17.04
C ASN B 494 -4.76 -22.96 -17.72
N ILE B 495 -4.90 -23.91 -18.65
CA ILE B 495 -3.71 -24.50 -19.33
C ILE B 495 -3.21 -23.57 -20.44
N LEU B 496 -3.99 -22.59 -20.90
CA LEU B 496 -3.59 -21.75 -22.07
C LEU B 496 -2.94 -20.45 -21.57
N SER B 497 -3.00 -20.16 -20.28
CA SER B 497 -2.49 -18.87 -19.73
C SER B 497 -1.15 -19.09 -19.04
N ASN B 498 -0.30 -18.07 -19.10
CA ASN B 498 1.04 -18.03 -18.44
C ASN B 498 0.95 -17.02 -17.30
N ASP B 499 2.05 -16.79 -16.59
CA ASP B 499 2.15 -15.85 -15.46
C ASP B 499 1.73 -14.44 -15.90
N MET B 500 2.11 -14.03 -17.12
CA MET B 500 1.77 -12.67 -17.61
C MET B 500 0.24 -12.52 -17.61
N ILE B 501 -0.47 -13.47 -18.20
CA ILE B 501 -1.96 -13.40 -18.30
C ILE B 501 -2.53 -13.40 -16.87
N ASP B 502 -2.05 -14.29 -16.00
CA ASP B 502 -2.53 -14.37 -14.59
C ASP B 502 -2.26 -13.05 -13.86
N SER B 503 -1.11 -12.41 -14.09
CA SER B 503 -0.74 -11.14 -13.42
C SER B 503 -1.65 -9.99 -13.90
N LEU B 504 -1.91 -9.91 -15.21
CA LEU B 504 -2.72 -8.80 -15.78
C LEU B 504 -4.21 -9.01 -15.45
N PHE B 505 -4.69 -10.26 -15.43
CA PHE B 505 -6.13 -10.60 -15.28
C PHE B 505 -6.29 -11.60 -14.14
N PRO B 506 -6.07 -11.19 -12.87
CA PRO B 506 -6.18 -12.11 -11.74
C PRO B 506 -7.63 -12.58 -11.53
N GLU C 9 -30.98 39.15 9.21
CA GLU C 9 -31.18 38.60 7.84
C GLU C 9 -29.87 38.00 7.33
N HIS C 10 -29.13 37.30 8.19
CA HIS C 10 -27.88 36.55 7.84
C HIS C 10 -28.21 35.05 7.79
N THR C 11 -27.65 34.35 6.81
CA THR C 11 -27.85 32.89 6.60
C THR C 11 -27.10 32.12 7.67
N ILE C 12 -27.77 31.13 8.30
CA ILE C 12 -27.15 30.16 9.25
C ILE C 12 -27.01 28.84 8.50
N THR C 13 -25.81 28.29 8.50
CA THR C 13 -25.49 27.03 7.79
C THR C 13 -24.90 26.05 8.81
N ASN C 14 -25.13 24.76 8.60
CA ASN C 14 -24.56 23.71 9.49
C ASN C 14 -23.12 23.42 9.04
N TRP C 15 -22.45 22.56 9.79
CA TRP C 15 -21.01 22.21 9.66
C TRP C 15 -20.70 21.78 8.22
N SER C 16 -21.56 20.95 7.63
CA SER C 16 -21.30 20.26 6.34
C SER C 16 -21.95 21.02 5.17
N GLY C 17 -22.64 22.14 5.40
CA GLY C 17 -23.32 22.91 4.33
C GLY C 17 -24.46 22.16 3.68
N THR C 18 -25.05 21.20 4.38
CA THR C 18 -26.16 20.36 3.88
C THR C 18 -27.49 21.02 4.21
N HIS C 19 -27.54 21.90 5.20
CA HIS C 19 -28.76 22.68 5.54
C HIS C 19 -28.37 24.11 5.79
N ALA C 20 -29.23 25.04 5.40
CA ALA C 20 -29.02 26.49 5.60
C ALA C 20 -30.40 27.14 5.80
N VAL C 21 -30.44 28.21 6.56
CA VAL C 21 -31.72 28.92 6.80
C VAL C 21 -31.39 30.41 6.95
N ARG C 22 -32.32 31.25 6.52
CA ARG C 22 -32.29 32.71 6.81
C ARG C 22 -33.53 33.02 7.64
N PRO C 23 -33.46 33.07 8.99
CA PRO C 23 -34.68 33.28 9.77
C PRO C 23 -35.19 34.73 9.57
N LYS C 24 -36.50 34.91 9.43
CA LYS C 24 -37.11 36.27 9.35
C LYS C 24 -36.72 37.06 10.61
N ARG C 25 -36.67 36.43 11.78
CA ARG C 25 -36.30 37.10 13.06
C ARG C 25 -35.20 36.30 13.75
N PHE C 26 -34.19 36.98 14.28
CA PHE C 26 -33.04 36.36 14.96
C PHE C 26 -32.81 37.10 16.27
N PHE C 27 -33.01 36.43 17.38
CA PHE C 27 -32.91 37.07 18.70
C PHE C 27 -31.63 36.56 19.38
N GLN C 28 -30.90 37.47 19.99
CA GLN C 28 -29.66 37.12 20.73
C GLN C 28 -29.66 37.86 22.05
N PRO C 29 -30.49 37.45 23.02
CA PRO C 29 -30.54 38.15 24.31
C PRO C 29 -29.25 38.06 25.13
N GLU C 30 -29.02 39.10 25.95
CA GLU C 30 -27.83 39.26 26.80
C GLU C 30 -28.15 38.89 28.25
N SER C 31 -29.42 38.72 28.58
CA SER C 31 -29.85 38.34 29.97
C SER C 31 -31.08 37.44 29.93
N VAL C 32 -31.33 36.75 31.03
CA VAL C 32 -32.55 35.94 31.27
C VAL C 32 -33.78 36.86 31.12
N GLU C 33 -33.73 38.05 31.74
CA GLU C 33 -34.87 39.00 31.74
C GLU C 33 -35.22 39.32 30.29
N GLU C 34 -34.21 39.57 29.46
CA GLU C 34 -34.45 39.89 28.03
C GLU C 34 -35.05 38.66 27.32
N LEU C 35 -34.53 37.46 27.62
CA LEU C 35 -35.07 36.21 27.01
C LEU C 35 -36.54 36.03 27.42
N GLU C 36 -36.85 36.17 28.72
CA GLU C 36 -38.23 36.01 29.27
C GLU C 36 -39.18 36.93 28.49
N LYS C 37 -38.75 38.16 28.22
CA LYS C 37 -39.55 39.17 27.49
C LYS C 37 -39.73 38.72 26.04
N ILE C 38 -38.68 38.20 25.40
CA ILE C 38 -38.78 37.70 24.00
C ILE C 38 -39.80 36.56 23.93
N VAL C 39 -39.75 35.63 24.88
CA VAL C 39 -40.61 34.41 24.84
C VAL C 39 -42.08 34.80 25.10
N LYS C 40 -42.32 35.64 26.11
CA LYS C 40 -43.67 36.16 26.48
C LYS C 40 -44.29 36.82 25.25
N GLU C 41 -43.54 37.72 24.60
CA GLU C 41 -44.09 38.50 23.46
C GLU C 41 -44.26 37.59 22.25
N ALA C 42 -43.32 36.68 21.99
CA ALA C 42 -43.48 35.71 20.88
C ALA C 42 -44.75 34.88 21.14
N HIS C 43 -44.96 34.42 22.38
CA HIS C 43 -46.14 33.59 22.75
C HIS C 43 -47.43 34.39 22.52
N GLU C 44 -47.48 35.62 23.04
CA GLU C 44 -48.67 36.54 22.87
C GLU C 44 -48.99 36.68 21.38
N LYS C 45 -47.99 36.85 20.52
CA LYS C 45 -48.19 37.12 19.07
C LYS C 45 -48.23 35.81 18.27
N GLY C 46 -47.97 34.67 18.91
CA GLY C 46 -47.89 33.40 18.16
C GLY C 46 -46.77 33.41 17.13
N GLN C 47 -45.64 34.04 17.45
CA GLN C 47 -44.47 34.08 16.52
C GLN C 47 -43.47 32.98 16.90
N LYS C 48 -42.98 32.25 15.88
CA LYS C 48 -41.94 31.20 16.02
C LYS C 48 -40.66 31.78 16.61
N ILE C 49 -40.08 31.10 17.60
CA ILE C 49 -38.74 31.37 18.19
C ILE C 49 -38.06 30.00 18.46
N ARG C 50 -37.55 29.37 17.43
CA ARG C 50 -36.88 28.06 17.59
C ARG C 50 -35.56 28.32 18.31
N PRO C 51 -35.25 27.65 19.44
CA PRO C 51 -33.94 27.81 20.07
C PRO C 51 -32.85 27.24 19.14
N VAL C 52 -31.71 27.93 19.08
CA VAL C 52 -30.53 27.51 18.29
C VAL C 52 -29.32 27.66 19.21
N GLY C 53 -28.44 26.66 19.19
CA GLY C 53 -27.11 26.79 19.79
C GLY C 53 -26.12 27.26 18.75
N SER C 54 -25.07 26.47 18.50
CA SER C 54 -24.06 26.80 17.46
C SER C 54 -24.62 26.54 16.07
N GLY C 55 -25.79 25.89 15.98
CA GLY C 55 -26.41 25.60 14.69
C GLY C 55 -25.65 24.55 13.90
N LEU C 56 -24.99 23.62 14.59
CA LEU C 56 -24.07 22.67 13.91
C LEU C 56 -24.75 21.33 13.62
N SER C 57 -25.96 21.06 14.12
CA SER C 57 -26.60 19.73 13.93
C SER C 57 -26.59 19.36 12.45
N PRO C 58 -26.11 18.16 12.09
CA PRO C 58 -26.14 17.69 10.69
C PRO C 58 -27.52 17.83 10.03
N ASN C 59 -28.61 17.73 10.77
CA ASN C 59 -29.98 17.68 10.16
C ASN C 59 -30.65 19.06 10.20
N GLY C 60 -29.98 20.10 10.68
CA GLY C 60 -30.59 21.45 10.83
C GLY C 60 -31.79 21.47 11.77
N LEU C 61 -31.77 20.67 12.82
CA LEU C 61 -32.86 20.52 13.83
C LEU C 61 -33.30 21.88 14.40
N ALA C 62 -32.36 22.80 14.63
CA ALA C 62 -32.62 24.13 15.26
C ALA C 62 -33.16 25.14 14.26
N PHE C 63 -33.25 24.82 12.97
CA PHE C 63 -33.43 25.85 11.92
C PHE C 63 -34.92 26.19 11.79
N SER C 64 -35.23 27.47 11.62
CA SER C 64 -36.59 27.96 11.30
C SER C 64 -36.49 29.19 10.40
N GLU C 65 -37.27 29.21 9.33
CA GLU C 65 -37.39 30.38 8.42
C GLU C 65 -38.11 31.52 9.15
N ASP C 66 -38.85 31.22 10.22
CA ASP C 66 -39.72 32.23 10.90
C ASP C 66 -38.93 32.96 11.96
N GLY C 67 -38.39 32.25 12.94
CA GLY C 67 -37.73 32.91 14.08
C GLY C 67 -36.83 31.94 14.80
N MET C 68 -35.66 32.42 15.22
CA MET C 68 -34.68 31.62 15.97
C MET C 68 -34.13 32.48 17.10
N VAL C 69 -33.93 31.90 18.26
CA VAL C 69 -33.33 32.60 19.42
C VAL C 69 -32.02 31.88 19.81
N SER C 70 -30.93 32.65 19.85
CA SER C 70 -29.57 32.20 20.24
C SER C 70 -29.27 32.73 21.65
N LEU C 71 -28.71 31.89 22.51
CA LEU C 71 -28.22 32.31 23.86
C LEU C 71 -26.68 32.46 23.85
N ALA C 72 -26.05 32.65 22.69
CA ALA C 72 -24.58 32.69 22.58
C ALA C 72 -24.00 33.77 23.51
N LEU C 73 -24.73 34.87 23.74
CA LEU C 73 -24.24 35.97 24.61
C LEU C 73 -24.42 35.63 26.09
N MET C 74 -25.13 34.53 26.40
CA MET C 74 -25.34 34.08 27.80
C MET C 74 -24.55 32.77 27.99
N ASP C 75 -23.29 32.92 28.38
CA ASP C 75 -22.27 31.86 28.25
C ASP C 75 -21.37 31.84 29.48
N LYS C 76 -21.82 32.39 30.61
CA LYS C 76 -20.99 32.45 31.84
C LYS C 76 -21.12 31.14 32.62
N VAL C 77 -20.03 30.69 33.22
CA VAL C 77 -20.06 29.74 34.35
C VAL C 77 -20.53 30.53 35.56
N LEU C 78 -21.66 30.19 36.17
CA LEU C 78 -22.26 30.98 37.26
C LEU C 78 -21.71 30.49 38.61
N HIS C 79 -21.45 29.19 38.74
CA HIS C 79 -21.14 28.58 40.05
C HIS C 79 -20.43 27.25 39.84
N VAL C 80 -19.41 26.99 40.67
CA VAL C 80 -18.79 25.66 40.82
C VAL C 80 -19.02 25.24 42.26
N ASP C 81 -19.57 24.05 42.44
CA ASP C 81 -19.76 23.40 43.76
C ASP C 81 -18.62 22.38 43.90
N LYS C 82 -17.54 22.78 44.59
CA LYS C 82 -16.30 21.97 44.75
C LYS C 82 -16.66 20.61 45.35
N GLU C 83 -17.48 20.60 46.40
CA GLU C 83 -17.79 19.38 47.19
C GLU C 83 -18.58 18.39 46.32
N LYS C 84 -19.60 18.87 45.60
CA LYS C 84 -20.45 18.01 44.74
C LYS C 84 -19.82 17.86 43.36
N LYS C 85 -18.72 18.56 43.06
CA LYS C 85 -18.05 18.53 41.72
C LYS C 85 -19.09 18.89 40.65
N GLN C 86 -19.84 19.96 40.87
CA GLN C 86 -20.92 20.37 39.94
C GLN C 86 -20.60 21.77 39.42
N VAL C 87 -20.99 22.02 38.18
CA VAL C 87 -20.88 23.39 37.59
C VAL C 87 -22.27 23.81 37.16
N THR C 88 -22.61 25.05 37.43
CA THR C 88 -23.82 25.73 36.91
C THR C 88 -23.38 26.72 35.85
N VAL C 89 -23.87 26.52 34.65
CA VAL C 89 -23.40 27.29 33.46
C VAL C 89 -24.63 27.78 32.71
N GLN C 90 -24.54 28.95 32.08
CA GLN C 90 -25.57 29.43 31.14
C GLN C 90 -25.51 28.55 29.90
N ALA C 91 -26.65 28.25 29.28
CA ALA C 91 -26.75 27.19 28.25
C ALA C 91 -26.10 27.66 26.94
N GLY C 92 -25.84 28.95 26.77
CA GLY C 92 -25.19 29.50 25.58
C GLY C 92 -23.69 29.25 25.55
N ALA C 93 -23.10 28.75 26.64
CA ALA C 93 -21.66 28.42 26.72
C ALA C 93 -21.37 27.30 25.74
N ARG C 94 -20.26 27.41 25.01
CA ARG C 94 -19.73 26.29 24.18
C ARG C 94 -19.07 25.30 25.13
N VAL C 95 -19.04 24.03 24.75
CA VAL C 95 -18.35 22.99 25.55
C VAL C 95 -16.93 23.48 25.87
N GLN C 96 -16.22 24.06 24.89
CA GLN C 96 -14.82 24.54 25.05
C GLN C 96 -14.75 25.59 26.17
N GLN C 97 -15.73 26.49 26.23
CA GLN C 97 -15.73 27.58 27.24
C GLN C 97 -15.89 26.95 28.61
N VAL C 98 -16.69 25.89 28.72
CA VAL C 98 -16.96 25.21 30.01
C VAL C 98 -15.67 24.52 30.44
N VAL C 99 -15.04 23.80 29.51
CA VAL C 99 -13.74 23.10 29.73
C VAL C 99 -12.70 24.10 30.26
N ASP C 100 -12.57 25.25 29.60
CA ASP C 100 -11.57 26.31 29.94
C ASP C 100 -11.88 26.86 31.34
N ALA C 101 -13.15 27.16 31.63
CA ALA C 101 -13.60 27.64 32.96
C ALA C 101 -13.36 26.59 34.04
N LEU C 102 -13.51 25.29 33.75
CA LEU C 102 -13.37 24.23 34.79
C LEU C 102 -11.90 23.92 35.09
N ARG C 103 -10.99 24.21 34.18
CA ARG C 103 -9.55 23.88 34.28
C ARG C 103 -9.01 24.31 35.65
N PRO C 104 -9.12 25.60 36.06
CA PRO C 104 -8.60 26.03 37.36
C PRO C 104 -9.34 25.44 38.57
N HIS C 105 -10.53 24.89 38.39
CA HIS C 105 -11.28 24.18 39.46
C HIS C 105 -10.91 22.70 39.50
N GLY C 106 -10.03 22.21 38.64
CA GLY C 106 -9.65 20.77 38.62
C GLY C 106 -10.78 19.86 38.18
N LEU C 107 -11.72 20.38 37.38
CA LEU C 107 -12.92 19.60 36.93
C LEU C 107 -12.96 19.49 35.41
N THR C 108 -13.68 18.46 34.91
CA THR C 108 -13.96 18.28 33.47
C THR C 108 -15.36 17.65 33.31
N LEU C 109 -15.81 17.50 32.07
CA LEU C 109 -17.10 16.84 31.78
C LEU C 109 -16.87 15.34 31.84
N GLN C 110 -17.91 14.60 32.16
CA GLN C 110 -17.85 13.12 32.24
C GLN C 110 -17.54 12.59 30.83
N ASN C 111 -18.02 13.29 29.80
CA ASN C 111 -17.76 12.84 28.40
C ASN C 111 -17.99 14.01 27.45
N PHE C 112 -17.53 13.83 26.22
CA PHE C 112 -17.50 14.83 25.13
C PHE C 112 -18.08 14.18 23.88
N ALA C 113 -18.60 15.00 22.99
CA ALA C 113 -19.23 14.55 21.74
C ALA C 113 -18.46 15.14 20.58
N SER C 114 -17.16 14.80 20.43
CA SER C 114 -16.22 15.24 19.36
C SER C 114 -16.30 16.73 19.67
N ILE C 115 -16.80 17.53 18.74
CA ILE C 115 -16.57 18.99 18.78
C ILE C 115 -16.90 19.85 20.00
N SER C 116 -15.96 20.70 20.36
CA SER C 116 -16.03 21.56 21.57
C SER C 116 -16.78 22.85 21.24
N GLU C 117 -17.13 23.09 19.97
CA GLU C 117 -17.73 24.38 19.53
C GLU C 117 -19.26 24.33 19.63
N GLN C 118 -19.83 23.19 19.98
CA GLN C 118 -21.29 23.10 20.22
C GLN C 118 -21.63 23.74 21.58
N GLN C 119 -22.84 24.25 21.74
CA GLN C 119 -23.28 24.88 23.00
C GLN C 119 -23.87 23.83 23.93
N ILE C 120 -23.84 24.09 25.24
CA ILE C 120 -24.40 23.20 26.29
C ILE C 120 -25.88 22.90 25.98
N GLY C 121 -26.69 23.89 25.58
CA GLY C 121 -28.10 23.66 25.23
C GLY C 121 -28.24 22.67 24.11
N GLY C 122 -27.50 22.88 23.02
CA GLY C 122 -27.53 22.01 21.82
C GLY C 122 -27.04 20.61 22.16
N PHE C 123 -26.07 20.52 23.05
CA PHE C 123 -25.37 19.28 23.51
C PHE C 123 -26.39 18.38 24.23
N ILE C 124 -27.13 18.94 25.21
CA ILE C 124 -28.07 18.13 26.04
C ILE C 124 -29.38 17.92 25.27
N GLN C 125 -29.83 18.87 24.45
CA GLN C 125 -31.23 18.83 23.93
C GLN C 125 -31.40 17.72 22.91
N VAL C 126 -30.29 17.22 22.35
CA VAL C 126 -30.32 16.11 21.35
C VAL C 126 -29.88 14.80 22.02
N GLY C 127 -29.41 14.85 23.26
CA GLY C 127 -28.92 13.63 23.92
C GLY C 127 -27.59 13.15 23.32
N ALA C 128 -26.65 14.06 23.11
CA ALA C 128 -25.34 13.78 22.49
C ALA C 128 -24.55 12.85 23.41
N HIS C 129 -23.55 12.22 22.85
CA HIS C 129 -22.79 11.16 23.58
C HIS C 129 -21.36 11.09 23.07
N GLY C 130 -20.50 10.55 23.90
CA GLY C 130 -19.18 10.03 23.50
C GLY C 130 -19.16 8.52 23.53
N THR C 131 -18.02 7.97 23.98
CA THR C 131 -17.88 6.51 24.11
C THR C 131 -17.55 6.16 25.56
N GLY C 132 -17.75 4.91 25.94
CA GLY C 132 -17.61 4.52 27.36
C GLY C 132 -18.83 3.72 27.76
N ALA C 133 -18.70 2.41 27.92
CA ALA C 133 -19.85 1.54 28.20
C ALA C 133 -20.50 1.86 29.56
N ARG C 134 -19.75 2.45 30.48
CA ARG C 134 -20.29 2.76 31.82
C ARG C 134 -20.61 4.26 31.89
N ILE C 135 -20.52 4.94 30.76
CA ILE C 135 -20.75 6.41 30.75
C ILE C 135 -22.00 6.71 29.93
N PRO C 136 -23.02 7.35 30.53
CA PRO C 136 -24.26 7.63 29.84
C PRO C 136 -24.15 8.76 28.81
N PRO C 137 -25.16 8.97 27.94
CA PRO C 137 -25.16 10.15 27.10
C PRO C 137 -25.17 11.41 27.97
N VAL C 138 -24.81 12.56 27.41
CA VAL C 138 -24.59 13.80 28.21
C VAL C 138 -25.85 14.38 28.86
N ASP C 139 -27.04 14.04 28.38
CA ASP C 139 -28.30 14.49 29.01
C ASP C 139 -28.33 13.98 30.46
N GLU C 140 -27.69 12.84 30.73
CA GLU C 140 -27.64 12.28 32.10
C GLU C 140 -26.62 12.99 32.98
N GLN C 141 -25.79 13.87 32.42
CA GLN C 141 -24.88 14.67 33.28
C GLN C 141 -25.68 15.79 33.94
N VAL C 142 -26.86 16.11 33.42
CA VAL C 142 -27.69 17.23 33.95
C VAL C 142 -28.31 16.85 35.30
N VAL C 143 -28.01 17.65 36.33
CA VAL C 143 -28.57 17.44 37.70
C VAL C 143 -29.77 18.39 37.86
N SER C 144 -29.65 19.59 37.29
CA SER C 144 -30.72 20.61 37.41
C SER C 144 -30.69 21.53 36.19
N MET C 145 -31.78 22.27 35.98
CA MET C 145 -31.85 23.18 34.82
C MET C 145 -32.90 24.25 35.04
N LYS C 146 -32.82 25.32 34.25
CA LYS C 146 -33.84 26.38 34.28
C LYS C 146 -34.33 26.48 32.84
N LEU C 147 -35.63 26.62 32.64
CA LEU C 147 -36.20 26.58 31.29
C LEU C 147 -37.24 27.70 31.17
N VAL C 148 -37.12 28.55 30.15
CA VAL C 148 -38.16 29.58 29.90
C VAL C 148 -39.24 28.94 29.01
N THR C 149 -40.45 28.80 29.54
CA THR C 149 -41.55 28.15 28.81
C THR C 149 -42.55 29.17 28.33
N PRO C 150 -43.08 29.04 27.09
CA PRO C 150 -44.14 29.93 26.64
C PRO C 150 -45.35 30.01 27.58
N ALA C 151 -45.76 28.89 28.19
CA ALA C 151 -47.00 28.87 29.02
C ALA C 151 -46.78 29.23 30.49
N LYS C 152 -45.61 28.92 31.05
CA LYS C 152 -45.45 29.10 32.52
C LYS C 152 -44.24 29.97 32.88
N GLY C 153 -43.58 30.57 31.89
CA GLY C 153 -42.37 31.34 32.18
C GLY C 153 -41.21 30.49 32.64
N THR C 154 -40.31 31.05 33.43
CA THR C 154 -39.10 30.32 33.86
C THR C 154 -39.44 29.29 34.95
N ILE C 155 -39.10 28.04 34.70
CA ILE C 155 -39.37 26.95 35.68
C ILE C 155 -38.05 26.25 36.02
N GLU C 156 -37.90 25.78 37.26
CA GLU C 156 -36.68 25.03 37.67
C GLU C 156 -37.01 23.55 37.68
N LEU C 157 -36.13 22.74 37.08
CA LEU C 157 -36.39 21.29 36.98
C LEU C 157 -35.18 20.55 37.53
N SER C 158 -35.41 19.43 38.20
CA SER C 158 -34.33 18.63 38.81
C SER C 158 -34.90 17.27 39.18
N GLU C 159 -34.09 16.40 39.78
CA GLU C 159 -34.61 15.10 40.25
C GLU C 159 -35.53 15.33 41.43
N GLU C 160 -35.42 16.49 42.07
CA GLU C 160 -36.24 16.81 43.27
C GLU C 160 -37.36 17.78 42.89
N LYS C 161 -37.29 18.40 41.71
CA LYS C 161 -38.34 19.35 41.25
C LYS C 161 -38.92 18.85 39.93
N ASP C 162 -40.07 18.21 39.97
CA ASP C 162 -40.69 17.59 38.77
C ASP C 162 -39.70 16.74 37.98
N PRO C 163 -39.23 15.61 38.53
CA PRO C 163 -38.30 14.73 37.83
C PRO C 163 -38.79 14.27 36.46
N GLU C 164 -40.09 14.02 36.32
CA GLU C 164 -40.62 13.52 35.04
C GLU C 164 -40.45 14.58 33.95
N LEU C 165 -40.85 15.82 34.22
CA LEU C 165 -40.65 16.93 33.24
C LEU C 165 -39.15 17.17 33.05
N PHE C 166 -38.40 17.13 34.14
CA PHE C 166 -36.93 17.31 34.06
C PHE C 166 -36.33 16.33 33.05
N ARG C 167 -36.64 15.04 33.19
CA ARG C 167 -36.00 14.03 32.31
C ARG C 167 -36.46 14.20 30.86
N LEU C 168 -37.66 14.72 30.63
CA LEU C 168 -38.13 14.98 29.26
C LEU C 168 -37.47 16.24 28.72
N ALA C 169 -37.51 17.33 29.47
CA ALA C 169 -37.03 18.64 29.00
C ALA C 169 -35.52 18.74 28.82
N ARG C 170 -34.74 18.03 29.64
CA ARG C 170 -33.27 18.02 29.49
C ARG C 170 -32.86 17.50 28.10
N CYS C 171 -33.65 16.60 27.51
CA CYS C 171 -33.41 16.08 26.15
C CYS C 171 -34.68 16.39 25.37
N GLY C 172 -35.04 17.66 25.28
CA GLY C 172 -36.35 18.03 24.71
C GLY C 172 -36.35 18.60 23.30
N LEU C 173 -35.28 18.46 22.55
CA LEU C 173 -35.23 18.88 21.12
C LEU C 173 -35.67 20.34 20.96
N GLY C 174 -35.44 21.18 21.99
CA GLY C 174 -35.83 22.60 21.95
C GLY C 174 -37.31 22.82 21.80
N ALA C 175 -38.14 21.84 22.15
CA ALA C 175 -39.58 21.94 21.90
C ALA C 175 -40.35 22.21 23.18
N LEU C 176 -39.68 22.17 24.33
CA LEU C 176 -40.37 22.29 25.64
C LEU C 176 -40.02 23.60 26.34
N GLY C 177 -39.03 24.33 25.84
CA GLY C 177 -38.61 25.57 26.49
C GLY C 177 -37.21 26.00 26.09
N VAL C 178 -36.87 27.25 26.39
CA VAL C 178 -35.50 27.74 26.13
C VAL C 178 -34.67 27.54 27.38
N VAL C 179 -33.74 26.59 27.33
CA VAL C 179 -32.88 26.29 28.51
C VAL C 179 -31.99 27.52 28.72
N THR C 180 -31.96 28.02 29.94
CA THR C 180 -31.15 29.22 30.27
C THR C 180 -29.94 28.81 31.09
N GLU C 181 -30.07 27.77 31.89
CA GLU C 181 -29.01 27.41 32.84
C GLU C 181 -29.06 25.91 33.08
N VAL C 182 -27.90 25.27 33.22
CA VAL C 182 -27.82 23.81 33.44
C VAL C 182 -26.80 23.57 34.54
N THR C 183 -27.07 22.65 35.46
CA THR C 183 -26.05 22.25 36.45
C THR C 183 -25.60 20.85 36.03
N LEU C 184 -24.32 20.67 35.76
CA LEU C 184 -23.81 19.38 35.27
C LEU C 184 -22.96 18.67 36.34
N GLN C 185 -23.07 17.34 36.41
CA GLN C 185 -22.22 16.56 37.33
C GLN C 185 -20.88 16.35 36.66
N CYS C 186 -19.87 17.05 37.15
CA CYS C 186 -18.52 16.95 36.56
C CYS C 186 -17.72 15.84 37.23
N VAL C 187 -16.56 15.54 36.68
CA VAL C 187 -15.65 14.53 37.27
C VAL C 187 -14.31 15.25 37.42
N PRO C 188 -13.35 14.74 38.23
CA PRO C 188 -12.05 15.37 38.31
C PRO C 188 -11.32 15.50 36.97
N ARG C 189 -10.69 16.65 36.73
CA ARG C 189 -9.87 16.85 35.52
C ARG C 189 -8.78 15.78 35.55
N HIS C 190 -8.56 15.11 34.44
CA HIS C 190 -7.60 13.98 34.46
C HIS C 190 -7.02 13.75 33.07
N LYS C 191 -5.89 13.09 33.03
CA LYS C 191 -5.24 12.77 31.75
C LYS C 191 -5.68 11.38 31.33
N LEU C 192 -5.76 11.15 30.03
CA LEU C 192 -6.12 9.81 29.52
C LEU C 192 -4.97 9.27 28.68
N LEU C 193 -4.73 7.97 28.78
CA LEU C 193 -3.74 7.32 27.90
C LEU C 193 -4.54 6.70 26.75
N GLU C 194 -4.29 7.17 25.54
CA GLU C 194 -5.04 6.66 24.36
C GLU C 194 -4.19 5.63 23.62
N HIS C 195 -4.70 4.41 23.47
CA HIS C 195 -4.01 3.37 22.69
C HIS C 195 -4.74 3.13 21.38
N THR C 196 -4.05 3.38 20.26
CA THR C 196 -4.63 3.08 18.94
C THR C 196 -3.97 1.82 18.41
N PHE C 197 -4.75 0.87 17.91
CA PHE C 197 -4.18 -0.36 17.35
C PHE C 197 -5.12 -0.95 16.32
N VAL C 198 -4.59 -1.81 15.46
CA VAL C 198 -5.40 -2.38 14.37
C VAL C 198 -5.67 -3.84 14.69
N ALA C 199 -6.84 -4.33 14.29
CA ALA C 199 -7.20 -5.74 14.52
C ALA C 199 -8.10 -6.23 13.41
N THR C 200 -8.26 -7.55 13.31
CA THR C 200 -9.20 -8.15 12.33
C THR C 200 -10.52 -8.34 13.06
N MET C 201 -11.59 -8.68 12.34
CA MET C 201 -12.90 -8.95 12.99
C MET C 201 -12.73 -10.10 13.98
N LYS C 202 -11.95 -11.12 13.60
CA LYS C 202 -11.79 -12.30 14.47
C LYS C 202 -11.18 -11.88 15.79
N GLU C 203 -10.12 -11.08 15.74
CA GLU C 203 -9.44 -10.66 16.99
C GLU C 203 -10.38 -9.79 17.81
N VAL C 204 -11.14 -8.91 17.14
CA VAL C 204 -12.11 -8.01 17.83
C VAL C 204 -13.11 -8.88 18.57
N LYS C 205 -13.72 -9.85 17.90
CA LYS C 205 -14.75 -10.73 18.51
C LYS C 205 -14.22 -11.44 19.75
N LYS C 206 -12.95 -11.84 19.73
CA LYS C 206 -12.37 -12.62 20.85
C LYS C 206 -12.20 -11.77 22.10
N ASN C 207 -11.69 -10.56 21.97
CA ASN C 207 -11.37 -9.74 23.17
C ASN C 207 -12.46 -8.69 23.47
N HIS C 208 -13.52 -8.63 22.68
CA HIS C 208 -14.54 -7.55 22.78
C HIS C 208 -15.18 -7.34 24.15
N GLU C 209 -15.87 -8.34 24.69
CA GLU C 209 -16.65 -8.12 25.93
C GLU C 209 -15.77 -7.68 27.09
N LYS C 210 -14.57 -8.23 27.17
CA LYS C 210 -13.66 -7.79 28.24
C LYS C 210 -13.14 -6.37 27.95
N LEU C 211 -12.72 -6.11 26.72
CA LEU C 211 -12.20 -4.76 26.34
C LEU C 211 -13.22 -3.70 26.73
N LEU C 212 -14.50 -3.95 26.47
CA LEU C 212 -15.58 -2.98 26.76
C LEU C 212 -15.68 -2.73 28.27
N ARG C 213 -15.50 -3.77 29.07
CA ARG C 213 -15.71 -3.62 30.53
C ARG C 213 -14.42 -3.20 31.23
N GLU C 214 -13.26 -3.46 30.63
CA GLU C 214 -11.97 -3.19 31.31
C GLU C 214 -11.37 -1.84 30.87
N ASN C 215 -11.90 -1.23 29.82
CA ASN C 215 -11.37 0.06 29.33
C ASN C 215 -12.43 1.15 29.48
N LYS C 216 -12.03 2.32 29.99
CA LYS C 216 -13.01 3.40 30.25
C LYS C 216 -13.68 3.81 28.94
N HIS C 217 -12.87 4.08 27.93
CA HIS C 217 -13.41 4.47 26.61
C HIS C 217 -12.93 3.50 25.55
N VAL C 218 -13.84 2.98 24.73
CA VAL C 218 -13.48 2.09 23.60
C VAL C 218 -14.27 2.55 22.38
N ARG C 219 -13.61 2.74 21.25
CA ARG C 219 -14.24 3.13 19.98
C ARG C 219 -13.61 2.25 18.92
N TYR C 220 -14.41 1.71 18.01
CA TYR C 220 -13.93 1.02 16.80
C TYR C 220 -14.18 1.90 15.57
N MET C 221 -13.19 1.93 14.69
CA MET C 221 -13.34 2.51 13.34
C MET C 221 -13.23 1.36 12.34
N TRP C 222 -14.37 0.90 11.85
CA TRP C 222 -14.48 -0.17 10.84
C TRP C 222 -14.18 0.42 9.46
N ILE C 223 -13.32 -0.27 8.70
CA ILE C 223 -12.92 0.17 7.34
C ILE C 223 -13.57 -0.76 6.33
N PRO C 224 -14.63 -0.30 5.65
CA PRO C 224 -15.36 -1.16 4.71
C PRO C 224 -14.41 -1.65 3.60
N TYR C 225 -14.69 -2.85 3.09
CA TYR C 225 -13.94 -3.54 2.01
C TYR C 225 -12.53 -3.91 2.47
N THR C 226 -12.28 -3.97 3.78
CA THR C 226 -11.00 -4.43 4.36
C THR C 226 -11.33 -5.26 5.60
N ASP C 227 -10.35 -5.96 6.15
CA ASP C 227 -10.50 -6.66 7.45
C ASP C 227 -9.64 -5.93 8.46
N THR C 228 -9.59 -4.61 8.36
CA THR C 228 -8.96 -3.72 9.37
C THR C 228 -10.07 -3.04 10.18
N VAL C 229 -10.03 -3.25 11.48
CA VAL C 229 -10.77 -2.45 12.49
C VAL C 229 -9.73 -1.70 13.29
N VAL C 230 -9.89 -0.38 13.38
CA VAL C 230 -9.00 0.46 14.21
C VAL C 230 -9.65 0.53 15.59
N VAL C 231 -8.93 0.06 16.60
CA VAL C 231 -9.42 0.08 18.02
C VAL C 231 -8.72 1.22 18.73
N VAL C 232 -9.49 2.06 19.41
CA VAL C 232 -8.95 3.17 20.23
C VAL C 232 -9.51 3.01 21.65
N THR C 233 -8.62 2.83 22.63
CA THR C 233 -9.00 2.76 24.06
C THR C 233 -8.40 3.97 24.74
N CYS C 234 -9.10 4.51 25.73
CA CYS C 234 -8.61 5.60 26.60
C CYS C 234 -8.88 5.18 28.04
N ASN C 235 -7.89 5.38 28.91
CA ASN C 235 -7.93 4.99 30.34
C ASN C 235 -7.24 6.08 31.13
N PRO C 236 -7.72 6.35 32.39
CA PRO C 236 -6.95 7.36 33.10
C PRO C 236 -5.51 6.98 33.35
N LEU C 237 -4.63 7.95 33.25
CA LEU C 237 -3.21 7.73 33.42
C LEU C 237 -2.86 8.22 34.79
N PRO C 238 -2.43 7.33 35.66
CA PRO C 238 -1.97 7.76 36.97
C PRO C 238 -1.10 9.02 36.93
N PRO C 248 8.43 -0.13 14.77
CA PRO C 248 8.99 1.16 14.29
C PRO C 248 7.96 2.30 14.38
N GLN C 249 8.37 3.49 14.85
CA GLN C 249 7.55 4.74 14.82
C GLN C 249 7.63 5.30 13.38
N TYR C 250 6.48 5.58 12.76
CA TYR C 250 6.36 6.08 11.36
C TYR C 250 6.19 7.60 11.38
N SER C 251 6.94 8.29 10.52
CA SER C 251 6.82 9.75 10.25
C SER C 251 5.41 10.01 9.70
N GLU C 252 4.97 11.26 9.74
CA GLU C 252 3.70 11.66 9.07
C GLU C 252 3.80 11.28 7.59
N ASP C 253 4.94 11.60 6.97
CA ASP C 253 5.19 11.33 5.53
C ASP C 253 5.00 9.84 5.26
N GLU C 254 5.50 8.98 6.15
CA GLU C 254 5.39 7.52 5.90
C GLU C 254 3.96 7.05 6.14
N LYS C 255 3.29 7.55 7.20
CA LYS C 255 1.87 7.20 7.44
C LYS C 255 1.00 7.60 6.24
N LEU C 256 1.26 8.75 5.65
CA LEU C 256 0.43 9.31 4.54
C LEU C 256 0.82 8.72 3.18
N GLN C 257 2.02 8.10 3.07
CA GLN C 257 2.55 7.52 1.80
C GLN C 257 1.48 6.74 1.01
N PRO C 258 0.74 5.78 1.61
CA PRO C 258 -0.21 4.97 0.84
C PRO C 258 -1.30 5.84 0.18
N LEU C 259 -1.77 6.87 0.89
CA LEU C 259 -2.81 7.80 0.38
C LEU C 259 -2.20 8.72 -0.68
N ARG C 260 -1.02 9.29 -0.41
CA ARG C 260 -0.31 10.18 -1.37
C ARG C 260 0.00 9.41 -2.65
N ASN C 261 0.49 8.18 -2.56
CA ASN C 261 0.86 7.38 -3.76
C ASN C 261 -0.42 7.13 -4.58
N LEU C 262 -1.54 6.78 -3.92
CA LEU C 262 -2.81 6.46 -4.63
C LEU C 262 -3.34 7.74 -5.33
N LEU C 263 -3.17 8.91 -4.71
CA LEU C 263 -3.69 10.17 -5.29
C LEU C 263 -2.84 10.58 -6.50
N ARG C 264 -1.52 10.34 -6.47
CA ARG C 264 -0.59 10.64 -7.59
C ARG C 264 -1.00 9.84 -8.83
N GLU C 265 -1.41 8.58 -8.66
CA GLU C 265 -1.97 7.73 -9.75
C GLU C 265 -3.21 8.36 -10.42
N ALA C 266 -4.03 9.13 -9.67
CA ALA C 266 -5.34 9.67 -10.14
C ALA C 266 -5.17 11.03 -10.82
N GLU C 286 -0.92 21.32 -3.94
CA GLU C 286 0.29 20.51 -3.65
C GLU C 286 -0.09 19.37 -2.70
N VAL C 287 -0.03 18.13 -3.20
CA VAL C 287 -0.39 16.87 -2.48
C VAL C 287 0.22 16.91 -1.08
N SER C 288 1.50 17.27 -0.96
CA SER C 288 2.29 17.15 0.30
C SER C 288 1.76 18.10 1.38
N GLY C 289 0.96 19.12 1.02
CA GLY C 289 0.38 20.06 1.99
C GLY C 289 -0.84 19.52 2.69
N LEU C 290 -1.47 18.47 2.13
CA LEU C 290 -2.80 18.00 2.58
C LEU C 290 -2.66 17.15 3.84
N SER C 291 -3.53 17.40 4.82
CA SER C 291 -3.73 16.58 6.03
C SER C 291 -4.27 15.21 5.59
N PHE C 292 -4.26 14.24 6.50
CA PHE C 292 -4.91 12.92 6.31
C PHE C 292 -6.34 13.12 5.76
N THR C 293 -7.17 13.98 6.38
CA THR C 293 -8.62 14.12 6.04
C THR C 293 -8.74 14.80 4.67
N GLU C 294 -7.84 15.72 4.33
CA GLU C 294 -7.85 16.40 3.01
C GLU C 294 -7.43 15.41 1.93
N LEU C 295 -6.51 14.49 2.24
CA LEU C 295 -6.08 13.43 1.29
C LEU C 295 -7.26 12.49 1.02
N ARG C 296 -7.98 12.02 2.06
CA ARG C 296 -9.16 11.13 1.88
C ARG C 296 -10.19 11.87 1.02
N ASP C 297 -10.44 13.17 1.29
CA ASP C 297 -11.42 13.96 0.48
C ASP C 297 -10.94 14.00 -0.98
N ALA C 298 -9.68 14.37 -1.23
CA ALA C 298 -9.14 14.54 -2.60
C ALA C 298 -9.20 13.21 -3.34
N LEU C 299 -8.95 12.10 -2.65
CA LEU C 299 -9.04 10.75 -3.25
C LEU C 299 -10.49 10.46 -3.63
N LEU C 300 -11.43 10.64 -2.70
CA LEU C 300 -12.85 10.29 -2.92
C LEU C 300 -13.42 11.16 -4.05
N ALA C 301 -12.98 12.42 -4.13
CA ALA C 301 -13.42 13.41 -5.14
C ALA C 301 -13.17 12.90 -6.56
N VAL C 302 -12.18 12.03 -6.75
CA VAL C 302 -11.85 11.46 -8.08
C VAL C 302 -13.08 10.71 -8.62
N ASP C 303 -13.75 9.92 -7.78
CA ASP C 303 -14.84 9.01 -8.25
C ASP C 303 -15.60 8.49 -7.02
N PRO C 304 -16.36 9.36 -6.32
CA PRO C 304 -16.82 9.06 -4.97
C PRO C 304 -17.85 7.92 -4.90
N LEU C 305 -18.54 7.66 -6.01
CA LEU C 305 -19.62 6.64 -6.04
C LEU C 305 -19.16 5.39 -6.80
N ASP C 306 -17.88 5.29 -7.15
CA ASP C 306 -17.32 4.08 -7.80
C ASP C 306 -16.81 3.13 -6.71
N THR C 307 -17.46 2.00 -6.53
CA THR C 307 -17.21 1.08 -5.39
C THR C 307 -15.78 0.51 -5.50
N GLU C 308 -15.30 0.23 -6.71
CA GLU C 308 -13.94 -0.33 -6.89
C GLU C 308 -12.92 0.74 -6.48
N TRP C 309 -13.17 2.00 -6.81
CA TRP C 309 -12.26 3.11 -6.43
C TRP C 309 -12.32 3.27 -4.90
N VAL C 310 -13.53 3.28 -4.33
CA VAL C 310 -13.67 3.50 -2.86
C VAL C 310 -12.93 2.37 -2.13
N LYS C 311 -13.02 1.13 -2.64
CA LYS C 311 -12.25 -0.03 -2.10
C LYS C 311 -10.78 0.36 -1.97
N ARG C 312 -10.20 0.93 -3.03
CA ARG C 312 -8.76 1.27 -3.11
C ARG C 312 -8.47 2.39 -2.11
N VAL C 313 -9.37 3.38 -2.00
CA VAL C 313 -9.19 4.48 -1.02
C VAL C 313 -9.21 3.89 0.39
N ASN C 314 -10.17 3.00 0.67
CA ASN C 314 -10.31 2.38 2.02
C ASN C 314 -9.09 1.53 2.36
N GLN C 315 -8.51 0.84 1.37
CA GLN C 315 -7.29 0.00 1.53
C GLN C 315 -6.12 0.88 1.94
N ALA C 316 -5.93 2.02 1.25
CA ALA C 316 -4.86 2.98 1.57
C ALA C 316 -5.07 3.51 2.99
N GLU C 317 -6.31 3.87 3.33
CA GLU C 317 -6.65 4.38 4.67
C GLU C 317 -6.30 3.30 5.71
N ALA C 318 -6.62 2.04 5.46
CA ALA C 318 -6.29 0.94 6.40
C ALA C 318 -4.76 0.90 6.63
N GLU C 319 -3.97 1.10 5.58
CA GLU C 319 -2.49 1.13 5.70
C GLU C 319 -2.05 2.32 6.57
N PHE C 320 -2.65 3.50 6.39
CA PHE C 320 -2.38 4.67 7.25
C PHE C 320 -2.60 4.27 8.72
N TRP C 321 -3.71 3.59 9.03
CA TRP C 321 -4.08 3.28 10.44
C TRP C 321 -3.12 2.20 10.98
N LYS C 322 -2.70 1.26 10.15
CA LYS C 322 -1.68 0.25 10.55
C LYS C 322 -0.38 0.96 10.92
N ARG C 323 -0.05 2.06 10.24
CA ARG C 323 1.19 2.82 10.53
C ARG C 323 0.94 3.83 11.66
N SER C 324 -0.25 3.84 12.25
CA SER C 324 -0.64 4.85 13.26
C SER C 324 -0.85 4.18 14.60
N GLU C 325 -0.40 2.94 14.77
CA GLU C 325 -0.52 2.25 16.09
C GLU C 325 0.33 2.99 17.10
N GLY C 326 -0.12 3.11 18.35
CA GLY C 326 0.68 3.76 19.38
C GLY C 326 -0.14 4.36 20.50
N TYR C 327 0.50 5.22 21.28
CA TYR C 327 -0.03 5.77 22.54
C TYR C 327 0.09 7.29 22.44
N ARG C 328 -0.93 8.02 22.91
CA ARG C 328 -0.86 9.48 23.17
C ARG C 328 -1.29 9.68 24.62
N VAL C 329 -0.91 10.80 25.22
CA VAL C 329 -1.37 11.24 26.56
C VAL C 329 -1.84 12.66 26.40
N GLY C 330 -2.99 12.99 26.99
CA GLY C 330 -3.53 14.36 27.04
C GLY C 330 -4.62 14.45 28.09
N TRP C 331 -5.00 15.67 28.45
CA TRP C 331 -6.21 15.93 29.27
C TRP C 331 -7.40 15.31 28.53
N SER C 332 -8.39 14.79 29.25
CA SER C 332 -9.54 14.03 28.67
C SER C 332 -10.22 14.85 27.57
N ASP C 333 -10.33 16.17 27.73
CA ASP C 333 -11.02 17.03 26.72
C ASP C 333 -10.24 17.02 25.41
N GLU C 334 -8.93 16.88 25.47
CA GLU C 334 -8.06 16.94 24.26
C GLU C 334 -8.14 15.57 23.58
N ILE C 335 -8.13 14.51 24.38
CA ILE C 335 -8.06 13.11 23.87
C ILE C 335 -9.43 12.69 23.33
N LEU C 336 -10.52 13.08 23.99
CA LEU C 336 -11.89 12.65 23.57
C LEU C 336 -12.46 13.61 22.52
N GLY C 337 -11.87 14.80 22.36
CA GLY C 337 -12.33 15.86 21.45
C GLY C 337 -11.61 15.81 20.11
N PHE C 338 -12.30 16.21 19.03
CA PHE C 338 -11.78 16.15 17.63
C PHE C 338 -12.19 17.45 16.92
N ASP C 339 -11.38 17.92 15.97
CA ASP C 339 -11.70 19.13 15.17
C ASP C 339 -12.76 18.78 14.14
N CYS C 340 -12.85 17.49 13.76
CA CYS C 340 -13.86 16.88 12.84
C CYS C 340 -14.14 17.73 11.59
N GLY C 341 -13.12 18.11 10.81
CA GLY C 341 -13.17 19.24 9.87
C GLY C 341 -13.84 19.00 8.53
N GLY C 342 -14.02 17.76 8.04
CA GLY C 342 -14.59 17.51 6.70
C GLY C 342 -16.02 18.03 6.52
N GLN C 343 -16.57 18.02 5.30
CA GLN C 343 -18.04 18.09 5.07
C GLN C 343 -18.51 16.67 4.73
N GLN C 344 -19.66 16.28 5.27
CA GLN C 344 -20.12 14.86 5.20
C GLN C 344 -21.61 14.73 5.47
N TRP C 345 -22.17 13.62 5.01
CA TRP C 345 -23.46 13.03 5.44
C TRP C 345 -23.16 12.00 6.51
N VAL C 346 -23.84 12.08 7.65
CA VAL C 346 -23.73 11.03 8.71
C VAL C 346 -25.11 10.55 9.10
N SER C 347 -25.19 9.28 9.49
CA SER C 347 -26.34 8.68 10.17
C SER C 347 -25.80 7.88 11.33
N GLU C 348 -26.34 8.06 12.53
CA GLU C 348 -25.89 7.29 13.70
C GLU C 348 -27.14 6.74 14.38
N VAL C 349 -27.09 5.47 14.80
CA VAL C 349 -28.17 4.81 15.56
C VAL C 349 -27.59 4.27 16.87
N ALA C 350 -28.38 4.33 17.93
CA ALA C 350 -28.22 3.65 19.23
C ALA C 350 -29.09 2.38 19.23
N PHE C 351 -28.55 1.25 19.68
CA PHE C 351 -29.33 0.00 19.85
C PHE C 351 -28.81 -0.75 21.07
N PRO C 352 -29.70 -1.47 21.79
CA PRO C 352 -29.33 -2.11 23.05
C PRO C 352 -28.40 -3.28 22.76
N ALA C 353 -27.40 -3.42 23.63
CA ALA C 353 -26.39 -4.49 23.60
C ALA C 353 -26.22 -4.98 25.04
N GLY C 354 -27.35 -5.41 25.62
CA GLY C 354 -27.39 -6.02 26.96
C GLY C 354 -27.07 -5.03 28.06
N THR C 355 -26.36 -5.53 29.06
CA THR C 355 -26.02 -4.85 30.33
C THR C 355 -24.58 -5.20 30.68
N LEU C 356 -24.01 -4.48 31.63
CA LEU C 356 -22.66 -4.77 32.17
C LEU C 356 -22.61 -6.25 32.60
N GLU C 357 -23.64 -6.74 33.30
CA GLU C 357 -23.69 -8.12 33.86
C GLU C 357 -24.08 -9.12 32.77
N LYS C 358 -24.97 -8.77 31.85
CA LYS C 358 -25.44 -9.73 30.81
C LYS C 358 -25.05 -9.20 29.44
N PRO C 359 -23.79 -9.45 29.01
CA PRO C 359 -23.32 -9.05 27.68
C PRO C 359 -24.20 -9.55 26.54
N SER C 360 -24.34 -8.76 25.49
CA SER C 360 -25.01 -9.17 24.23
C SER C 360 -24.01 -9.11 23.08
N ALA C 361 -24.18 -10.00 22.10
CA ALA C 361 -23.37 -10.03 20.87
C ALA C 361 -24.00 -9.12 19.81
N ALA C 362 -25.13 -8.46 20.09
CA ALA C 362 -25.89 -7.65 19.12
C ALA C 362 -24.96 -6.62 18.46
N ASP C 363 -24.01 -6.04 19.19
CA ASP C 363 -23.15 -4.94 18.68
C ASP C 363 -22.22 -5.47 17.58
N LEU C 364 -21.56 -6.60 17.80
CA LEU C 364 -20.69 -7.24 16.76
C LEU C 364 -21.55 -7.83 15.65
N GLU C 365 -22.69 -8.44 15.97
CA GLU C 365 -23.57 -9.05 14.93
C GLU C 365 -24.07 -7.93 14.01
N TYR C 366 -24.40 -6.76 14.55
CA TYR C 366 -24.87 -5.62 13.71
C TYR C 366 -23.79 -5.31 12.67
N MET C 367 -22.53 -5.21 13.11
CA MET C 367 -21.41 -4.78 12.24
C MET C 367 -21.15 -5.86 11.17
N GLU C 368 -21.19 -7.13 11.57
CA GLU C 368 -21.12 -8.30 10.64
C GLU C 368 -22.16 -8.11 9.55
N GLU C 369 -23.43 -7.91 9.92
CA GLU C 369 -24.52 -7.80 8.91
C GLU C 369 -24.31 -6.52 8.09
N LEU C 370 -23.85 -5.43 8.71
CA LEU C 370 -23.66 -4.15 7.98
C LEU C 370 -22.56 -4.32 6.92
N MET C 371 -21.41 -4.89 7.29
CA MET C 371 -20.31 -5.16 6.32
C MET C 371 -20.83 -6.08 5.21
N ARG C 372 -21.57 -7.13 5.53
CA ARG C 372 -22.18 -8.04 4.51
C ARG C 372 -23.10 -7.23 3.59
N LEU C 373 -23.97 -6.39 4.14
CA LEU C 373 -24.94 -5.54 3.38
C LEU C 373 -24.17 -4.62 2.42
N ILE C 374 -23.09 -3.99 2.87
CA ILE C 374 -22.32 -3.03 2.03
C ILE C 374 -21.72 -3.78 0.84
N ASN C 375 -21.07 -4.92 1.09
CA ASN C 375 -20.47 -5.80 0.05
C ASN C 375 -21.55 -6.29 -0.91
N LYS C 376 -22.60 -6.93 -0.38
CA LYS C 376 -23.71 -7.53 -1.19
C LYS C 376 -24.26 -6.46 -2.13
N GLU C 377 -24.48 -5.24 -1.64
CA GLU C 377 -25.24 -4.19 -2.39
C GLU C 377 -24.26 -3.31 -3.17
N GLY C 378 -22.94 -3.51 -3.04
CA GLY C 378 -21.91 -2.67 -3.71
C GLY C 378 -22.03 -1.21 -3.31
N ILE C 379 -22.23 -0.93 -2.02
CA ILE C 379 -22.31 0.49 -1.54
C ILE C 379 -20.90 1.06 -1.56
N PRO C 380 -20.71 2.25 -2.19
CA PRO C 380 -19.41 2.93 -2.15
C PRO C 380 -19.16 3.60 -0.79
N ALA C 381 -19.10 2.78 0.25
CA ALA C 381 -19.03 3.20 1.67
C ALA C 381 -17.58 3.51 2.03
N PRO C 382 -17.22 4.79 2.28
CA PRO C 382 -15.89 5.11 2.76
C PRO C 382 -15.79 4.85 4.27
N ALA C 383 -14.61 5.13 4.84
CA ALA C 383 -14.28 4.88 6.25
C ALA C 383 -14.35 6.20 7.02
N PRO C 384 -14.54 6.17 8.35
CA PRO C 384 -14.88 4.94 9.07
C PRO C 384 -16.38 4.77 9.32
N ILE C 385 -16.79 3.52 9.50
CA ILE C 385 -18.06 3.24 10.19
C ILE C 385 -17.68 3.23 11.67
N GLU C 386 -18.09 4.24 12.41
CA GLU C 386 -17.63 4.49 13.79
C GLU C 386 -18.59 3.79 14.74
N GLN C 387 -18.04 3.02 15.67
CA GLN C 387 -18.81 2.26 16.65
C GLN C 387 -18.39 2.70 18.04
N ARG C 388 -19.36 3.11 18.84
CA ARG C 388 -19.15 3.58 20.22
C ARG C 388 -20.14 2.89 21.14
N TRP C 389 -19.98 3.08 22.44
CA TRP C 389 -20.88 2.52 23.47
C TRP C 389 -21.18 3.59 24.51
N THR C 390 -22.41 3.56 25.01
CA THR C 390 -22.82 4.36 26.18
C THR C 390 -23.58 3.46 27.15
N ALA C 391 -23.64 3.88 28.40
CA ALA C 391 -24.68 3.42 29.34
C ALA C 391 -26.02 3.93 28.83
N GLY C 392 -27.10 3.38 29.42
CA GLY C 392 -28.46 3.86 29.18
C GLY C 392 -28.63 5.27 29.68
N SER C 393 -29.65 5.95 29.18
CA SER C 393 -30.13 7.24 29.72
C SER C 393 -31.53 7.03 30.29
N SER C 394 -31.85 7.70 31.39
CA SER C 394 -33.22 7.76 31.95
C SER C 394 -34.05 8.83 31.24
N SER C 395 -33.49 9.62 30.30
CA SER C 395 -34.28 10.62 29.53
C SER C 395 -35.12 9.86 28.51
N PRO C 396 -36.48 9.93 28.57
CA PRO C 396 -37.32 9.14 27.66
C PRO C 396 -37.09 9.39 26.16
N MET C 397 -36.61 10.56 25.78
CA MET C 397 -36.35 10.86 24.35
C MET C 397 -34.93 10.45 23.96
N SER C 398 -34.06 9.97 24.87
CA SER C 398 -32.71 9.49 24.50
C SER C 398 -32.86 8.32 23.56
N PRO C 399 -32.11 8.27 22.42
CA PRO C 399 -32.05 7.06 21.62
C PRO C 399 -31.55 5.88 22.44
N ALA C 400 -30.82 6.14 23.54
CA ALA C 400 -30.30 5.10 24.46
C ALA C 400 -31.13 5.07 25.75
N TYR C 401 -32.41 5.47 25.68
CA TYR C 401 -33.35 5.38 26.83
C TYR C 401 -33.36 3.94 27.35
N SER C 402 -33.25 3.75 28.65
CA SER C 402 -33.43 2.43 29.32
C SER C 402 -33.91 2.70 30.73
N PRO C 403 -34.85 1.92 31.27
CA PRO C 403 -35.13 2.00 32.70
C PRO C 403 -33.93 1.53 33.53
N SER C 404 -32.98 0.80 32.92
CA SER C 404 -31.83 0.19 33.65
C SER C 404 -30.58 1.07 33.54
N PRO C 405 -30.02 1.59 34.66
CA PRO C 405 -28.80 2.38 34.64
C PRO C 405 -27.58 1.63 34.05
N ASP C 406 -27.53 0.30 34.18
CA ASP C 406 -26.37 -0.52 33.71
C ASP C 406 -26.65 -1.22 32.37
N SER C 407 -27.68 -0.80 31.65
CA SER C 407 -27.83 -1.11 30.20
C SER C 407 -26.63 -0.56 29.43
N VAL C 408 -26.29 -1.22 28.33
CA VAL C 408 -25.22 -0.80 27.39
C VAL C 408 -25.89 -0.65 26.03
N PHE C 409 -25.61 0.48 25.37
CA PHE C 409 -26.06 0.74 23.99
C PHE C 409 -24.83 0.85 23.11
N SER C 410 -24.93 0.25 21.95
CA SER C 410 -23.96 0.45 20.86
C SER C 410 -24.49 1.56 19.95
N TRP C 411 -23.59 2.45 19.56
CA TRP C 411 -23.88 3.51 18.55
C TRP C 411 -23.04 3.26 17.30
N VAL C 412 -23.68 3.20 16.16
CA VAL C 412 -22.98 2.97 14.88
C VAL C 412 -23.30 4.11 13.94
N GLY C 413 -22.25 4.79 13.51
CA GLY C 413 -22.30 5.89 12.52
C GLY C 413 -21.74 5.45 11.17
N ILE C 414 -22.53 5.68 10.12
CA ILE C 414 -22.12 5.54 8.70
C ILE C 414 -21.95 6.95 8.13
N ILE C 415 -21.15 7.05 7.07
CA ILE C 415 -20.66 8.35 6.55
C ILE C 415 -20.47 8.22 5.04
N MET C 416 -20.76 9.31 4.34
CA MET C 416 -20.20 9.59 3.00
C MET C 416 -19.71 11.02 3.05
N TYR C 417 -18.54 11.26 2.47
CA TYR C 417 -17.91 12.60 2.46
C TYR C 417 -18.51 13.38 1.28
N LEU C 418 -18.52 14.70 1.44
CA LEU C 418 -18.86 15.68 0.39
C LEU C 418 -17.55 16.42 0.11
N PRO C 419 -16.64 15.84 -0.71
CA PRO C 419 -15.26 16.34 -0.77
C PRO C 419 -15.11 17.68 -1.50
N THR C 420 -16.11 18.11 -2.28
CA THR C 420 -16.04 19.37 -3.07
C THR C 420 -17.35 20.16 -2.93
N GLU C 421 -17.32 21.38 -3.44
CA GLU C 421 -18.47 22.31 -3.57
C GLU C 421 -19.20 22.04 -4.90
N ASP C 422 -18.76 21.09 -5.72
CA ASP C 422 -19.42 20.79 -7.01
C ASP C 422 -20.85 20.34 -6.73
N GLU C 423 -21.82 21.12 -7.21
CA GLU C 423 -23.27 20.96 -6.88
C GLU C 423 -23.75 19.59 -7.38
N GLU C 424 -23.37 19.19 -8.58
CA GLU C 424 -23.84 17.92 -9.19
C GLU C 424 -23.26 16.72 -8.41
N GLN C 425 -22.00 16.80 -7.98
CA GLN C 425 -21.36 15.69 -7.23
C GLN C 425 -22.03 15.61 -5.84
N ARG C 426 -22.24 16.73 -5.16
CA ARG C 426 -22.96 16.79 -3.86
C ARG C 426 -24.34 16.15 -3.99
N LYS C 427 -25.07 16.51 -5.04
CA LYS C 427 -26.41 15.94 -5.32
C LYS C 427 -26.27 14.42 -5.45
N ALA C 428 -25.31 13.92 -6.24
CA ALA C 428 -25.13 12.47 -6.47
C ALA C 428 -24.81 11.76 -5.15
N ILE C 429 -23.92 12.34 -4.34
CA ILE C 429 -23.50 11.72 -3.04
C ILE C 429 -24.68 11.76 -2.06
N THR C 430 -25.42 12.87 -2.01
CA THR C 430 -26.64 13.00 -1.16
C THR C 430 -27.60 11.83 -1.47
N GLU C 431 -27.84 11.55 -2.74
CA GLU C 431 -28.79 10.46 -3.14
C GLU C 431 -28.18 9.12 -2.77
N ALA C 432 -26.87 8.93 -2.97
CA ALA C 432 -26.19 7.66 -2.65
C ALA C 432 -26.29 7.44 -1.14
N PHE C 433 -26.10 8.48 -0.35
CA PHE C 433 -26.16 8.39 1.13
C PHE C 433 -27.59 8.03 1.55
N ARG C 434 -28.59 8.66 0.94
CA ARG C 434 -30.02 8.33 1.24
C ARG C 434 -30.25 6.83 1.03
N GLN C 435 -29.73 6.26 -0.04
CA GLN C 435 -29.91 4.81 -0.38
C GLN C 435 -29.14 3.95 0.62
N TYR C 436 -27.92 4.36 0.98
CA TYR C 436 -27.05 3.68 1.96
C TYR C 436 -27.82 3.63 3.29
N ARG C 437 -28.29 4.78 3.77
CA ARG C 437 -29.01 4.86 5.07
C ARG C 437 -30.29 4.02 4.98
N LYS C 438 -31.03 4.13 3.88
CA LYS C 438 -32.33 3.44 3.66
C LYS C 438 -32.15 1.92 3.77
N LEU C 439 -31.09 1.37 3.19
CA LEU C 439 -30.76 -0.08 3.28
C LEU C 439 -30.51 -0.49 4.73
N CYS C 440 -29.78 0.32 5.51
CA CYS C 440 -29.57 0.04 6.95
C CYS C 440 -30.93 0.08 7.66
N GLU C 441 -31.75 1.08 7.36
CA GLU C 441 -33.06 1.30 8.01
C GLU C 441 -33.95 0.07 7.76
N THR C 442 -34.06 -0.38 6.51
CA THR C 442 -35.01 -1.46 6.11
C THR C 442 -34.46 -2.82 6.55
N ARG C 443 -33.15 -3.05 6.50
CA ARG C 443 -32.55 -4.38 6.78
C ARG C 443 -32.20 -4.55 8.26
N LEU C 444 -31.75 -3.49 8.95
CA LEU C 444 -31.13 -3.69 10.29
C LEU C 444 -31.93 -3.01 11.41
N TRP C 445 -32.43 -1.80 11.24
CA TRP C 445 -32.77 -0.95 12.42
C TRP C 445 -33.92 -1.57 13.23
N ASP C 446 -34.99 -2.04 12.59
CA ASP C 446 -36.15 -2.71 13.24
C ASP C 446 -35.63 -3.93 14.00
N LYS C 447 -34.86 -4.78 13.33
CA LYS C 447 -34.32 -6.04 13.90
C LYS C 447 -33.55 -5.73 15.19
N TYR C 448 -32.76 -4.66 15.23
CA TYR C 448 -31.86 -4.36 16.38
C TYR C 448 -32.51 -3.37 17.35
N GLY C 449 -33.68 -2.82 17.01
CA GLY C 449 -34.34 -1.79 17.84
C GLY C 449 -33.51 -0.51 17.89
N ALA C 450 -32.96 -0.13 16.74
CA ALA C 450 -32.01 0.97 16.57
C ALA C 450 -32.78 2.29 16.45
N ALA C 451 -32.34 3.30 17.17
CA ALA C 451 -32.97 4.64 17.18
C ALA C 451 -31.98 5.69 16.67
N GLU C 452 -32.43 6.53 15.74
CA GLU C 452 -31.56 7.54 15.09
C GLU C 452 -31.24 8.69 16.05
N HIS C 453 -29.98 9.13 16.03
CA HIS C 453 -29.50 10.37 16.69
C HIS C 453 -30.41 11.54 16.25
N TRP C 454 -30.95 12.29 17.21
CA TRP C 454 -31.86 13.43 16.96
C TRP C 454 -31.22 14.55 16.15
N ALA C 455 -29.88 14.69 16.16
CA ALA C 455 -29.17 15.72 15.37
C ALA C 455 -28.88 15.19 13.97
N LYS C 456 -29.19 13.92 13.64
CA LYS C 456 -28.75 13.32 12.35
C LYS C 456 -29.94 12.80 11.56
N ILE C 457 -31.08 12.61 12.21
CA ILE C 457 -32.33 12.09 11.57
C ILE C 457 -32.82 13.10 10.53
N GLU C 458 -33.15 12.63 9.33
CA GLU C 458 -33.70 13.46 8.24
C GLU C 458 -35.20 13.14 8.10
N VAL C 459 -36.02 14.14 7.89
CA VAL C 459 -37.49 13.96 7.72
C VAL C 459 -37.73 13.66 6.25
N PRO C 460 -38.34 12.51 5.90
CA PRO C 460 -38.73 12.27 4.51
C PRO C 460 -39.84 13.23 4.06
N GLU C 461 -39.83 13.61 2.78
CA GLU C 461 -40.87 14.46 2.14
C GLU C 461 -42.04 13.57 1.68
N ASP C 462 -41.74 12.37 1.19
CA ASP C 462 -42.75 11.39 0.70
C ASP C 462 -43.67 10.99 1.85
N PRO C 463 -45.01 11.20 1.74
CA PRO C 463 -45.92 10.96 2.85
C PRO C 463 -45.93 9.52 3.38
N GLU C 464 -45.65 8.52 2.53
CA GLU C 464 -45.63 7.09 2.94
C GLU C 464 -44.36 6.84 3.76
N GLU C 465 -43.23 7.36 3.29
CA GLU C 465 -41.94 7.27 4.05
C GLU C 465 -42.10 7.98 5.40
N LEU C 466 -42.76 9.14 5.44
CA LEU C 466 -43.00 9.89 6.70
C LEU C 466 -43.85 9.05 7.64
N GLU C 467 -44.92 8.42 7.14
CA GLU C 467 -45.85 7.60 7.95
C GLU C 467 -45.06 6.44 8.54
N ALA C 468 -44.23 5.78 7.73
CA ALA C 468 -43.37 4.65 8.17
C ALA C 468 -42.40 5.12 9.27
N LEU C 469 -41.80 6.31 9.09
CA LEU C 469 -40.86 6.85 10.12
C LEU C 469 -41.63 7.14 11.41
N ARG C 470 -42.81 7.77 11.32
CA ARG C 470 -43.61 8.17 12.51
C ARG C 470 -43.92 6.94 13.35
N GLU C 471 -44.22 5.82 12.70
CA GLU C 471 -44.56 4.55 13.37
C GLU C 471 -43.29 3.94 14.00
N ARG C 472 -42.17 3.96 13.28
CA ARG C 472 -40.86 3.54 13.87
C ARG C 472 -40.59 4.35 15.15
N LEU C 473 -40.80 5.67 15.14
CA LEU C 473 -40.54 6.51 16.34
C LEU C 473 -41.45 6.07 17.49
N ARG C 474 -42.71 5.73 17.21
CA ARG C 474 -43.66 5.30 18.28
C ARG C 474 -43.12 4.00 18.89
N LYS C 475 -42.54 3.11 18.09
CA LYS C 475 -41.97 1.83 18.61
C LYS C 475 -40.66 2.11 19.37
N ARG C 476 -39.82 3.03 18.88
CA ARG C 476 -38.48 3.28 19.49
C ARG C 476 -38.62 4.12 20.76
N TYR C 477 -39.68 4.91 20.88
CA TYR C 477 -39.86 5.86 21.99
C TYR C 477 -41.24 5.71 22.62
N PRO C 478 -41.40 4.83 23.63
CA PRO C 478 -42.70 4.71 24.29
C PRO C 478 -43.16 6.03 24.93
N GLY C 479 -42.25 6.99 25.16
CA GLY C 479 -42.55 8.29 25.81
C GLY C 479 -42.98 9.40 24.85
N VAL C 480 -43.18 9.07 23.57
CA VAL C 480 -43.60 10.03 22.50
C VAL C 480 -44.84 10.80 22.97
N ASP C 481 -45.88 10.11 23.44
CA ASP C 481 -47.18 10.75 23.77
C ASP C 481 -46.98 11.69 24.96
N LYS C 482 -46.18 11.31 25.96
CA LYS C 482 -45.87 12.20 27.10
C LYS C 482 -45.06 13.43 26.62
N PHE C 483 -44.18 13.26 25.62
CA PHE C 483 -43.40 14.38 25.04
C PHE C 483 -44.41 15.37 24.45
N ASN C 484 -45.32 14.87 23.61
CA ASN C 484 -46.33 15.74 22.97
C ASN C 484 -47.24 16.37 24.04
N LYS C 485 -47.60 15.62 25.08
CA LYS C 485 -48.43 16.15 26.18
C LYS C 485 -47.68 17.35 26.81
N ALA C 486 -46.38 17.19 27.10
CA ALA C 486 -45.56 18.27 27.68
C ALA C 486 -45.49 19.45 26.68
N ARG C 487 -45.40 19.17 25.38
CA ARG C 487 -45.40 20.27 24.38
C ARG C 487 -46.73 21.04 24.46
N ARG C 488 -47.86 20.33 24.54
CA ARG C 488 -49.21 20.97 24.64
C ARG C 488 -49.28 21.80 25.92
N GLU C 489 -48.66 21.33 27.01
CA GLU C 489 -48.67 22.01 28.33
C GLU C 489 -47.76 23.24 28.31
N LEU C 490 -46.52 23.13 27.78
CA LEU C 490 -45.50 24.20 27.94
C LEU C 490 -45.49 25.14 26.74
N ASP C 491 -45.91 24.65 25.57
CA ASP C 491 -45.86 25.44 24.32
C ASP C 491 -47.18 25.24 23.56
N PRO C 492 -48.33 25.64 24.14
CA PRO C 492 -49.63 25.37 23.55
C PRO C 492 -49.82 25.99 22.16
N LYS C 493 -49.20 27.13 21.88
CA LYS C 493 -49.30 27.79 20.55
C LYS C 493 -48.18 27.26 19.63
N ASN C 494 -47.34 26.34 20.11
CA ASN C 494 -46.35 25.65 19.26
C ASN C 494 -45.33 26.64 18.67
N ILE C 495 -44.86 27.61 19.47
CA ILE C 495 -43.91 28.64 18.96
C ILE C 495 -42.47 28.09 18.96
N LEU C 496 -42.17 27.01 19.66
CA LEU C 496 -40.78 26.53 19.80
C LEU C 496 -40.47 25.49 18.72
N SER C 497 -41.49 25.03 17.98
CA SER C 497 -41.34 23.88 17.06
C SER C 497 -41.24 24.38 15.61
N ASN C 498 -40.45 23.69 14.80
CA ASN C 498 -40.29 23.93 13.35
C ASN C 498 -40.97 22.77 12.61
N ASP C 499 -40.91 22.77 11.28
CA ASP C 499 -41.55 21.74 10.41
C ASP C 499 -41.05 20.35 10.79
N MET C 500 -39.76 20.22 11.11
CA MET C 500 -39.15 18.92 11.43
C MET C 500 -39.85 18.36 12.67
N ILE C 501 -39.96 19.15 13.74
CA ILE C 501 -40.62 18.68 15.00
C ILE C 501 -42.09 18.31 14.67
N ASP C 502 -42.82 19.17 13.95
CA ASP C 502 -44.24 18.92 13.59
C ASP C 502 -44.35 17.63 12.74
N SER C 503 -43.43 17.39 11.83
CA SER C 503 -43.47 16.20 10.93
C SER C 503 -43.19 14.92 11.74
N LEU C 504 -42.22 14.94 12.64
CA LEU C 504 -41.85 13.75 13.44
C LEU C 504 -42.91 13.47 14.51
N PHE C 505 -43.49 14.52 15.10
CA PHE C 505 -44.40 14.40 16.26
C PHE C 505 -45.71 15.14 15.97
N PRO C 506 -46.55 14.62 15.04
CA PRO C 506 -47.79 15.31 14.67
C PRO C 506 -48.81 15.28 15.83
PA FAD D . 18.92 0.78 11.71
O1A FAD D . 19.10 0.46 13.17
O2A FAD D . 18.05 1.94 11.37
O5B FAD D . 20.32 0.98 10.98
C5B FAD D . 21.39 0.00 11.19
C4B FAD D . 22.60 0.40 10.39
O4B FAD D . 22.24 0.51 8.98
C3B FAD D . 23.18 1.78 10.76
O3B FAD D . 24.58 1.77 10.69
C2B FAD D . 22.62 2.73 9.69
O2B FAD D . 23.42 3.87 9.57
C1B FAD D . 22.63 1.79 8.49
N9A FAD D . 21.70 2.12 7.43
C8A FAD D . 20.34 1.94 7.40
N7A FAD D . 19.80 2.25 6.24
C5A FAD D . 20.89 2.59 5.43
C6A FAD D . 21.01 2.98 4.10
N6A FAD D . 19.98 3.10 3.24
N1A FAD D . 22.26 3.22 3.63
C2A FAD D . 23.30 3.07 4.46
N3A FAD D . 23.30 2.73 5.74
C4A FAD D . 22.06 2.51 6.18
N1 FAD D . 20.10 -9.17 14.10
C2 FAD D . 20.53 -10.39 13.69
O2 FAD D . 21.57 -10.52 13.09
N3 FAD D . 19.76 -11.53 13.90
C4 FAD D . 18.58 -11.47 14.58
O4 FAD D . 17.94 -12.49 14.72
C4X FAD D . 18.12 -10.20 15.08
N5 FAD D . 17.00 -10.14 15.81
C5X FAD D . 16.63 -8.89 16.27
C6 FAD D . 15.47 -8.78 17.07
C7 FAD D . 15.05 -7.57 17.57
C7M FAD D . 13.82 -7.51 18.44
C8 FAD D . 15.79 -6.39 17.27
C8M FAD D . 15.34 -5.04 17.78
C9 FAD D . 16.92 -6.48 16.48
C9A FAD D . 17.37 -7.73 15.98
N10 FAD D . 18.54 -7.85 15.22
C10 FAD D . 18.97 -9.08 14.78
C1' FAD D . 19.31 -6.64 14.87
C2' FAD D . 18.78 -5.99 13.59
O2' FAD D . 18.88 -6.93 12.52
C3' FAD D . 19.64 -4.77 13.29
O3' FAD D . 19.56 -3.90 14.40
C4' FAD D . 19.26 -4.01 12.00
O4' FAD D . 20.31 -3.12 11.62
C5' FAD D . 17.96 -3.26 12.14
O5' FAD D . 17.53 -2.78 10.83
P FAD D . 17.02 -1.26 10.82
O1P FAD D . 16.34 -1.04 9.50
O2P FAD D . 16.28 -0.91 12.06
O3P FAD D . 18.43 -0.51 10.91
C1 GOL E . 18.36 -11.74 18.49
O1 GOL E . 19.36 -11.29 17.57
C2 GOL E . 17.77 -10.60 19.29
O2 GOL E . 17.54 -11.02 20.63
C3 GOL E . 18.65 -9.36 19.27
O3 GOL E . 17.93 -8.17 19.58
C1 GOL F . 9.49 -23.37 18.98
O1 GOL F . 8.33 -22.64 19.40
C2 GOL F . 10.57 -22.45 18.46
O2 GOL F . 10.06 -21.62 17.41
C3 GOL F . 11.20 -21.61 19.55
O3 GOL F . 10.98 -20.22 19.37
C1 GOL G . 21.70 -30.23 4.00
O1 GOL G . 22.11 -31.43 4.65
C2 GOL G . 20.91 -29.31 4.93
O2 GOL G . 21.38 -29.48 6.27
C3 GOL G . 20.99 -27.83 4.60
O3 GOL G . 21.60 -27.54 3.35
PA FAD H . 3.57 -14.49 -30.71
O1A FAD H . 4.44 -13.43 -30.12
O2A FAD H . 4.16 -15.86 -30.84
O5B FAD H . 2.22 -14.62 -29.87
C5B FAD H . 1.37 -13.47 -29.71
C4B FAD H . 0.10 -13.89 -29.03
O4B FAD H . -0.64 -14.78 -29.90
C3B FAD H . 0.24 -14.65 -27.71
O3B FAD H . -0.78 -14.26 -26.83
C2B FAD H . 0.06 -16.12 -28.10
O2B FAD H . -0.37 -16.90 -27.02
C1B FAD H . -0.99 -15.95 -29.19
N9A FAD H . -1.04 -16.96 -30.21
C8A FAD H . -0.17 -17.15 -31.25
N7A FAD H . -0.57 -18.10 -32.09
C5A FAD H . -1.79 -18.50 -31.59
C6A FAD H . -2.74 -19.46 -32.02
N6A FAD H . -2.61 -20.22 -33.10
N1A FAD H . -3.86 -19.58 -31.29
C2A FAD H . -4.01 -18.83 -30.17
N3A FAD H . -3.19 -17.92 -29.66
C4A FAD H . -2.09 -17.80 -30.43
N1 FAD H . 2.49 -4.85 -33.94
C2 FAD H . 1.66 -3.90 -34.45
O2 FAD H . 0.48 -3.81 -34.10
N3 FAD H . 2.10 -3.07 -35.46
C4 FAD H . 3.38 -3.07 -35.91
O4 FAD H . 3.70 -2.30 -36.81
C4X FAD H . 4.30 -3.99 -35.34
N5 FAD H . 5.56 -3.98 -35.71
C5X FAD H . 6.42 -4.87 -35.08
C6 FAD H . 7.79 -4.86 -35.42
C7 FAD H . 8.69 -5.69 -34.82
C7M FAD H . 10.16 -5.66 -35.22
C8 FAD H . 8.22 -6.68 -33.89
C8M FAD H . 9.18 -7.64 -33.23
C9 FAD H . 6.89 -6.69 -33.53
C9A FAD H . 5.97 -5.79 -34.11
N10 FAD H . 4.63 -5.76 -33.75
C10 FAD H . 3.75 -4.86 -34.32
C1' FAD H . 4.08 -6.71 -32.78
C2' FAD H . 3.59 -7.96 -33.49
O2' FAD H . 2.55 -7.66 -34.46
C3' FAD H . 3.06 -8.92 -32.44
O3' FAD H . 4.05 -9.12 -31.45
C4' FAD H . 2.61 -10.31 -32.91
O4' FAD H . 1.88 -10.89 -31.82
C5' FAD H . 3.80 -11.18 -33.26
O5' FAD H . 3.34 -12.35 -33.97
P FAD H . 3.87 -13.78 -33.48
O1P FAD H . 3.37 -14.79 -34.46
O2P FAD H . 5.33 -13.63 -33.14
O3P FAD H . 3.01 -13.95 -32.12
C1 GOL I . 29.82 10.95 -26.48
O1 GOL I . 29.13 11.50 -25.36
C2 GOL I . 30.48 12.03 -27.34
O2 GOL I . 31.45 12.73 -26.56
C3 GOL I . 31.16 11.48 -28.56
O3 GOL I . 31.72 12.52 -29.36
C1 PEG J . -14.77 4.32 -43.28
O1 PEG J . -14.49 5.45 -44.14
C2 PEG J . -13.65 4.06 -42.31
O2 PEG J . -14.06 3.37 -41.12
C3 PEG J . -13.93 4.07 -39.89
C4 PEG J . -12.66 4.90 -39.77
O4 PEG J . -12.51 5.52 -38.51
C1 GOL K . 7.05 -2.02 -32.99
O1 GOL K . 8.41 -1.85 -33.35
C2 GOL K . 6.17 -1.05 -33.77
O2 GOL K . 4.81 -1.44 -33.67
C3 GOL K . 6.56 -0.88 -35.21
O3 GOL K . 7.77 -0.13 -35.34
C1 GOL L . -9.01 1.49 -23.71
O1 GOL L . -9.44 2.84 -23.73
C2 GOL L . -9.43 0.75 -24.96
O2 GOL L . -9.49 -0.69 -24.82
C3 GOL L . -10.76 1.25 -25.48
O3 GOL L . -10.54 1.93 -26.69
C1 GOL M . -6.88 0.27 -52.99
O1 GOL M . -7.63 0.11 -54.20
C2 GOL M . -7.74 0.23 -51.73
O2 GOL M . -8.58 1.38 -51.65
C3 GOL M . -8.56 -1.03 -51.58
O3 GOL M . -8.03 -2.08 -52.38
C1 GOL N . -8.04 13.63 -23.35
O1 GOL N . -8.27 13.38 -24.74
C2 GOL N . -7.38 14.97 -23.11
O2 GOL N . -8.11 15.97 -23.83
C3 GOL N . -7.27 15.36 -21.66
O3 GOL N . -8.49 15.90 -21.16
PA FAD O . -27.95 23.17 17.51
O1A FAD O . -27.73 22.38 16.25
O2A FAD O . -27.93 24.67 17.41
O5B FAD O . -29.30 22.73 18.27
C5B FAD O . -29.65 21.35 18.55
C4B FAD O . -30.93 21.30 19.33
O4B FAD O . -30.81 22.02 20.58
C3B FAD O . -32.15 21.91 18.64
O3B FAD O . -33.28 21.07 18.81
C2B FAD O . -32.29 23.28 19.30
O2B FAD O . -33.60 23.77 19.13
C1B FAD O . -31.87 22.93 20.71
N9A FAD O . -31.37 24.04 21.50
C8A FAD O . -30.14 24.65 21.38
N7A FAD O . -29.93 25.54 22.32
C5A FAD O . -31.06 25.49 23.12
C6A FAD O . -31.43 26.16 24.30
N6A FAD O . -30.67 27.06 24.93
N1A FAD O . -32.63 25.84 24.84
C2A FAD O . -33.37 24.88 24.25
N3A FAD O . -33.13 24.21 23.13
C4A FAD O . -31.94 24.54 22.63
N1 FAD O . -23.09 14.14 18.51
C2 FAD O . -22.81 13.11 19.29
O2 FAD O . -23.68 12.64 20.03
N3 FAD O . -21.53 12.59 19.36
C4 FAD O . -20.52 13.04 18.55
O4 FAD O . -19.39 12.56 18.68
C4X FAD O . -20.81 14.11 17.66
N5 FAD O . -19.89 14.56 16.83
C5X FAD O . -20.25 15.56 15.95
C6 FAD O . -19.29 16.03 15.03
C7 FAD O . -19.59 17.01 14.11
C7M FAD O . -18.54 17.47 13.13
C8 FAD O . -20.87 17.61 14.14
C8M FAD O . -21.26 18.69 13.16
C9 FAD O . -21.81 17.17 15.06
C9A FAD O . -21.53 16.14 15.95
N10 FAD O . -22.48 15.65 16.85
C10 FAD O . -22.16 14.61 17.71
C1' FAD O . -23.83 16.20 16.90
C2' FAD O . -23.86 17.41 17.83
O2' FAD O . -23.47 17.02 19.14
C3' FAD O . -25.25 17.99 17.84
O3' FAD O . -25.61 18.33 16.50
C4' FAD O . -25.43 19.18 18.78
O4' FAD O . -26.83 19.37 18.98
C5' FAD O . -24.79 20.45 18.24
O5' FAD O . -24.88 21.52 19.25
P FAD O . -25.28 22.99 18.75
O1P FAD O . -24.97 23.93 19.85
O2P FAD O . -24.80 23.23 17.34
O3P FAD O . -26.86 22.79 18.62
C1 GOL P . -20.71 12.33 14.51
O1 GOL P . -20.95 11.69 15.76
C2 GOL P . -19.34 11.98 13.95
O2 GOL P . -19.21 10.56 13.85
C3 GOL P . -19.08 12.63 12.62
O3 GOL P . -17.93 12.10 11.96
C1 GOL Q . -42.26 23.14 38.10
O1 GOL Q . -40.93 22.92 38.57
C2 GOL Q . -42.58 22.31 36.87
O2 GOL Q . -42.93 20.99 37.27
C3 GOL Q . -43.66 22.89 35.97
O3 GOL Q . -44.81 23.30 36.68
C1 GOL R . -13.07 10.44 36.47
O1 GOL R . -14.24 9.88 37.05
C2 GOL R . -11.89 9.51 36.70
O2 GOL R . -11.80 8.60 35.61
C3 GOL R . -10.59 10.27 36.86
O3 GOL R . -9.47 9.38 36.87
#